data_5Z1B
#
_entry.id   5Z1B
#
_cell.length_a   91.340
_cell.length_b   104.165
_cell.length_c   160.673
_cell.angle_alpha   90.000
_cell.angle_beta   90.400
_cell.angle_gamma   90.000
#
_symmetry.space_group_name_H-M   'P 1 21 1'
#
loop_
_entity.id
_entity.type
_entity.pdbx_description
1 polymer 'Glycosyl hydrolase family 2, TIM barrel domain protein'
2 non-polymer 'beta-D-glucopyranuronic acid'
3 non-polymer 3-HYDROXY-2H-CHROMEN-2-ONE
4 water water
#
_entity_poly.entity_id   1
_entity_poly.type   'polypeptide(L)'
_entity_poly.pdbx_seq_one_letter_code
;MHHHHHHSSGVDLGTENLYFQSNGMLYPQSNDSRIVFPLDGVWDFRTAGEDSYPAEWADAPLPEPLPMAVPGSYNDQNDE
LNLRAHYGWVVYQRSFAVPSRLVAGQRMILRFDAATHAADVYLNGQLLGSHFGGFLPFEFDVTSALHAGENLLTVAVDNR
IGSSTLPVGNDAGTAFMGSDNANVPAVAEAKKHARRQNLPNFDFFNFAGLNRHVELYTTPADAYIADIAITTERLDHIAG
DACTAANALIAYDVTFGGDFPSNPTDPNTLIQPSDPAINHADPSESSESDIQRTATYGRQVRISILDGEGTVVAGVTADI
ERSGDGTAKASGEIAIRDAKLWNPGAAYLYTAVAELLPEGGAESSSRIIDAYRQTFGIRTVEVSGTTFLINGKPFYFKGF
GKHEDSYFHGRGTDDVLNVKDVSLIHWLHANSFRTSHYPYAESMYDLCDREGIVIIDEVPAVGMSWLQYANPLVAERHRE
AIRGMIARDKNHPCIVMWSIANAPGLDGDGERPRQAYDYFRPLYELAHASDPQNRPVTLVCCQNDYTTDITERTMDVVCI
NRYYGWYNLSGDLDAACHALNIELDFWENIGKPVMFTEYGADTIEGIHGTHGEMFSEEFQRDYYARINAEIDKRPWFIGE
QLWNFADFATFQGIIRVEGNRKGILTRDRQPKMAAHWLRERWAGIPDYGYKG
;
_entity_poly.pdbx_strand_id   A,B,C,D
#
# COMPACT_ATOMS: atom_id res chain seq x y z
N ASN A 23 9.16 48.40 -12.98
CA ASN A 23 9.72 47.17 -12.45
C ASN A 23 9.01 46.64 -11.15
N GLY A 24 8.29 47.52 -10.47
CA GLY A 24 7.51 47.08 -9.32
C GLY A 24 6.36 46.17 -9.69
N MET A 25 6.11 45.18 -8.83
CA MET A 25 4.99 44.27 -8.97
C MET A 25 4.37 44.04 -7.61
N LEU A 26 4.03 45.12 -6.91
CA LEU A 26 3.42 45.02 -5.57
C LEU A 26 2.14 44.17 -5.66
N TYR A 27 1.92 43.27 -4.69
CA TYR A 27 0.70 42.47 -4.74
C TYR A 27 -0.51 43.39 -4.58
N PRO A 28 -1.54 43.19 -5.41
CA PRO A 28 -2.72 44.08 -5.36
C PRO A 28 -3.34 44.17 -3.95
N GLN A 29 -3.64 45.41 -3.55
CA GLN A 29 -4.25 45.67 -2.25
C GLN A 29 -5.55 46.43 -2.42
N SER A 30 -6.46 46.22 -1.47
CA SER A 30 -7.70 47.02 -1.38
C SER A 30 -7.62 47.95 -0.20
N ASN A 31 -7.95 49.23 -0.45
CA ASN A 31 -7.96 50.23 0.63
C ASN A 31 -8.85 51.39 0.20
N ASP A 32 -8.76 52.55 0.84
CA ASP A 32 -9.69 53.62 0.48
C ASP A 32 -9.44 54.13 -0.94
N SER A 33 -8.25 53.88 -1.51
CA SER A 33 -7.96 54.41 -2.85
C SER A 33 -7.80 53.33 -3.93
N ARG A 34 -7.95 52.06 -3.56
CA ARG A 34 -7.65 50.92 -4.44
C ARG A 34 -8.60 49.78 -4.18
N ILE A 35 -8.97 49.06 -5.22
CA ILE A 35 -9.73 47.85 -5.01
C ILE A 35 -9.26 46.73 -5.92
N VAL A 36 -9.44 45.51 -5.44
CA VAL A 36 -9.06 44.31 -6.17
C VAL A 36 -10.30 43.50 -6.47
N PHE A 37 -10.43 43.03 -7.71
CA PHE A 37 -11.54 42.22 -8.14
C PHE A 37 -10.97 40.90 -8.68
N PRO A 38 -10.95 39.85 -7.85
CA PRO A 38 -10.48 38.53 -8.31
C PRO A 38 -11.25 38.03 -9.51
N LEU A 39 -10.54 37.34 -10.40
CA LEU A 39 -11.17 36.74 -11.57
C LEU A 39 -11.03 35.22 -11.56
N ASP A 40 -10.71 34.68 -10.40
CA ASP A 40 -10.64 33.24 -10.22
C ASP A 40 -12.01 32.60 -10.31
N GLY A 41 -12.06 31.30 -10.51
CA GLY A 41 -13.33 30.60 -10.61
C GLY A 41 -13.28 29.54 -11.67
N VAL A 42 -14.45 29.14 -12.17
CA VAL A 42 -14.47 28.14 -13.24
C VAL A 42 -14.55 28.85 -14.57
N TRP A 43 -13.47 28.75 -15.36
CA TRP A 43 -13.39 29.38 -16.68
C TRP A 43 -13.82 28.39 -17.77
N ASP A 44 -13.94 28.91 -19.00
CA ASP A 44 -14.06 28.09 -20.20
C ASP A 44 -12.67 27.73 -20.70
N PHE A 45 -12.55 26.59 -21.40
CA PHE A 45 -11.24 26.07 -21.79
C PHE A 45 -11.33 25.21 -23.03
N ARG A 46 -10.35 25.35 -23.91
CA ARG A 46 -10.18 24.42 -25.04
C ARG A 46 -8.72 24.08 -25.20
N THR A 47 -8.42 22.83 -25.55
CA THR A 47 -7.05 22.53 -26.01
C THR A 47 -6.89 23.09 -27.44
N ALA A 48 -5.66 23.43 -27.80
CA ALA A 48 -5.39 23.92 -29.15
C ALA A 48 -4.20 23.16 -29.74
N GLY A 49 -3.50 23.77 -30.71
CA GLY A 49 -2.55 23.01 -31.48
C GLY A 49 -1.16 22.89 -30.91
N GLU A 50 -0.36 22.06 -31.56
CA GLU A 50 1.02 21.86 -31.14
C GLU A 50 1.85 23.10 -31.31
N ASP A 51 1.51 23.95 -32.31
CA ASP A 51 2.36 25.09 -32.65
C ASP A 51 1.63 26.41 -32.70
N SER A 52 0.31 26.40 -32.52
CA SER A 52 -0.46 27.63 -32.65
C SER A 52 -1.86 27.42 -32.12
N TYR A 53 -2.67 28.48 -32.10
CA TYR A 53 -4.08 28.36 -31.70
C TYR A 53 -4.94 29.29 -32.56
N PRO A 54 -6.26 29.04 -32.62
CA PRO A 54 -7.13 29.84 -33.49
C PRO A 54 -7.32 31.27 -33.03
N ALA A 55 -7.00 32.21 -33.92
CA ALA A 55 -7.11 33.63 -33.57
C ALA A 55 -8.55 34.00 -33.19
N GLU A 56 -9.52 33.37 -33.86
CA GLU A 56 -10.90 33.73 -33.64
C GLU A 56 -11.39 33.36 -32.24
N TRP A 57 -10.67 32.47 -31.54
CA TRP A 57 -11.05 32.15 -30.17
C TRP A 57 -10.89 33.34 -29.20
N ALA A 58 -10.09 34.33 -29.58
CA ALA A 58 -9.94 35.54 -28.75
C ALA A 58 -11.03 36.57 -29.02
N ASP A 59 -11.78 36.38 -30.11
CA ASP A 59 -12.69 37.42 -30.57
C ASP A 59 -14.15 37.15 -30.34
N ALA A 60 -14.45 35.94 -29.87
CA ALA A 60 -15.81 35.48 -29.65
C ALA A 60 -15.75 34.37 -28.63
N PRO A 61 -16.88 34.03 -28.02
CA PRO A 61 -16.85 32.93 -27.06
C PRO A 61 -16.28 31.62 -27.62
N LEU A 62 -15.50 30.93 -26.79
CA LEU A 62 -14.96 29.63 -27.20
C LEU A 62 -16.06 28.70 -27.57
N PRO A 63 -15.92 27.98 -28.69
CA PRO A 63 -16.92 26.97 -29.02
C PRO A 63 -16.75 25.74 -28.15
N GLU A 64 -17.88 25.15 -27.78
CA GLU A 64 -17.92 23.91 -27.02
C GLU A 64 -16.86 23.83 -25.90
N PRO A 65 -16.88 24.81 -25.01
CA PRO A 65 -15.82 24.86 -24.00
C PRO A 65 -15.94 23.75 -22.94
N LEU A 66 -14.79 23.40 -22.36
CA LEU A 66 -14.68 22.58 -21.17
C LEU A 66 -14.60 23.50 -19.96
N PRO A 67 -15.01 23.01 -18.78
CA PRO A 67 -14.75 23.80 -17.57
C PRO A 67 -13.30 23.63 -17.12
N MET A 68 -12.77 24.68 -16.50
CA MET A 68 -11.40 24.61 -15.99
C MET A 68 -11.29 25.59 -14.83
N ALA A 69 -10.94 25.08 -13.65
CA ALA A 69 -10.83 25.97 -12.48
C ALA A 69 -9.51 26.73 -12.53
N VAL A 70 -9.58 27.99 -12.15
CA VAL A 70 -8.45 28.90 -12.05
C VAL A 70 -8.45 29.48 -10.63
N PRO A 71 -7.32 29.44 -9.91
CA PRO A 71 -6.03 28.89 -10.35
C PRO A 71 -5.94 27.39 -10.24
N GLY A 72 -5.05 26.82 -11.04
CA GLY A 72 -4.81 25.38 -11.02
C GLY A 72 -4.01 25.02 -12.25
N SER A 73 -3.27 23.92 -12.22
CA SER A 73 -2.78 23.38 -13.47
C SER A 73 -3.97 22.80 -14.23
N TYR A 74 -3.93 22.77 -15.56
CA TYR A 74 -5.05 22.14 -16.24
C TYR A 74 -4.89 20.62 -16.34
N ASN A 75 -3.67 20.09 -16.13
CA ASN A 75 -3.41 18.72 -16.59
C ASN A 75 -4.21 17.64 -15.88
N ASP A 76 -4.52 17.86 -14.60
CA ASP A 76 -5.23 16.86 -13.81
C ASP A 76 -6.69 17.26 -13.54
N GLN A 77 -7.22 18.19 -14.34
CA GLN A 77 -8.63 18.60 -14.19
C GLN A 77 -9.56 17.99 -15.23
N ASN A 78 -9.10 16.99 -15.97
CA ASN A 78 -10.05 16.32 -16.87
C ASN A 78 -9.64 14.89 -17.20
N ASP A 79 -10.27 13.95 -16.56
CA ASP A 79 -9.88 12.55 -16.74
C ASP A 79 -10.46 11.90 -18.00
N GLU A 80 -11.31 12.59 -18.76
CA GLU A 80 -11.73 12.08 -20.06
C GLU A 80 -10.62 12.25 -21.09
N LEU A 81 -9.82 13.28 -20.90
CA LEU A 81 -8.72 13.63 -21.77
C LEU A 81 -7.44 13.15 -21.09
N ASN A 82 -6.34 13.13 -21.81
CA ASN A 82 -5.04 12.85 -21.19
C ASN A 82 -4.22 14.11 -21.30
N LEU A 83 -4.57 15.10 -20.50
CA LEU A 83 -3.92 16.41 -20.64
C LEU A 83 -2.50 16.39 -20.10
N ARG A 84 -2.08 15.36 -19.36
CA ARG A 84 -0.66 15.30 -19.04
C ARG A 84 0.16 15.09 -20.31
N ALA A 85 -0.43 14.48 -21.34
CA ALA A 85 0.30 14.24 -22.60
C ALA A 85 0.21 15.44 -23.57
N HIS A 86 -0.56 16.48 -23.24
CA HIS A 86 -0.78 17.56 -24.18
C HIS A 86 0.53 18.26 -24.52
N TYR A 87 0.68 18.62 -25.80
CA TYR A 87 1.86 19.34 -26.27
C TYR A 87 1.39 20.57 -27.02
N GLY A 88 1.76 21.74 -26.53
CA GLY A 88 1.45 22.99 -27.24
C GLY A 88 0.51 23.89 -26.46
N TRP A 89 -0.47 24.45 -27.16
CA TRP A 89 -1.29 25.52 -26.63
C TRP A 89 -2.63 25.05 -26.07
N VAL A 90 -3.13 25.79 -25.08
CA VAL A 90 -4.53 25.72 -24.68
C VAL A 90 -5.05 27.13 -24.61
N VAL A 91 -6.36 27.29 -24.57
CA VAL A 91 -6.96 28.62 -24.49
C VAL A 91 -8.00 28.63 -23.39
N TYR A 92 -7.80 29.55 -22.44
CA TYR A 92 -8.72 29.85 -21.37
C TYR A 92 -9.60 31.05 -21.73
N GLN A 93 -10.81 31.13 -21.19
CA GLN A 93 -11.63 32.31 -21.48
C GLN A 93 -12.68 32.49 -20.41
N ARG A 94 -12.99 33.74 -20.10
CA ARG A 94 -14.17 34.01 -19.26
C ARG A 94 -14.64 35.42 -19.53
N SER A 95 -15.83 35.73 -19.06
CA SER A 95 -16.35 37.08 -19.12
C SER A 95 -16.42 37.68 -17.73
N PHE A 96 -16.45 39.01 -17.67
CA PHE A 96 -16.69 39.70 -16.39
C PHE A 96 -17.29 41.05 -16.65
N ALA A 97 -18.01 41.55 -15.63
CA ALA A 97 -18.54 42.90 -15.71
C ALA A 97 -18.37 43.58 -14.39
N VAL A 98 -18.09 44.88 -14.40
CA VAL A 98 -18.02 45.61 -13.13
C VAL A 98 -18.79 46.94 -13.26
N PRO A 99 -19.26 47.50 -12.14
CA PRO A 99 -19.99 48.78 -12.26
C PRO A 99 -19.15 49.89 -12.81
N SER A 100 -19.74 50.70 -13.68
CA SER A 100 -19.07 51.84 -14.25
C SER A 100 -18.54 52.76 -13.16
N ARG A 101 -19.29 52.81 -12.06
CA ARG A 101 -18.95 53.65 -10.93
C ARG A 101 -17.54 53.36 -10.39
N LEU A 102 -17.11 52.12 -10.53
CA LEU A 102 -15.85 51.72 -9.93
C LEU A 102 -14.66 51.93 -10.87
N VAL A 103 -14.89 51.97 -12.17
CA VAL A 103 -13.76 52.16 -13.09
C VAL A 103 -13.53 53.65 -13.36
N ALA A 104 -14.55 54.49 -13.19
CA ALA A 104 -14.43 55.88 -13.57
C ALA A 104 -13.25 56.60 -12.91
N GLY A 105 -12.38 57.18 -13.72
CA GLY A 105 -11.27 57.96 -13.20
C GLY A 105 -10.07 57.14 -12.70
N GLN A 106 -10.16 55.82 -12.77
CA GLN A 106 -9.11 54.98 -12.21
C GLN A 106 -8.19 54.41 -13.26
N ARG A 107 -7.00 54.00 -12.82
CA ARG A 107 -6.09 53.21 -13.62
C ARG A 107 -6.44 51.73 -13.38
N MET A 108 -6.75 51.00 -14.47
CA MET A 108 -7.21 49.62 -14.37
C MET A 108 -6.14 48.67 -14.82
N ILE A 109 -5.77 47.72 -13.95
CA ILE A 109 -4.68 46.78 -14.25
C ILE A 109 -5.17 45.34 -14.14
N LEU A 110 -4.83 44.52 -15.12
CA LEU A 110 -5.13 43.10 -15.06
C LEU A 110 -3.83 42.35 -14.76
N ARG A 111 -3.82 41.65 -13.61
CA ARG A 111 -2.64 40.94 -13.17
C ARG A 111 -2.81 39.43 -13.26
N PHE A 112 -1.79 38.77 -13.82
CA PHE A 112 -1.65 37.31 -13.83
C PHE A 112 -0.55 36.92 -12.89
N ASP A 113 -0.89 36.26 -11.79
CA ASP A 113 0.13 35.89 -10.83
C ASP A 113 1.10 34.85 -11.45
N ALA A 114 0.58 33.95 -12.29
CA ALA A 114 1.45 33.05 -13.09
C ALA A 114 0.65 32.34 -14.15
N ALA A 115 1.23 32.32 -15.35
CA ALA A 115 0.71 31.56 -16.49
C ALA A 115 1.87 30.75 -17.02
N THR A 116 1.78 29.43 -16.97
CA THR A 116 2.94 28.55 -17.18
C THR A 116 2.84 27.86 -18.53
N HIS A 117 3.75 28.07 -19.51
CA HIS A 117 4.98 28.88 -19.41
C HIS A 117 4.91 30.22 -20.13
N ALA A 118 4.14 30.27 -21.22
CA ALA A 118 4.06 31.49 -22.03
C ALA A 118 2.60 31.77 -22.29
N ALA A 119 2.26 33.04 -22.35
CA ALA A 119 0.86 33.43 -22.48
C ALA A 119 0.68 34.59 -23.42
N ASP A 120 -0.43 34.55 -24.15
CA ASP A 120 -0.94 35.72 -24.90
C ASP A 120 -2.28 36.10 -24.29
N VAL A 121 -2.45 37.36 -23.93
CA VAL A 121 -3.68 37.79 -23.24
C VAL A 121 -4.44 38.75 -24.10
N TYR A 122 -5.73 38.47 -24.27
CA TYR A 122 -6.62 39.29 -25.08
C TYR A 122 -7.79 39.80 -24.25
N LEU A 123 -8.22 41.01 -24.55
CA LEU A 123 -9.43 41.53 -23.92
C LEU A 123 -10.29 42.15 -25.02
N ASN A 124 -11.53 41.70 -25.16
CA ASN A 124 -12.45 42.27 -26.16
C ASN A 124 -11.84 42.28 -27.57
N GLY A 125 -11.18 41.18 -27.91
CA GLY A 125 -10.63 41.01 -29.25
C GLY A 125 -9.30 41.66 -29.55
N GLN A 126 -8.73 42.33 -28.56
CA GLN A 126 -7.43 42.97 -28.71
C GLN A 126 -6.35 42.28 -27.89
N LEU A 127 -5.20 42.06 -28.49
CA LEU A 127 -4.06 41.52 -27.73
C LEU A 127 -3.55 42.60 -26.75
N LEU A 128 -3.56 42.29 -25.46
CA LEU A 128 -2.97 43.18 -24.45
C LEU A 128 -1.47 43.01 -24.46
N GLY A 129 -1.02 41.77 -24.61
CA GLY A 129 0.40 41.52 -24.65
C GLY A 129 0.71 40.06 -24.41
N SER A 130 2.00 39.77 -24.32
CA SER A 130 2.49 38.40 -24.20
C SER A 130 3.52 38.34 -23.07
N HIS A 131 3.75 37.15 -22.57
CA HIS A 131 4.73 36.92 -21.54
C HIS A 131 5.39 35.57 -21.68
N PHE A 132 6.68 35.52 -21.36
CA PHE A 132 7.35 34.24 -21.16
C PHE A 132 7.90 34.19 -19.76
N GLY A 133 7.71 33.06 -19.08
CA GLY A 133 8.24 32.85 -17.75
C GLY A 133 7.10 32.36 -16.89
N GLY A 134 7.10 31.07 -16.56
CA GLY A 134 5.92 30.43 -16.02
C GLY A 134 5.64 30.61 -14.55
N PHE A 135 6.51 31.33 -13.83
CA PHE A 135 6.46 31.30 -12.38
C PHE A 135 6.57 32.68 -11.74
N LEU A 136 6.39 33.73 -12.53
CA LEU A 136 6.46 35.09 -12.04
C LEU A 136 5.31 35.90 -12.64
N PRO A 137 4.87 36.93 -11.89
CA PRO A 137 3.65 37.65 -12.30
C PRO A 137 3.88 38.66 -13.43
N PHE A 138 2.81 38.98 -14.15
CA PHE A 138 2.85 40.02 -15.15
C PHE A 138 1.51 40.68 -15.21
N GLU A 139 1.47 41.89 -15.75
CA GLU A 139 0.22 42.65 -15.75
C GLU A 139 0.12 43.60 -16.93
N PHE A 140 -1.11 44.03 -17.18
CA PHE A 140 -1.42 44.92 -18.32
C PHE A 140 -2.32 46.04 -17.89
N ASP A 141 -2.08 47.23 -18.45
CA ASP A 141 -2.97 48.34 -18.22
C ASP A 141 -4.15 48.19 -19.17
N VAL A 142 -5.34 47.97 -18.60
CA VAL A 142 -6.51 47.70 -19.43
C VAL A 142 -7.49 48.86 -19.38
N THR A 143 -7.04 50.02 -18.88
CA THR A 143 -7.91 51.18 -18.76
C THR A 143 -8.64 51.49 -20.08
N SER A 144 -7.91 51.45 -21.20
CA SER A 144 -8.54 51.77 -22.50
C SER A 144 -9.27 50.58 -23.15
N ALA A 145 -8.90 49.35 -22.79
CA ALA A 145 -9.48 48.16 -23.43
C ALA A 145 -10.80 47.73 -22.80
N LEU A 146 -10.99 48.02 -21.52
CA LEU A 146 -12.24 47.70 -20.84
C LEU A 146 -13.41 48.45 -21.47
N HIS A 147 -14.59 47.85 -21.43
CA HIS A 147 -15.77 48.63 -21.73
C HIS A 147 -16.88 48.29 -20.74
N ALA A 148 -17.97 49.06 -20.80
CA ALA A 148 -19.07 48.84 -19.88
C ALA A 148 -19.74 47.52 -20.19
N GLY A 149 -20.36 46.91 -19.19
CA GLY A 149 -21.01 45.63 -19.44
C GLY A 149 -20.01 44.49 -19.48
N GLU A 150 -20.37 43.41 -20.19
CA GLU A 150 -19.52 42.21 -20.18
C GLU A 150 -18.26 42.41 -21.03
N ASN A 151 -17.14 42.00 -20.47
CA ASN A 151 -15.84 41.99 -21.12
C ASN A 151 -15.41 40.57 -21.34
N LEU A 152 -14.77 40.29 -22.48
CA LEU A 152 -14.37 38.93 -22.83
C LEU A 152 -12.86 38.80 -22.72
N LEU A 153 -12.40 38.02 -21.76
CA LEU A 153 -10.97 37.84 -21.47
C LEU A 153 -10.52 36.47 -21.95
N THR A 154 -9.55 36.45 -22.84
CA THR A 154 -9.04 35.18 -23.39
C THR A 154 -7.54 35.08 -23.12
N VAL A 155 -7.09 33.91 -22.66
CA VAL A 155 -5.69 33.73 -22.33
C VAL A 155 -5.20 32.44 -22.94
N ALA A 156 -4.35 32.58 -23.96
CA ALA A 156 -3.71 31.41 -24.58
C ALA A 156 -2.45 31.08 -23.80
N VAL A 157 -2.27 29.81 -23.45
CA VAL A 157 -1.12 29.41 -22.63
C VAL A 157 -0.38 28.27 -23.31
N ASP A 158 0.93 28.42 -23.45
CA ASP A 158 1.79 27.46 -24.15
C ASP A 158 2.60 26.69 -23.12
N ASN A 159 2.57 25.36 -23.19
CA ASN A 159 3.30 24.56 -22.21
C ASN A 159 4.66 24.09 -22.69
N ARG A 160 5.06 24.49 -23.90
CA ARG A 160 6.20 23.83 -24.50
C ARG A 160 7.50 24.24 -23.86
N ILE A 161 8.37 23.24 -23.70
CA ILE A 161 9.72 23.46 -23.21
C ILE A 161 10.70 22.87 -24.21
N GLY A 162 11.92 23.41 -24.21
CA GLY A 162 12.92 22.99 -25.17
C GLY A 162 14.26 23.60 -24.80
N SER A 163 15.19 23.60 -25.74
CA SER A 163 16.55 23.99 -25.41
C SER A 163 16.71 25.47 -25.12
N SER A 164 15.69 26.29 -25.40
CA SER A 164 15.81 27.71 -25.09
C SER A 164 14.89 28.17 -23.95
N THR A 165 14.13 27.27 -23.31
CA THR A 165 13.23 27.67 -22.23
C THR A 165 13.92 27.50 -20.86
N LEU A 166 13.47 28.25 -19.85
CA LEU A 166 13.76 27.99 -18.44
C LEU A 166 12.40 27.76 -17.78
N PRO A 167 12.14 26.57 -17.23
CA PRO A 167 13.05 25.41 -17.13
C PRO A 167 13.30 24.78 -18.50
N VAL A 168 14.39 24.03 -18.60
CA VAL A 168 14.92 23.52 -19.87
C VAL A 168 14.27 22.20 -20.29
N GLY A 169 13.86 22.11 -21.57
CA GLY A 169 13.44 20.84 -22.14
C GLY A 169 14.48 20.31 -23.11
N ASN A 170 14.37 19.02 -23.44
CA ASN A 170 15.20 18.38 -24.43
C ASN A 170 14.46 18.37 -25.76
N ASP A 171 15.15 18.77 -26.84
CA ASP A 171 14.51 18.83 -28.17
C ASP A 171 14.37 17.43 -28.78
N ALA A 172 15.14 16.48 -28.26
CA ALA A 172 15.08 15.09 -28.73
C ALA A 172 15.58 14.12 -27.66
N GLY A 173 15.46 12.82 -27.92
CA GLY A 173 15.97 11.82 -27.01
C GLY A 173 14.95 11.42 -25.95
N THR A 174 15.35 11.51 -24.69
CA THR A 174 14.46 11.14 -23.58
C THR A 174 14.35 12.28 -22.57
N ALA A 175 13.41 12.15 -21.64
CA ALA A 175 13.35 13.05 -20.50
C ALA A 175 14.53 12.76 -19.57
N PHE A 176 14.79 13.71 -18.68
CA PHE A 176 15.81 13.53 -17.67
C PHE A 176 15.50 12.26 -16.88
N MET A 177 16.55 11.49 -16.58
CA MET A 177 16.43 10.17 -15.94
C MET A 177 15.62 9.13 -16.72
N GLY A 178 15.55 9.29 -18.03
CA GLY A 178 14.86 8.33 -18.88
C GLY A 178 15.73 7.18 -19.32
N SER A 179 15.08 6.05 -19.54
CA SER A 179 15.69 4.83 -20.08
C SER A 179 15.63 4.81 -21.61
N ASP A 180 16.62 4.20 -22.26
CA ASP A 180 16.60 4.07 -23.71
C ASP A 180 17.35 2.80 -24.18
N ASN A 181 17.08 2.37 -25.41
CA ASN A 181 17.91 1.38 -26.11
C ASN A 181 18.20 1.96 -27.48
N ALA A 182 19.00 3.02 -27.51
CA ALA A 182 19.09 3.87 -28.69
C ALA A 182 19.71 3.14 -29.90
N ASN A 183 20.47 2.07 -29.65
CA ASN A 183 21.15 1.35 -30.72
C ASN A 183 20.29 0.29 -31.43
N VAL A 184 19.07 0.06 -30.95
CA VAL A 184 18.15 -0.86 -31.62
C VAL A 184 17.52 -0.15 -32.80
N PRO A 185 17.72 -0.65 -34.03
CA PRO A 185 17.23 0.09 -35.21
C PRO A 185 15.71 0.40 -35.13
N ALA A 186 14.93 -0.55 -34.64
CA ALA A 186 13.49 -0.32 -34.55
C ALA A 186 13.15 0.86 -33.63
N VAL A 187 13.93 1.05 -32.56
CA VAL A 187 13.71 2.15 -31.61
C VAL A 187 14.05 3.48 -32.30
N ALA A 188 15.19 3.54 -32.95
CA ALA A 188 15.56 4.75 -33.68
C ALA A 188 14.51 5.13 -34.71
N GLU A 189 13.95 4.13 -35.41
CA GLU A 189 12.96 4.45 -36.41
C GLU A 189 11.63 4.92 -35.78
N ALA A 190 11.16 4.25 -34.74
CA ALA A 190 9.91 4.63 -34.09
C ALA A 190 10.00 6.03 -33.48
N LYS A 191 11.19 6.40 -32.98
CA LYS A 191 11.39 7.74 -32.41
C LYS A 191 11.06 8.83 -33.41
N LYS A 192 11.40 8.60 -34.66
CA LYS A 192 11.23 9.61 -35.70
C LYS A 192 9.79 10.03 -35.87
N HIS A 193 8.89 9.11 -35.61
CA HIS A 193 7.50 9.34 -35.93
C HIS A 193 6.62 9.40 -34.69
N ALA A 194 7.24 9.35 -33.52
CA ALA A 194 6.48 9.33 -32.28
C ALA A 194 5.77 10.67 -32.06
N ARG A 195 4.65 10.62 -31.37
CA ARG A 195 3.91 11.82 -31.05
C ARG A 195 4.82 12.83 -30.34
N ARG A 196 4.73 14.12 -30.70
CA ARG A 196 5.53 15.13 -30.00
C ARG A 196 5.12 15.27 -28.54
N GLN A 197 6.11 15.31 -27.63
CA GLN A 197 5.91 15.43 -26.19
C GLN A 197 6.96 16.34 -25.66
N ASN A 198 6.64 17.11 -24.63
CA ASN A 198 7.67 17.82 -23.91
C ASN A 198 8.55 16.81 -23.18
N LEU A 199 9.85 17.00 -23.27
CA LEU A 199 10.75 16.10 -22.57
C LEU A 199 11.53 16.88 -21.52
N PRO A 200 11.03 16.89 -20.27
CA PRO A 200 11.73 17.74 -19.30
C PRO A 200 13.19 17.37 -19.11
N ASN A 201 14.10 18.34 -19.05
CA ASN A 201 15.45 18.05 -18.55
C ASN A 201 15.52 18.33 -17.05
N PHE A 202 14.42 18.10 -16.37
CA PHE A 202 14.28 18.32 -14.94
C PHE A 202 13.34 17.26 -14.41
N ASP A 203 13.41 17.01 -13.11
CA ASP A 203 12.74 15.88 -12.47
C ASP A 203 11.47 16.35 -11.74
N PHE A 204 10.58 17.03 -12.43
CA PHE A 204 9.23 17.29 -11.92
C PHE A 204 8.31 17.45 -13.09
N PHE A 205 7.04 17.12 -12.89
CA PHE A 205 6.14 17.10 -14.02
C PHE A 205 5.90 18.51 -14.57
N ASN A 206 5.83 18.62 -15.90
CA ASN A 206 5.63 19.91 -16.56
C ASN A 206 4.15 20.43 -16.47
N PHE A 207 3.65 20.64 -15.24
CA PHE A 207 2.28 21.16 -15.04
C PHE A 207 2.14 22.56 -15.61
N ALA A 208 1.08 22.79 -16.39
CA ALA A 208 0.96 24.06 -17.10
C ALA A 208 -0.43 24.66 -16.89
N GLY A 209 -0.59 25.90 -17.36
CA GLY A 209 -1.87 26.60 -17.28
C GLY A 209 -1.84 27.80 -16.34
N LEU A 210 -3.02 28.25 -15.94
CA LEU A 210 -3.11 29.42 -15.05
C LEU A 210 -2.91 28.95 -13.59
N ASN A 211 -1.66 28.71 -13.26
CA ASN A 211 -1.28 28.08 -11.98
C ASN A 211 -1.54 28.96 -10.77
N ARG A 212 -1.61 30.29 -11.00
CA ARG A 212 -1.87 31.18 -9.86
C ARG A 212 -2.98 32.18 -10.23
N HIS A 213 -3.34 33.01 -9.25
CA HIS A 213 -4.55 33.85 -9.33
C HIS A 213 -4.52 34.83 -10.48
N VAL A 214 -5.72 35.24 -10.88
CA VAL A 214 -5.89 36.31 -11.87
C VAL A 214 -6.75 37.37 -11.21
N GLU A 215 -6.44 38.65 -11.38
CA GLU A 215 -7.30 39.67 -10.78
C GLU A 215 -7.19 40.99 -11.51
N LEU A 216 -8.32 41.70 -11.52
CA LEU A 216 -8.37 43.08 -11.97
C LEU A 216 -8.16 43.97 -10.74
N TYR A 217 -7.37 45.02 -10.85
CA TYR A 217 -7.24 45.93 -9.72
C TYR A 217 -7.14 47.36 -10.17
N THR A 218 -7.36 48.26 -9.23
CA THR A 218 -7.38 49.67 -9.56
C THR A 218 -6.39 50.44 -8.71
N THR A 219 -5.88 51.52 -9.30
CA THR A 219 -5.13 52.53 -8.57
C THR A 219 -5.60 53.90 -9.07
N PRO A 220 -5.26 54.96 -8.34
CA PRO A 220 -5.45 56.29 -8.93
C PRO A 220 -4.66 56.42 -10.22
N ALA A 221 -5.14 57.29 -11.12
CA ALA A 221 -4.53 57.38 -12.44
C ALA A 221 -3.48 58.48 -12.53
N ASP A 222 -3.70 59.60 -11.86
CA ASP A 222 -2.83 60.76 -12.02
C ASP A 222 -1.44 60.56 -11.43
N ALA A 223 -1.41 59.87 -10.29
CA ALA A 223 -0.16 59.61 -9.56
C ALA A 223 -0.45 58.45 -8.64
N TYR A 224 0.45 57.49 -8.59
CA TYR A 224 0.23 56.31 -7.77
C TYR A 224 1.54 55.68 -7.34
N ILE A 225 1.47 54.89 -6.29
CA ILE A 225 2.62 54.14 -5.78
C ILE A 225 2.87 52.92 -6.67
N ALA A 226 4.06 52.84 -7.26
CA ALA A 226 4.41 51.77 -8.18
C ALA A 226 5.31 50.70 -7.56
N ASP A 227 6.13 51.08 -6.57
CA ASP A 227 7.04 50.13 -5.95
C ASP A 227 7.46 50.65 -4.58
N ILE A 228 7.80 49.73 -3.68
CA ILE A 228 8.35 50.05 -2.37
C ILE A 228 9.43 49.03 -2.10
N ALA A 229 10.58 49.51 -1.63
CA ALA A 229 11.66 48.65 -1.09
C ALA A 229 12.00 49.11 0.29
N ILE A 230 11.96 48.17 1.23
CA ILE A 230 12.41 48.41 2.59
C ILE A 230 13.67 47.58 2.84
N THR A 231 14.70 48.18 3.40
CA THR A 231 15.92 47.44 3.73
C THR A 231 16.33 47.67 5.18
N THR A 232 16.92 46.65 5.79
CA THR A 232 17.59 46.82 7.06
C THR A 232 19.04 47.16 6.77
N GLU A 233 19.42 48.42 7.00
CA GLU A 233 20.76 48.87 6.66
C GLU A 233 21.79 48.51 7.72
N ARG A 234 21.42 48.63 8.99
CA ARG A 234 22.38 48.42 10.08
C ARG A 234 21.66 48.18 11.37
N LEU A 235 22.22 47.29 12.19
CA LEU A 235 21.72 47.07 13.56
C LEU A 235 22.80 47.41 14.54
N ASP A 236 22.47 48.19 15.56
CA ASP A 236 23.40 48.59 16.62
C ASP A 236 23.05 47.92 17.92
N HIS A 237 24.04 47.30 18.57
CA HIS A 237 23.87 46.64 19.87
C HIS A 237 22.67 45.70 19.88
N ILE A 238 22.81 44.63 19.11
CA ILE A 238 21.82 43.56 19.08
C ILE A 238 21.81 42.82 20.41
N ALA A 239 20.63 42.53 20.95
CA ALA A 239 20.57 41.81 22.23
C ALA A 239 21.15 40.41 22.13
N GLY A 240 21.57 39.88 23.29
CA GLY A 240 22.09 38.53 23.35
C GLY A 240 21.13 37.52 22.74
N ASP A 241 19.83 37.72 22.99
CA ASP A 241 18.85 36.76 22.48
C ASP A 241 18.32 37.09 21.08
N ALA A 242 18.88 38.13 20.45
CA ALA A 242 18.50 38.59 19.10
C ALA A 242 17.06 39.10 19.01
N CYS A 243 16.39 39.31 20.12
CA CYS A 243 14.99 39.73 19.99
C CYS A 243 14.83 41.20 19.65
N THR A 244 15.82 42.00 20.04
CA THR A 244 15.77 43.44 19.85
C THR A 244 17.16 43.97 19.53
N ALA A 245 17.22 45.20 19.05
CA ALA A 245 18.49 45.93 18.94
C ALA A 245 18.32 47.33 19.49
N ALA A 246 19.40 47.88 20.03
CA ALA A 246 19.28 49.22 20.58
C ALA A 246 18.79 50.21 19.53
N ASN A 247 19.28 50.04 18.30
CA ASN A 247 18.88 50.88 17.20
C ASN A 247 18.93 50.09 15.92
N ALA A 248 17.94 50.28 15.04
CA ALA A 248 17.97 49.74 13.68
C ALA A 248 17.85 50.89 12.72
N LEU A 249 18.72 50.92 11.72
CA LEU A 249 18.60 51.88 10.64
C LEU A 249 17.95 51.17 9.48
N ILE A 250 16.77 51.62 9.10
CA ILE A 250 16.11 51.04 7.93
C ILE A 250 16.05 52.07 6.84
N ALA A 251 15.98 51.62 5.61
CA ALA A 251 15.85 52.53 4.47
C ALA A 251 14.57 52.21 3.69
N TYR A 252 13.97 53.24 3.10
CA TYR A 252 12.85 53.07 2.22
C TYR A 252 13.15 53.71 0.88
N ASP A 253 12.54 53.14 -0.15
CA ASP A 253 12.66 53.65 -1.50
C ASP A 253 11.28 53.43 -2.11
N VAL A 254 10.59 54.51 -2.44
CA VAL A 254 9.25 54.39 -3.01
C VAL A 254 9.26 54.97 -4.41
N THR A 255 8.76 54.22 -5.38
CA THR A 255 8.69 54.64 -6.77
C THR A 255 7.24 54.95 -7.10
N PHE A 256 7.02 55.99 -7.92
CA PHE A 256 5.68 56.40 -8.31
C PHE A 256 5.51 56.34 -9.80
N GLY A 257 4.26 56.13 -10.24
CA GLY A 257 3.94 56.28 -11.65
C GLY A 257 2.93 57.39 -11.84
N GLY A 258 2.65 57.72 -13.10
CA GLY A 258 1.65 58.73 -13.41
C GLY A 258 2.27 60.03 -13.88
N ASP A 259 1.41 60.97 -14.28
CA ASP A 259 1.79 62.22 -14.98
C ASP A 259 2.52 61.93 -16.30
N GLY A 298 6.69 69.83 -6.04
CA GLY A 298 6.90 69.71 -4.61
C GLY A 298 5.98 68.69 -3.94
N ARG A 299 5.87 67.51 -4.52
CA ARG A 299 4.93 66.51 -4.03
C ARG A 299 5.57 65.68 -2.95
N GLN A 300 4.75 65.10 -2.07
CA GLN A 300 5.28 64.39 -0.91
C GLN A 300 4.60 63.06 -0.64
N VAL A 301 5.34 62.17 0.02
CA VAL A 301 4.78 60.91 0.51
C VAL A 301 5.03 60.79 2.02
N ARG A 302 4.00 60.42 2.77
CA ARG A 302 4.14 60.17 4.18
C ARG A 302 4.43 58.68 4.38
N ILE A 303 5.50 58.39 5.10
CA ILE A 303 5.86 57.01 5.46
C ILE A 303 5.61 56.84 6.96
N SER A 304 4.74 55.90 7.33
CA SER A 304 4.49 55.59 8.73
C SER A 304 4.93 54.19 8.99
N ILE A 305 5.63 53.98 10.09
CA ILE A 305 6.07 52.65 10.46
C ILE A 305 5.19 52.16 11.59
N LEU A 306 4.48 51.04 11.33
CA LEU A 306 3.58 50.48 12.33
C LEU A 306 4.23 49.25 12.94
N ASP A 307 4.17 49.13 14.27
CA ASP A 307 4.70 47.93 14.90
C ASP A 307 3.68 46.79 14.83
N GLY A 308 3.96 45.70 15.52
CA GLY A 308 3.09 44.53 15.45
C GLY A 308 1.65 44.70 15.92
N GLU A 309 1.40 45.71 16.75
CA GLU A 309 0.04 46.02 17.20
C GLU A 309 -0.62 47.11 16.37
N GLY A 310 0.09 47.57 15.33
CA GLY A 310 -0.46 48.60 14.45
C GLY A 310 -0.24 50.02 14.95
N THR A 311 0.55 50.17 16.00
CA THR A 311 0.89 51.50 16.53
C THR A 311 1.98 52.17 15.73
N VAL A 312 1.80 53.45 15.41
CA VAL A 312 2.82 54.19 14.69
C VAL A 312 4.00 54.49 15.60
N VAL A 313 5.16 53.92 15.27
CA VAL A 313 6.36 54.12 16.09
C VAL A 313 7.41 55.00 15.45
N ALA A 314 7.23 55.30 14.15
CA ALA A 314 8.14 56.18 13.42
C ALA A 314 7.40 56.74 12.22
N GLY A 315 7.79 57.92 11.76
CA GLY A 315 7.09 58.51 10.63
C GLY A 315 7.89 59.64 10.03
N VAL A 316 7.86 59.74 8.72
CA VAL A 316 8.55 60.81 8.02
C VAL A 316 7.74 61.21 6.78
N THR A 317 7.85 62.47 6.40
CA THR A 317 7.31 62.92 5.14
C THR A 317 8.48 63.22 4.23
N ALA A 318 8.49 62.58 3.06
CA ALA A 318 9.60 62.64 2.09
C ALA A 318 9.18 63.35 0.82
N ASP A 319 10.13 64.06 0.23
CA ASP A 319 9.90 64.71 -1.05
C ASP A 319 9.98 63.71 -2.19
N ILE A 320 9.07 63.84 -3.15
CA ILE A 320 9.12 63.04 -4.35
C ILE A 320 9.91 63.81 -5.39
N GLU A 321 10.95 63.18 -5.94
CA GLU A 321 11.83 63.79 -6.92
C GLU A 321 11.92 62.98 -8.19
N ARG A 322 12.13 63.63 -9.33
CA ARG A 322 12.34 62.87 -10.56
C ARG A 322 13.82 62.80 -10.89
N THR A 327 10.56 56.99 -12.75
CA THR A 327 11.58 58.01 -12.57
C THR A 327 11.30 58.83 -11.29
N ALA A 328 10.03 59.01 -10.92
CA ALA A 328 9.68 59.69 -9.64
C ALA A 328 9.88 58.78 -8.43
N LYS A 329 10.68 59.25 -7.48
CA LYS A 329 11.02 58.45 -6.32
C LYS A 329 11.11 59.28 -5.05
N ALA A 330 10.88 58.63 -3.92
CA ALA A 330 11.19 59.19 -2.61
C ALA A 330 12.02 58.18 -1.86
N SER A 331 13.07 58.61 -1.23
CA SER A 331 13.88 57.66 -0.50
C SER A 331 14.50 58.30 0.71
N GLY A 332 14.80 57.47 1.71
CA GLY A 332 15.45 57.99 2.90
C GLY A 332 15.68 56.88 3.91
N GLU A 333 16.06 57.28 5.10
CA GLU A 333 16.36 56.37 6.20
C GLU A 333 15.56 56.73 7.43
N ILE A 334 15.33 55.73 8.28
CA ILE A 334 14.59 55.90 9.51
C ILE A 334 15.29 55.13 10.60
N ALA A 335 15.54 55.77 11.75
CA ALA A 335 16.15 55.08 12.87
C ALA A 335 15.03 54.56 13.76
N ILE A 336 15.09 53.27 14.09
CA ILE A 336 14.09 52.60 14.93
C ILE A 336 14.77 52.23 16.25
N ARG A 337 14.43 52.97 17.31
CA ARG A 337 15.01 52.66 18.62
C ARG A 337 14.33 51.43 19.24
N ASP A 338 15.10 50.57 19.91
CA ASP A 338 14.55 49.39 20.58
C ASP A 338 13.76 48.54 19.55
N ALA A 339 14.34 48.38 18.37
CA ALA A 339 13.71 47.67 17.26
C ALA A 339 13.48 46.21 17.62
N LYS A 340 12.33 45.69 17.24
CA LYS A 340 12.04 44.27 17.43
C LYS A 340 12.42 43.52 16.19
N LEU A 341 13.36 42.57 16.34
CA LEU A 341 13.93 41.92 15.17
C LEU A 341 13.13 40.71 14.72
N TRP A 342 13.24 40.40 13.42
CA TRP A 342 12.69 39.17 12.87
C TRP A 342 13.71 38.06 12.98
N ASN A 343 13.30 36.90 13.52
CA ASN A 343 14.20 35.73 13.59
C ASN A 343 13.49 34.47 13.17
N PRO A 344 14.24 33.49 12.63
CA PRO A 344 13.64 32.17 12.50
C PRO A 344 13.08 31.72 13.84
N GLY A 345 11.88 31.17 13.83
CA GLY A 345 11.24 30.68 15.04
C GLY A 345 10.67 31.76 15.94
N ALA A 346 10.81 33.02 15.53
CA ALA A 346 10.37 34.15 16.33
C ALA A 346 10.18 35.36 15.42
N ALA A 347 9.17 35.26 14.58
CA ALA A 347 8.89 36.33 13.62
C ALA A 347 8.41 37.59 14.34
N TYR A 348 8.78 38.74 13.79
CA TYR A 348 8.16 40.01 14.18
C TYR A 348 8.10 40.85 12.92
N LEU A 349 6.90 41.35 12.61
CA LEU A 349 6.71 42.14 11.40
C LEU A 349 6.21 43.53 11.72
N TYR A 350 6.81 44.50 11.02
CA TYR A 350 6.33 45.87 10.97
C TYR A 350 5.58 46.09 9.66
N THR A 351 4.87 47.22 9.58
CA THR A 351 4.26 47.63 8.31
C THR A 351 4.78 49.04 7.95
N ALA A 352 5.25 49.21 6.71
CA ALA A 352 5.52 50.53 6.20
C ALA A 352 4.32 51.00 5.41
N VAL A 353 3.63 52.01 5.92
CA VAL A 353 2.48 52.57 5.22
C VAL A 353 2.94 53.79 4.43
N ALA A 354 2.80 53.73 3.10
CA ALA A 354 3.16 54.86 2.27
C ALA A 354 1.87 55.55 1.82
N GLU A 355 1.77 56.84 2.05
CA GLU A 355 0.59 57.62 1.66
C GLU A 355 1.01 58.80 0.79
N LEU A 356 0.57 58.80 -0.46
CA LEU A 356 0.84 59.88 -1.37
C LEU A 356 -0.05 61.05 -1.01
N LEU A 357 0.55 62.22 -0.77
CA LEU A 357 -0.21 63.39 -0.30
C LEU A 357 -0.64 64.24 -1.47
N PRO A 358 -1.76 64.95 -1.32
CA PRO A 358 -2.19 65.86 -2.39
C PRO A 358 -1.22 67.02 -2.51
N GLU A 359 -1.17 67.59 -3.71
CA GLU A 359 -0.55 68.88 -3.98
C GLU A 359 -0.90 69.86 -2.84
N GLY A 360 0.12 70.29 -2.11
CA GLY A 360 -0.08 71.23 -1.03
C GLY A 360 0.29 70.60 0.31
N GLY A 361 0.61 69.31 0.30
CA GLY A 361 1.02 68.62 1.51
C GLY A 361 -0.09 68.54 2.57
N ALA A 362 0.29 68.03 3.74
CA ALA A 362 -0.63 67.91 4.86
C ALA A 362 -1.03 69.31 5.36
N GLU A 363 -0.17 70.30 5.10
CA GLU A 363 -0.43 71.69 5.49
C GLU A 363 -1.73 72.22 4.87
N SER A 364 -2.08 71.69 3.70
CA SER A 364 -3.22 72.17 2.93
C SER A 364 -4.46 71.30 3.07
N SER A 365 -4.27 69.98 3.13
CA SER A 365 -5.42 69.09 3.19
C SER A 365 -5.11 67.80 3.95
N SER A 366 -6.17 67.19 4.47
CA SER A 366 -6.08 65.94 5.20
C SER A 366 -6.24 64.73 4.28
N ARG A 367 -6.60 64.96 3.02
CA ARG A 367 -6.95 63.84 2.16
C ARG A 367 -5.72 63.06 1.72
N ILE A 368 -5.92 61.81 1.35
CA ILE A 368 -4.84 60.94 0.86
C ILE A 368 -5.11 60.56 -0.60
N ILE A 369 -4.13 60.74 -1.47
CA ILE A 369 -4.29 60.41 -2.88
C ILE A 369 -4.20 58.89 -3.14
N ASP A 370 -3.21 58.24 -2.51
CA ASP A 370 -2.98 56.81 -2.74
C ASP A 370 -2.27 56.26 -1.53
N ALA A 371 -2.35 54.96 -1.32
CA ALA A 371 -1.73 54.36 -0.16
C ALA A 371 -1.38 52.91 -0.47
N TYR A 372 -0.36 52.41 0.21
CA TYR A 372 0.00 51.01 0.11
C TYR A 372 0.65 50.62 1.43
N ARG A 373 0.33 49.41 1.90
CA ARG A 373 0.83 48.90 3.19
C ARG A 373 1.81 47.78 2.93
N GLN A 374 3.09 48.01 3.19
CA GLN A 374 4.14 47.02 2.91
C GLN A 374 4.67 46.36 4.17
N THR A 375 4.44 45.05 4.30
CA THR A 375 4.98 44.34 5.45
C THR A 375 6.50 44.23 5.35
N PHE A 376 7.20 44.27 6.48
CA PHE A 376 8.63 44.03 6.43
C PHE A 376 9.10 43.51 7.77
N GLY A 377 10.31 42.96 7.83
CA GLY A 377 10.88 42.56 9.11
C GLY A 377 12.28 43.10 9.22
N ILE A 378 12.70 43.47 10.42
CA ILE A 378 14.01 44.05 10.62
C ILE A 378 15.00 42.95 11.00
N ARG A 379 15.96 42.69 10.12
CA ARG A 379 16.95 41.66 10.36
C ARG A 379 18.08 41.81 9.38
N THR A 380 19.28 41.40 9.77
CA THR A 380 20.40 41.38 8.84
C THR A 380 20.82 39.95 8.51
N VAL A 381 21.48 39.81 7.36
CA VAL A 381 22.03 38.54 6.92
C VAL A 381 23.45 38.78 6.49
N GLU A 382 24.41 38.00 7.00
CA GLU A 382 25.81 38.20 6.67
C GLU A 382 26.55 36.87 6.65
N VAL A 383 27.20 36.56 5.54
CA VAL A 383 28.13 35.44 5.55
C VAL A 383 29.46 35.94 6.09
N SER A 384 29.99 35.25 7.10
CA SER A 384 31.25 35.61 7.70
C SER A 384 32.09 34.36 7.91
N GLY A 385 33.18 34.22 7.16
CA GLY A 385 33.99 33.01 7.23
C GLY A 385 33.16 31.80 6.88
N THR A 386 33.09 30.85 7.81
CA THR A 386 32.28 29.66 7.59
C THR A 386 30.96 29.71 8.35
N THR A 387 30.48 30.93 8.64
CA THR A 387 29.21 31.08 9.34
C THR A 387 28.21 31.87 8.51
N PHE A 388 26.93 31.63 8.80
CA PHE A 388 25.82 32.30 8.16
C PHE A 388 25.07 33.05 9.25
N LEU A 389 25.27 34.37 9.32
CA LEU A 389 24.78 35.13 10.48
C LEU A 389 23.45 35.80 10.21
N ILE A 390 22.45 35.51 11.03
CA ILE A 390 21.19 36.25 10.98
C ILE A 390 21.15 37.07 12.26
N ASN A 391 21.04 38.40 12.13
CA ASN A 391 21.15 39.28 13.30
C ASN A 391 22.39 38.98 14.11
N GLY A 392 23.49 38.70 13.38
CA GLY A 392 24.76 38.45 14.02
C GLY A 392 24.90 37.10 14.72
N LYS A 393 23.88 36.23 14.62
CA LYS A 393 23.91 34.94 15.32
C LYS A 393 24.18 33.81 14.28
N PRO A 394 24.97 32.79 14.64
CA PRO A 394 25.29 31.71 13.69
C PRO A 394 24.11 30.76 13.49
N PHE A 395 23.48 30.88 12.33
CA PHE A 395 22.28 30.12 12.01
C PHE A 395 22.64 28.73 11.48
N TYR A 396 21.76 27.77 11.70
CA TYR A 396 21.89 26.43 11.11
C TYR A 396 20.58 26.12 10.38
N PHE A 397 20.64 25.87 9.06
CA PHE A 397 19.41 25.51 8.30
C PHE A 397 18.98 24.10 8.63
N LYS A 398 17.69 23.94 8.94
CA LYS A 398 17.05 22.60 9.05
C LYS A 398 15.86 22.59 8.14
N GLY A 399 15.80 21.69 7.19
CA GLY A 399 14.63 21.67 6.31
C GLY A 399 14.87 20.87 5.07
N PHE A 400 14.44 21.42 3.94
CA PHE A 400 14.25 20.63 2.73
C PHE A 400 14.00 21.49 1.53
N GLY A 401 14.20 20.91 0.35
CA GLY A 401 13.58 21.47 -0.83
C GLY A 401 12.12 21.05 -0.81
N LYS A 402 11.26 21.92 -1.34
CA LYS A 402 9.85 21.62 -1.51
C LYS A 402 9.51 21.54 -3.00
N HIS A 403 8.22 21.37 -3.29
CA HIS A 403 7.66 21.63 -4.61
C HIS A 403 6.28 22.21 -4.39
N GLU A 404 5.80 23.02 -5.33
CA GLU A 404 4.37 23.32 -5.36
C GLU A 404 3.76 22.21 -6.15
N ASP A 405 3.21 21.24 -5.44
CA ASP A 405 2.74 20.01 -6.07
C ASP A 405 1.68 19.41 -5.17
N SER A 406 0.54 19.02 -5.74
CA SER A 406 -0.46 18.27 -5.00
C SER A 406 -1.41 17.57 -5.95
N TYR A 407 -2.08 16.50 -5.49
CA TYR A 407 -3.19 15.93 -6.24
C TYR A 407 -4.19 17.02 -6.67
N PHE A 408 -4.71 16.84 -7.88
CA PHE A 408 -5.78 17.66 -8.48
C PHE A 408 -5.23 19.01 -8.94
N HIS A 409 -4.58 19.76 -8.05
CA HIS A 409 -4.12 21.11 -8.38
C HIS A 409 -2.89 21.14 -9.26
N GLY A 410 -2.06 20.10 -9.19
CA GLY A 410 -0.79 20.08 -9.93
C GLY A 410 0.14 21.09 -9.28
N ARG A 411 0.60 22.06 -10.07
CA ARG A 411 1.42 23.15 -9.59
C ARG A 411 0.53 24.33 -9.16
N GLY A 412 -0.80 24.15 -9.17
CA GLY A 412 -1.72 25.23 -8.82
C GLY A 412 -1.58 25.63 -7.34
N THR A 413 -1.64 26.94 -7.10
CA THR A 413 -1.52 27.42 -5.74
C THR A 413 -2.74 27.04 -4.93
N ASP A 414 -2.50 26.65 -3.67
CA ASP A 414 -3.56 26.19 -2.78
C ASP A 414 -3.20 26.66 -1.38
N ASP A 415 -3.90 27.68 -0.88
CA ASP A 415 -3.50 28.21 0.43
C ASP A 415 -3.89 27.33 1.61
N VAL A 416 -4.89 26.45 1.46
CA VAL A 416 -5.14 25.43 2.48
C VAL A 416 -3.88 24.57 2.61
N LEU A 417 -3.31 24.17 1.48
CA LEU A 417 -2.11 23.37 1.51
C LEU A 417 -0.89 24.14 2.01
N ASN A 418 -0.78 25.43 1.66
CA ASN A 418 0.35 26.21 2.19
C ASN A 418 0.28 26.35 3.70
N VAL A 419 -0.93 26.62 4.22
CA VAL A 419 -1.10 26.74 5.67
C VAL A 419 -0.77 25.41 6.35
N LYS A 420 -1.28 24.30 5.78
CA LYS A 420 -0.96 22.98 6.35
C LYS A 420 0.55 22.72 6.29
N ASP A 421 1.17 23.01 5.14
CA ASP A 421 2.60 22.70 5.02
C ASP A 421 3.45 23.52 6.02
N VAL A 422 3.09 24.77 6.24
CA VAL A 422 3.83 25.57 7.22
C VAL A 422 3.67 24.93 8.62
N SER A 423 2.47 24.42 8.96
CA SER A 423 2.31 23.75 10.24
C SER A 423 3.15 22.46 10.32
N LEU A 424 3.32 21.78 9.18
CA LEU A 424 4.14 20.57 9.14
C LEU A 424 5.61 20.92 9.32
N ILE A 425 6.03 22.04 8.73
CA ILE A 425 7.41 22.50 8.95
C ILE A 425 7.63 22.69 10.46
N HIS A 426 6.66 23.31 11.16
CA HIS A 426 6.77 23.45 12.62
C HIS A 426 6.72 22.10 13.32
N TRP A 427 5.80 21.22 12.90
CA TRP A 427 5.70 19.89 13.54
C TRP A 427 7.05 19.15 13.47
N LEU A 428 7.71 19.26 12.31
CA LEU A 428 9.02 18.63 12.12
C LEU A 428 10.16 19.31 12.90
N HIS A 429 9.92 20.53 13.42
CA HIS A 429 10.99 21.36 14.02
C HIS A 429 12.04 21.76 12.98
N ALA A 430 11.61 21.84 11.72
CA ALA A 430 12.42 22.45 10.66
C ALA A 430 12.30 23.97 10.78
N ASN A 431 13.22 24.68 10.12
CA ASN A 431 13.20 26.16 10.17
C ASN A 431 13.32 26.80 8.80
N SER A 432 13.31 26.02 7.73
CA SER A 432 13.66 26.58 6.41
C SER A 432 13.29 25.68 5.26
N PHE A 433 13.18 26.27 4.08
CA PHE A 433 13.15 25.47 2.86
C PHE A 433 13.68 26.31 1.69
N ARG A 434 13.82 25.66 0.57
CA ARG A 434 14.22 26.27 -0.71
C ARG A 434 13.05 26.20 -1.65
N THR A 435 12.84 27.23 -2.47
CA THR A 435 11.77 27.16 -3.46
C THR A 435 12.25 26.41 -4.70
N SER A 436 12.63 25.15 -4.48
CA SER A 436 12.98 24.29 -5.63
C SER A 436 11.74 24.11 -6.52
N HIS A 437 11.83 24.28 -7.85
CA HIS A 437 12.93 24.88 -8.59
C HIS A 437 12.37 26.05 -9.40
N TYR A 438 11.72 26.98 -8.70
CA TYR A 438 11.01 28.10 -9.37
C TYR A 438 10.48 28.95 -8.22
N PRO A 439 10.26 30.24 -8.46
CA PRO A 439 9.64 31.05 -7.41
C PRO A 439 8.25 30.52 -7.10
N TYR A 440 7.89 30.53 -5.81
CA TYR A 440 6.60 29.99 -5.38
C TYR A 440 5.53 31.09 -5.42
N ALA A 441 4.29 30.73 -5.09
CA ALA A 441 3.24 31.75 -5.04
C ALA A 441 3.51 32.76 -3.93
N GLU A 442 3.16 34.02 -4.18
CA GLU A 442 3.48 35.11 -3.26
C GLU A 442 2.94 34.87 -1.84
N SER A 443 1.75 34.28 -1.73
CA SER A 443 1.14 34.06 -0.43
C SER A 443 2.01 33.19 0.47
N MET A 444 2.79 32.27 -0.11
CA MET A 444 3.59 31.40 0.74
C MET A 444 4.70 32.19 1.45
N TYR A 445 5.24 33.20 0.78
CA TYR A 445 6.29 34.01 1.40
C TYR A 445 5.70 34.85 2.54
N ASP A 446 4.50 35.39 2.33
CA ASP A 446 3.85 36.15 3.40
C ASP A 446 3.63 35.23 4.60
N LEU A 447 3.19 34.00 4.33
CA LEU A 447 2.96 33.05 5.43
C LEU A 447 4.27 32.77 6.18
N CYS A 448 5.37 32.58 5.44
CA CYS A 448 6.64 32.28 6.11
C CYS A 448 7.20 33.51 6.84
N ASP A 449 6.89 34.72 6.34
CA ASP A 449 7.22 35.94 7.10
C ASP A 449 6.53 35.91 8.47
N ARG A 450 5.23 35.56 8.48
CA ARG A 450 4.51 35.62 9.76
C ARG A 450 4.86 34.41 10.65
N GLU A 451 5.28 33.28 10.04
CA GLU A 451 5.54 32.07 10.82
C GLU A 451 7.01 31.81 11.12
N GLY A 452 7.90 32.73 10.74
CA GLY A 452 9.29 32.60 11.12
C GLY A 452 10.03 31.44 10.46
N ILE A 453 9.76 31.19 9.18
CA ILE A 453 10.43 30.14 8.41
C ILE A 453 11.27 30.78 7.34
N VAL A 454 12.55 30.41 7.28
CA VAL A 454 13.50 30.99 6.35
C VAL A 454 13.41 30.36 4.97
N ILE A 455 13.62 31.15 3.92
CA ILE A 455 13.52 30.71 2.54
C ILE A 455 14.78 31.04 1.74
N ILE A 456 15.19 30.06 0.92
CA ILE A 456 16.16 30.28 -0.17
C ILE A 456 15.32 30.37 -1.46
N ASP A 457 15.34 31.54 -2.11
CA ASP A 457 14.44 31.81 -3.24
C ASP A 457 15.18 31.51 -4.54
N GLU A 458 14.61 30.65 -5.36
CA GLU A 458 15.29 30.11 -6.54
C GLU A 458 14.55 30.35 -7.84
N VAL A 459 15.27 30.75 -8.89
CA VAL A 459 14.67 30.93 -10.21
C VAL A 459 14.52 29.59 -10.97
N PRO A 460 13.69 29.54 -12.04
CA PRO A 460 13.45 28.26 -12.74
C PRO A 460 14.60 27.84 -13.69
N ALA A 461 15.83 28.16 -13.33
CA ALA A 461 16.97 27.82 -14.18
C ALA A 461 17.48 26.42 -13.83
N VAL A 462 16.67 25.43 -14.22
CA VAL A 462 16.94 24.01 -13.90
C VAL A 462 16.98 23.28 -15.24
N GLY A 463 17.88 22.32 -15.35
CA GLY A 463 18.04 21.57 -16.60
C GLY A 463 19.11 22.16 -17.53
N MET A 464 19.91 23.11 -17.03
CA MET A 464 20.85 23.82 -17.93
C MET A 464 22.16 23.08 -18.17
N SER A 465 22.68 23.24 -19.37
CA SER A 465 24.01 22.72 -19.70
C SER A 465 24.63 23.63 -20.77
N TRP A 466 25.71 23.16 -21.36
CA TRP A 466 26.48 24.02 -22.26
C TRP A 466 25.70 24.47 -23.49
N LEU A 467 24.71 23.69 -23.91
CA LEU A 467 23.87 24.10 -25.03
C LEU A 467 23.17 25.43 -24.72
N GLN A 468 22.77 25.60 -23.46
CA GLN A 468 22.10 26.83 -23.08
C GLN A 468 23.03 28.02 -22.92
N TYR A 469 24.26 27.79 -22.46
CA TYR A 469 25.13 28.92 -22.12
C TYR A 469 25.49 29.76 -23.32
N ALA A 470 25.43 29.15 -24.52
CA ALA A 470 25.80 29.85 -25.73
C ALA A 470 24.64 30.60 -26.38
N ASN A 471 23.46 30.48 -25.80
CA ASN A 471 22.24 30.98 -26.41
C ASN A 471 21.79 32.31 -25.80
N PRO A 472 21.82 33.40 -26.58
CA PRO A 472 21.42 34.69 -26.01
C PRO A 472 19.99 34.73 -25.50
N LEU A 473 19.10 33.97 -26.12
CA LEU A 473 17.72 33.97 -25.66
C LEU A 473 17.60 33.40 -24.25
N VAL A 474 18.38 32.34 -23.99
CA VAL A 474 18.38 31.77 -22.63
C VAL A 474 18.97 32.76 -21.61
N ALA A 475 20.08 33.39 -21.95
CA ALA A 475 20.66 34.36 -21.00
C ALA A 475 19.67 35.49 -20.70
N GLU A 476 18.96 35.97 -21.72
CA GLU A 476 17.99 37.02 -21.48
C GLU A 476 16.86 36.52 -20.57
N ARG A 477 16.34 35.33 -20.83
CA ARG A 477 15.26 34.80 -19.96
C ARG A 477 15.77 34.58 -18.53
N HIS A 478 17.05 34.22 -18.38
CA HIS A 478 17.61 33.98 -17.07
C HIS A 478 17.73 35.28 -16.29
N ARG A 479 18.20 36.33 -16.98
CA ARG A 479 18.26 37.64 -16.33
C ARG A 479 16.88 38.13 -15.96
N GLU A 480 15.91 37.94 -16.85
CA GLU A 480 14.52 38.33 -16.55
C GLU A 480 14.03 37.63 -15.31
N ALA A 481 14.33 36.31 -15.19
CA ALA A 481 13.86 35.55 -14.03
C ALA A 481 14.51 36.08 -12.73
N ILE A 482 15.82 36.36 -12.77
CA ILE A 482 16.51 36.85 -11.57
C ILE A 482 15.96 38.22 -11.20
N ARG A 483 15.88 39.15 -12.17
CA ARG A 483 15.35 40.47 -11.86
C ARG A 483 13.92 40.39 -11.36
N GLY A 484 13.11 39.53 -12.00
CA GLY A 484 11.69 39.49 -11.67
C GLY A 484 11.47 38.89 -10.28
N MET A 485 12.22 37.82 -9.97
CA MET A 485 12.10 37.20 -8.65
C MET A 485 12.47 38.20 -7.55
N ILE A 486 13.60 38.89 -7.73
CA ILE A 486 14.09 39.79 -6.66
C ILE A 486 13.17 41.01 -6.58
N ALA A 487 12.72 41.53 -7.73
CA ALA A 487 11.77 42.66 -7.68
C ALA A 487 10.47 42.28 -6.94
N ARG A 488 10.00 41.05 -7.16
CA ARG A 488 8.76 40.60 -6.52
C ARG A 488 8.97 40.37 -5.02
N ASP A 489 10.13 39.81 -4.67
CA ASP A 489 10.30 39.20 -3.35
C ASP A 489 11.20 39.93 -2.38
N LYS A 490 11.78 41.05 -2.81
CA LYS A 490 12.83 41.68 -2.02
C LYS A 490 12.41 42.10 -0.61
N ASN A 491 11.14 42.38 -0.36
CA ASN A 491 10.77 42.90 0.95
C ASN A 491 10.54 41.82 2.01
N HIS A 492 10.59 40.54 1.63
CA HIS A 492 10.33 39.48 2.62
C HIS A 492 11.52 39.29 3.56
N PRO A 493 11.31 39.45 4.88
CA PRO A 493 12.41 39.14 5.78
C PRO A 493 12.73 37.63 5.77
N CYS A 494 11.78 36.75 5.42
CA CYS A 494 12.08 35.35 5.53
C CYS A 494 13.10 34.91 4.48
N ILE A 495 13.25 35.66 3.40
CA ILE A 495 14.21 35.29 2.35
C ILE A 495 15.60 35.73 2.78
N VAL A 496 16.50 34.75 2.90
CA VAL A 496 17.85 35.07 3.35
C VAL A 496 18.92 34.84 2.29
N MET A 497 18.55 34.26 1.15
CA MET A 497 19.53 33.89 0.13
C MET A 497 18.82 33.65 -1.18
N TRP A 498 19.50 33.98 -2.30
CA TRP A 498 19.00 33.73 -3.64
C TRP A 498 19.74 32.57 -4.27
N SER A 499 19.03 31.74 -5.02
CA SER A 499 19.67 30.69 -5.81
C SER A 499 19.49 30.98 -7.30
N ILE A 500 20.59 31.05 -8.06
CA ILE A 500 20.48 31.44 -9.47
C ILE A 500 20.28 30.25 -10.40
N ALA A 501 20.36 29.02 -9.89
CA ALA A 501 20.16 27.82 -10.73
C ALA A 501 20.13 26.59 -9.86
N ASN A 502 19.53 25.52 -10.38
CA ASN A 502 19.66 24.20 -9.75
C ASN A 502 20.26 23.18 -10.72
N ALA A 503 21.33 22.55 -10.28
CA ALA A 503 21.94 21.42 -11.02
C ALA A 503 22.34 21.69 -12.48
N PRO A 504 22.93 22.87 -12.77
CA PRO A 504 23.46 23.05 -14.13
C PRO A 504 24.77 22.27 -14.34
N GLY A 505 25.16 22.08 -15.61
CA GLY A 505 26.46 21.48 -15.89
C GLY A 505 27.58 22.47 -15.61
N LEU A 506 28.49 22.10 -14.71
CA LEU A 506 29.59 23.01 -14.30
C LEU A 506 30.98 22.40 -14.46
N ASP A 507 31.07 21.07 -14.57
CA ASP A 507 32.37 20.38 -14.47
C ASP A 507 32.81 19.86 -15.84
N GLY A 508 33.91 19.12 -15.85
CA GLY A 508 34.38 18.51 -17.06
C GLY A 508 35.77 18.96 -17.47
N ASP A 509 36.10 18.75 -18.74
CA ASP A 509 37.44 19.09 -19.20
C ASP A 509 37.40 20.15 -20.29
N GLY A 510 38.58 20.44 -20.82
CA GLY A 510 38.70 21.48 -21.82
C GLY A 510 38.13 22.79 -21.30
N GLU A 511 37.38 23.48 -22.16
CA GLU A 511 36.85 24.79 -21.82
C GLU A 511 35.51 24.73 -21.09
N ARG A 512 34.95 23.54 -20.92
CA ARG A 512 33.61 23.49 -20.33
C ARG A 512 33.48 24.16 -18.93
N PRO A 513 34.41 23.90 -17.99
CA PRO A 513 34.24 24.56 -16.70
C PRO A 513 34.32 26.08 -16.83
N ARG A 514 35.18 26.60 -17.70
CA ARG A 514 35.28 28.05 -17.86
C ARG A 514 34.04 28.61 -18.53
N GLN A 515 33.49 27.89 -19.51
CA GLN A 515 32.28 28.36 -20.16
C GLN A 515 31.12 28.47 -19.16
N ALA A 516 31.02 27.49 -18.26
CA ALA A 516 29.97 27.54 -17.23
C ALA A 516 30.20 28.73 -16.29
N TYR A 517 31.45 28.93 -15.85
CA TYR A 517 31.74 30.07 -14.99
C TYR A 517 31.39 31.38 -15.69
N ASP A 518 31.79 31.52 -16.95
CA ASP A 518 31.55 32.77 -17.66
C ASP A 518 30.08 33.05 -17.84
N TYR A 519 29.27 32.00 -17.92
CA TYR A 519 27.80 32.17 -18.00
C TYR A 519 27.23 32.61 -16.64
N PHE A 520 27.64 31.94 -15.57
CA PHE A 520 27.00 32.18 -14.28
C PHE A 520 27.51 33.39 -13.50
N ARG A 521 28.80 33.75 -13.66
CA ARG A 521 29.32 34.85 -12.87
C ARG A 521 28.55 36.17 -13.07
N PRO A 522 28.18 36.52 -14.31
CA PRO A 522 27.40 37.77 -14.42
C PRO A 522 26.02 37.66 -13.76
N LEU A 523 25.49 36.44 -13.68
CA LEU A 523 24.18 36.27 -13.06
C LEU A 523 24.28 36.35 -11.53
N TYR A 524 25.38 35.85 -10.97
CA TYR A 524 25.69 36.06 -9.57
C TYR A 524 25.78 37.57 -9.28
N GLU A 525 26.48 38.30 -10.16
CA GLU A 525 26.61 39.74 -9.96
C GLU A 525 25.27 40.46 -10.09
N LEU A 526 24.43 39.99 -11.02
CA LEU A 526 23.11 40.60 -11.20
C LEU A 526 22.22 40.41 -9.98
N ALA A 527 22.26 39.23 -9.38
CA ALA A 527 21.48 38.97 -8.17
C ALA A 527 21.93 39.89 -7.02
N HIS A 528 23.24 40.13 -6.89
CA HIS A 528 23.72 41.10 -5.91
C HIS A 528 23.31 42.54 -6.22
N ALA A 529 23.38 42.93 -7.49
CA ALA A 529 23.05 44.30 -7.87
C ALA A 529 21.56 44.57 -7.71
N SER A 530 20.74 43.55 -7.91
CA SER A 530 19.29 43.73 -7.95
C SER A 530 18.66 43.80 -6.56
N ASP A 531 19.27 43.14 -5.58
CA ASP A 531 18.69 43.07 -4.23
C ASP A 531 19.13 44.23 -3.38
N PRO A 532 18.21 45.11 -2.97
CA PRO A 532 18.69 46.23 -2.14
C PRO A 532 19.24 45.80 -0.79
N GLN A 533 18.87 44.61 -0.34
CA GLN A 533 19.38 44.06 0.92
C GLN A 533 20.76 43.38 0.75
N ASN A 534 21.15 43.12 -0.51
CA ASN A 534 22.45 42.50 -0.81
C ASN A 534 22.63 41.16 -0.08
N ARG A 535 21.60 40.32 -0.14
CA ARG A 535 21.69 38.99 0.50
C ARG A 535 22.68 38.08 -0.25
N PRO A 536 23.17 37.06 0.45
CA PRO A 536 24.05 36.08 -0.23
C PRO A 536 23.40 35.42 -1.44
N VAL A 537 24.24 35.01 -2.36
CA VAL A 537 23.81 34.37 -3.59
C VAL A 537 24.52 33.04 -3.73
N THR A 538 23.75 32.01 -4.08
CA THR A 538 24.29 30.70 -4.30
C THR A 538 23.82 30.17 -5.67
N LEU A 539 24.34 28.99 -5.98
CA LEU A 539 23.99 28.22 -7.15
C LEU A 539 23.92 26.81 -6.61
N VAL A 540 22.78 26.16 -6.75
CA VAL A 540 22.63 24.85 -6.11
C VAL A 540 23.24 23.80 -7.04
N CYS A 541 24.25 23.09 -6.57
CA CYS A 541 25.05 22.24 -7.45
C CYS A 541 24.67 20.75 -7.43
N CYS A 542 24.52 20.15 -8.59
CA CYS A 542 24.28 18.73 -8.67
C CYS A 542 25.52 17.90 -8.32
N GLN A 543 25.32 16.66 -7.93
CA GLN A 543 26.42 15.74 -7.76
C GLN A 543 27.30 15.77 -9.00
N ASN A 544 28.58 16.09 -8.82
CA ASN A 544 29.44 16.23 -9.99
C ASN A 544 30.91 15.98 -9.59
N ASP A 545 31.80 16.14 -10.56
CA ASP A 545 33.24 16.09 -10.28
C ASP A 545 33.57 17.45 -9.69
N TYR A 546 33.51 17.55 -8.36
CA TYR A 546 33.73 18.82 -7.66
C TYR A 546 35.15 19.36 -7.93
N THR A 547 36.10 18.52 -8.35
CA THR A 547 37.47 19.00 -8.57
C THR A 547 37.59 19.76 -9.89
N THR A 548 36.68 19.59 -10.86
CA THR A 548 36.81 20.33 -12.11
C THR A 548 35.73 21.43 -12.28
N ASP A 549 34.71 21.41 -11.43
CA ASP A 549 33.74 22.51 -11.29
C ASP A 549 34.51 23.71 -10.73
N ILE A 550 34.59 24.82 -11.48
CA ILE A 550 35.25 26.02 -10.92
C ILE A 550 34.26 27.14 -10.58
N THR A 551 33.00 26.80 -10.59
CA THR A 551 31.94 27.79 -10.33
C THR A 551 31.36 27.70 -8.91
N GLU A 552 31.04 26.49 -8.45
CA GLU A 552 30.35 26.37 -7.17
C GLU A 552 31.16 27.00 -6.04
N ARG A 553 32.49 26.78 -6.04
CA ARG A 553 33.29 27.23 -4.92
C ARG A 553 33.39 28.78 -4.86
N THR A 554 32.88 29.48 -5.88
CA THR A 554 32.92 30.95 -5.90
C THR A 554 31.64 31.55 -5.32
N MET A 555 30.67 30.71 -4.97
CA MET A 555 29.39 31.21 -4.46
C MET A 555 29.51 31.69 -3.02
N ASP A 556 28.54 32.45 -2.53
CA ASP A 556 28.66 32.98 -1.17
C ASP A 556 28.47 31.92 -0.10
N VAL A 557 27.54 30.99 -0.38
CA VAL A 557 27.34 29.78 0.42
C VAL A 557 27.40 28.66 -0.60
N VAL A 558 28.08 27.58 -0.25
CA VAL A 558 28.16 26.39 -1.10
C VAL A 558 26.94 25.53 -0.81
N CYS A 559 26.10 25.32 -1.83
CA CYS A 559 24.86 24.55 -1.66
C CYS A 559 24.98 23.32 -2.54
N ILE A 560 25.06 22.13 -1.91
CA ILE A 560 25.29 20.93 -2.69
C ILE A 560 24.15 19.93 -2.60
N ASN A 561 23.86 19.32 -3.75
CA ASN A 561 22.94 18.18 -3.84
C ASN A 561 23.77 16.91 -3.96
N ARG A 562 23.64 15.98 -3.03
CA ARG A 562 24.51 14.79 -3.08
C ARG A 562 23.66 13.57 -2.74
N TYR A 563 23.90 12.48 -3.47
CA TYR A 563 23.14 11.26 -3.34
C TYR A 563 24.05 10.06 -3.18
N TYR A 564 25.11 10.25 -2.40
CA TYR A 564 25.99 9.13 -2.02
C TYR A 564 25.18 8.02 -1.36
N GLY A 565 25.32 6.79 -1.83
CA GLY A 565 24.54 5.71 -1.28
C GLY A 565 23.18 5.49 -1.94
N TRP A 566 22.73 6.42 -2.79
CA TRP A 566 21.48 6.23 -3.53
C TRP A 566 21.80 6.06 -5.02
N TYR A 567 22.27 7.11 -5.67
CA TYR A 567 22.57 7.00 -7.12
C TYR A 567 23.96 6.43 -7.38
N ASN A 568 24.76 6.32 -6.34
CA ASN A 568 26.07 5.68 -6.45
C ASN A 568 26.27 4.92 -5.14
N LEU A 569 27.24 3.98 -5.14
CA LEU A 569 27.50 3.17 -3.94
C LEU A 569 26.19 2.65 -3.38
N SER A 570 25.30 2.20 -4.28
CA SER A 570 23.90 2.08 -3.90
C SER A 570 23.66 1.12 -2.74
N GLY A 571 23.03 1.61 -1.69
CA GLY A 571 22.64 0.78 -0.58
C GLY A 571 23.74 0.53 0.44
N ASP A 572 24.96 1.00 0.16
CA ASP A 572 26.12 0.74 1.01
C ASP A 572 26.44 1.99 1.82
N LEU A 573 25.85 2.10 3.01
CA LEU A 573 25.97 3.34 3.78
C LEU A 573 27.39 3.54 4.29
N ASP A 574 28.13 2.47 4.56
CA ASP A 574 29.53 2.66 4.94
C ASP A 574 30.32 3.32 3.82
N ALA A 575 30.20 2.79 2.61
CA ALA A 575 30.92 3.38 1.49
C ALA A 575 30.42 4.79 1.21
N ALA A 576 29.11 4.98 1.31
CA ALA A 576 28.50 6.29 1.07
C ALA A 576 29.11 7.33 2.01
N CYS A 577 29.24 6.96 3.29
CA CYS A 577 29.80 7.92 4.26
C CYS A 577 31.27 8.15 4.02
N HIS A 578 32.00 7.10 3.60
CA HIS A 578 33.40 7.29 3.26
C HIS A 578 33.54 8.28 2.09
N ALA A 579 32.73 8.08 1.04
CA ALA A 579 32.81 8.97 -0.13
C ALA A 579 32.42 10.38 0.27
N LEU A 580 31.34 10.52 1.03
CA LEU A 580 30.94 11.83 1.49
C LEU A 580 32.08 12.51 2.24
N ASN A 581 32.75 11.78 3.14
CA ASN A 581 33.84 12.40 3.89
C ASN A 581 35.01 12.84 3.01
N ILE A 582 35.30 12.10 1.94
CA ILE A 582 36.33 12.55 1.01
C ILE A 582 35.92 13.90 0.39
N GLU A 583 34.69 14.03 -0.06
CA GLU A 583 34.28 15.31 -0.61
C GLU A 583 34.18 16.39 0.48
N LEU A 584 33.75 16.03 1.68
CA LEU A 584 33.74 17.04 2.75
C LEU A 584 35.16 17.58 3.03
N ASP A 585 36.18 16.71 2.90
CA ASP A 585 37.55 17.17 3.09
C ASP A 585 37.91 18.25 2.06
N PHE A 586 37.44 18.07 0.83
CA PHE A 586 37.62 19.07 -0.23
C PHE A 586 37.01 20.41 0.19
N TRP A 587 35.74 20.36 0.64
CA TRP A 587 35.07 21.61 1.02
C TRP A 587 35.65 22.23 2.27
N GLU A 588 36.18 21.40 3.17
CA GLU A 588 36.85 21.93 4.36
C GLU A 588 38.02 22.84 3.97
N ASN A 589 38.77 22.43 2.94
CA ASN A 589 39.91 23.24 2.48
C ASN A 589 39.49 24.59 1.90
N ILE A 590 38.34 24.62 1.25
CA ILE A 590 37.90 25.84 0.58
C ILE A 590 37.53 26.92 1.60
N GLY A 591 37.04 26.53 2.77
CA GLY A 591 36.87 27.49 3.85
C GLY A 591 35.65 28.40 3.76
N LYS A 592 34.63 27.97 3.01
CA LYS A 592 33.35 28.67 2.93
C LYS A 592 32.28 27.91 3.72
N PRO A 593 31.16 28.58 4.03
CA PRO A 593 30.05 27.81 4.61
C PRO A 593 29.43 26.89 3.57
N VAL A 594 29.06 25.69 4.00
CA VAL A 594 28.54 24.67 3.09
C VAL A 594 27.27 24.09 3.69
N MET A 595 26.30 23.80 2.83
CA MET A 595 25.09 23.10 3.29
C MET A 595 24.58 22.14 2.25
N PHE A 596 23.89 21.11 2.72
CA PHE A 596 23.09 20.29 1.80
C PHE A 596 21.85 21.06 1.37
N THR A 597 21.56 21.01 0.08
CA THR A 597 20.25 21.42 -0.38
C THR A 597 19.43 20.24 -0.92
N GLU A 598 20.09 19.10 -1.18
CA GLU A 598 19.36 17.84 -1.50
C GLU A 598 20.19 16.67 -1.03
N TYR A 599 19.51 15.66 -0.51
CA TYR A 599 20.04 14.31 -0.29
C TYR A 599 18.86 13.48 0.20
N GLY A 600 18.79 12.23 -0.22
CA GLY A 600 17.66 11.42 0.16
C GLY A 600 17.60 10.12 -0.61
N ALA A 601 16.47 9.45 -0.49
CA ALA A 601 16.30 8.07 -0.94
C ALA A 601 14.84 7.84 -1.26
N ASP A 602 14.52 7.32 -2.45
CA ASP A 602 13.12 7.04 -2.71
C ASP A 602 12.59 6.01 -1.75
N THR A 603 11.36 6.22 -1.28
CA THR A 603 10.84 5.46 -0.15
C THR A 603 9.34 5.24 -0.34
N ILE A 604 8.93 3.98 -0.43
CA ILE A 604 7.52 3.67 -0.55
C ILE A 604 6.94 3.40 0.80
N GLU A 605 6.02 4.28 1.26
CA GLU A 605 5.45 4.06 2.59
C GLU A 605 4.86 2.65 2.64
N GLY A 606 5.11 1.99 3.77
CA GLY A 606 4.63 0.64 3.98
C GLY A 606 5.60 -0.45 3.62
N ILE A 607 6.66 -0.12 2.86
CA ILE A 607 7.72 -1.13 2.62
C ILE A 607 8.67 -1.10 3.82
N HIS A 608 8.81 -2.24 4.47
CA HIS A 608 9.57 -2.34 5.69
C HIS A 608 10.55 -3.51 5.63
N GLY A 609 11.67 -3.36 6.33
CA GLY A 609 12.60 -4.47 6.49
C GLY A 609 13.34 -4.34 7.80
N THR A 610 13.72 -5.48 8.43
CA THR A 610 14.55 -5.40 9.64
C THR A 610 15.95 -4.87 9.32
N HIS A 611 16.43 -5.15 8.11
CA HIS A 611 17.68 -4.56 7.60
C HIS A 611 17.28 -3.84 6.34
N GLY A 612 16.91 -2.58 6.51
CA GLY A 612 16.24 -1.83 5.47
C GLY A 612 17.04 -1.72 4.19
N GLU A 613 16.45 -2.16 3.08
CA GLU A 613 17.06 -1.96 1.76
C GLU A 613 16.41 -0.80 1.04
N MET A 614 17.02 -0.40 -0.08
CA MET A 614 16.51 0.72 -0.84
C MET A 614 15.01 0.58 -1.13
N PHE A 615 14.29 1.68 -0.89
CA PHE A 615 12.83 1.88 -1.03
C PHE A 615 12.08 1.56 0.26
N SER A 616 12.73 0.94 1.25
CA SER A 616 12.05 0.74 2.53
C SER A 616 12.06 2.00 3.40
N GLU A 617 11.08 2.11 4.31
CA GLU A 617 11.08 3.21 5.26
C GLU A 617 12.32 3.20 6.12
N GLU A 618 12.79 2.00 6.50
CA GLU A 618 13.98 1.89 7.37
C GLU A 618 15.23 2.40 6.65
N PHE A 619 15.39 2.07 5.37
CA PHE A 619 16.58 2.56 4.68
C PHE A 619 16.60 4.09 4.66
N GLN A 620 15.45 4.72 4.44
CA GLN A 620 15.41 6.19 4.41
C GLN A 620 15.81 6.78 5.76
N ARG A 621 15.30 6.19 6.83
CA ARG A 621 15.68 6.64 8.17
C ARG A 621 17.19 6.42 8.42
N ASP A 622 17.66 5.24 8.05
CA ASP A 622 19.09 4.89 8.27
C ASP A 622 19.98 5.82 7.45
N TYR A 623 19.52 6.16 6.25
CA TYR A 623 20.26 7.04 5.33
C TYR A 623 20.53 8.38 6.03
N TYR A 624 19.50 9.00 6.54
CA TYR A 624 19.68 10.28 7.21
C TYR A 624 20.47 10.14 8.50
N ALA A 625 20.23 9.07 9.26
CA ALA A 625 20.97 8.90 10.49
C ALA A 625 22.48 8.83 10.22
N ARG A 626 22.88 8.06 9.20
CA ARG A 626 24.29 7.89 8.92
C ARG A 626 24.89 9.17 8.34
N ILE A 627 24.24 9.77 7.32
CA ILE A 627 24.80 10.96 6.69
C ILE A 627 24.87 12.12 7.70
N ASN A 628 23.81 12.30 8.51
CA ASN A 628 23.81 13.45 9.41
C ASN A 628 24.88 13.30 10.48
N ALA A 629 25.19 12.07 10.89
CA ALA A 629 26.27 11.88 11.88
C ALA A 629 27.61 12.37 11.31
N GLU A 630 27.79 12.27 9.99
CA GLU A 630 29.04 12.74 9.41
C GLU A 630 29.11 14.26 9.32
N ILE A 631 28.03 14.92 8.87
CA ILE A 631 28.12 16.39 8.75
C ILE A 631 28.13 17.06 10.13
N ASP A 632 27.64 16.37 11.18
CA ASP A 632 27.71 16.92 12.54
C ASP A 632 29.15 17.12 12.98
N LYS A 633 30.09 16.39 12.38
CA LYS A 633 31.52 16.50 12.76
C LYS A 633 32.22 17.69 12.10
N ARG A 634 31.54 18.39 11.19
CA ARG A 634 32.17 19.48 10.44
C ARG A 634 31.62 20.84 10.88
N PRO A 635 32.43 21.68 11.54
CA PRO A 635 31.87 22.92 12.10
C PRO A 635 31.41 23.92 11.04
N TRP A 636 31.95 23.77 9.83
CA TRP A 636 31.72 24.68 8.72
C TRP A 636 30.51 24.28 7.87
N PHE A 637 29.86 23.17 8.25
CA PHE A 637 28.71 22.67 7.51
C PHE A 637 27.49 23.24 8.21
N ILE A 638 26.87 24.25 7.60
CA ILE A 638 25.92 25.09 8.31
C ILE A 638 24.44 24.84 7.99
N GLY A 639 24.15 23.74 7.31
CA GLY A 639 22.75 23.44 7.12
C GLY A 639 22.49 22.11 6.48
N GLU A 640 21.29 21.62 6.74
CA GLU A 640 20.85 20.36 6.15
C GLU A 640 19.44 20.57 5.58
N GLN A 641 19.38 20.76 4.27
CA GLN A 641 18.10 20.74 3.56
C GLN A 641 18.09 19.46 2.74
N LEU A 642 17.16 18.57 3.08
CA LEU A 642 17.08 17.28 2.39
C LEU A 642 16.16 17.34 1.16
N TRP A 643 16.19 16.27 0.38
CA TRP A 643 15.25 16.13 -0.74
C TRP A 643 14.38 14.93 -0.41
N ASN A 644 13.05 15.06 -0.31
CA ASN A 644 12.24 16.28 -0.44
C ASN A 644 11.28 16.32 0.76
N PHE A 645 10.67 17.47 1.00
CA PHE A 645 9.56 17.57 1.94
C PHE A 645 8.49 16.47 1.72
N ALA A 646 8.03 16.34 0.48
CA ALA A 646 6.94 15.43 0.18
C ALA A 646 7.05 14.86 -1.22
N ASP A 647 6.56 13.63 -1.38
CA ASP A 647 6.55 12.99 -2.69
C ASP A 647 5.81 13.87 -3.71
N PHE A 648 6.27 13.90 -4.94
CA PHE A 648 5.70 14.81 -5.94
C PHE A 648 5.72 14.20 -7.34
N ALA A 649 4.92 14.76 -8.24
CA ALA A 649 4.76 14.18 -9.59
C ALA A 649 5.95 14.46 -10.50
N THR A 650 6.27 13.50 -11.36
CA THR A 650 7.31 13.66 -12.37
C THR A 650 6.82 13.10 -13.70
N PHE A 651 7.57 13.37 -14.76
CA PHE A 651 7.42 12.61 -16.00
C PHE A 651 7.57 11.10 -15.68
N GLN A 652 6.82 10.25 -16.37
CA GLN A 652 6.89 8.82 -16.07
C GLN A 652 8.21 8.22 -16.57
N GLY A 653 8.69 7.20 -15.86
CA GLY A 653 9.91 6.54 -16.28
C GLY A 653 10.30 5.44 -15.32
N ILE A 654 11.34 4.68 -15.66
CA ILE A 654 11.61 3.46 -14.90
C ILE A 654 12.15 3.72 -13.51
N ILE A 655 12.56 4.95 -13.21
CA ILE A 655 13.03 5.19 -11.83
C ILE A 655 12.06 6.02 -10.99
N ARG A 656 10.85 6.26 -11.52
CA ARG A 656 9.91 7.13 -10.82
C ARG A 656 8.64 6.33 -10.51
N VAL A 657 8.52 5.89 -9.26
CA VAL A 657 7.41 5.03 -8.87
C VAL A 657 6.23 5.93 -8.51
N GLU A 658 5.43 6.24 -9.52
CA GLU A 658 4.43 7.25 -9.41
C GLU A 658 5.04 8.56 -8.88
N GLY A 659 6.01 9.06 -9.62
CA GLY A 659 6.69 10.29 -9.31
C GLY A 659 7.92 10.06 -8.47
N ASN A 660 8.36 11.15 -7.86
CA ASN A 660 9.56 11.13 -7.01
C ASN A 660 9.13 10.77 -5.60
N ARG A 661 9.74 9.73 -5.02
CA ARG A 661 9.31 9.22 -3.72
C ARG A 661 10.36 9.49 -2.63
N LYS A 662 11.19 10.52 -2.84
CA LYS A 662 12.15 10.88 -1.81
C LYS A 662 11.54 11.76 -0.70
N GLY A 663 10.24 12.04 -0.79
CA GLY A 663 9.59 12.76 0.28
C GLY A 663 9.78 12.07 1.65
N ILE A 664 10.04 12.86 2.68
CA ILE A 664 9.90 12.33 4.04
C ILE A 664 8.43 12.26 4.45
N LEU A 665 7.58 13.03 3.77
CA LEU A 665 6.12 12.87 3.82
C LEU A 665 5.64 12.28 2.50
N THR A 666 4.50 11.61 2.56
CA THR A 666 3.84 11.17 1.34
C THR A 666 3.25 12.40 0.59
N ARG A 667 2.75 12.17 -0.61
CA ARG A 667 2.15 13.28 -1.37
C ARG A 667 0.94 13.84 -0.62
N ASP A 668 0.30 12.99 0.18
CA ASP A 668 -0.82 13.44 1.02
C ASP A 668 -0.38 13.94 2.41
N ARG A 669 0.92 14.24 2.55
CA ARG A 669 1.51 14.90 3.71
C ARG A 669 1.49 14.00 4.97
N GLN A 670 1.58 12.69 4.78
CA GLN A 670 1.62 11.79 5.94
C GLN A 670 3.09 11.38 6.19
N PRO A 671 3.45 11.23 7.46
CA PRO A 671 4.88 11.04 7.79
C PRO A 671 5.40 9.63 7.64
N LYS A 672 6.47 9.45 6.88
CA LYS A 672 7.18 8.18 6.84
C LYS A 672 8.07 8.06 8.08
N MET A 673 8.62 6.87 8.32
CA MET A 673 9.51 6.68 9.46
C MET A 673 10.60 7.76 9.59
N ALA A 674 11.21 8.10 8.45
CA ALA A 674 12.30 9.07 8.47
C ALA A 674 11.82 10.43 8.98
N ALA A 675 10.57 10.81 8.68
CA ALA A 675 10.04 12.08 9.18
C ALA A 675 10.01 12.10 10.70
N HIS A 676 9.62 10.97 11.32
CA HIS A 676 9.61 10.93 12.78
C HIS A 676 11.02 11.03 13.34
N TRP A 677 11.97 10.36 12.68
CA TRP A 677 13.37 10.38 13.14
C TRP A 677 13.93 11.80 13.02
N LEU A 678 13.66 12.45 11.89
CA LEU A 678 14.12 13.82 11.67
C LEU A 678 13.48 14.80 12.64
N ARG A 679 12.19 14.62 12.92
CA ARG A 679 11.50 15.46 13.90
C ARG A 679 12.20 15.39 15.26
N GLU A 680 12.59 14.19 15.69
CA GLU A 680 13.29 14.05 16.95
C GLU A 680 14.69 14.71 16.93
N ARG A 681 15.40 14.52 15.82
CA ARG A 681 16.71 15.14 15.66
C ARG A 681 16.59 16.67 15.70
N TRP A 682 15.66 17.19 14.90
CA TRP A 682 15.56 18.63 14.72
C TRP A 682 15.02 19.30 15.98
N ALA A 683 14.25 18.55 16.79
CA ALA A 683 13.79 19.08 18.07
C ALA A 683 14.98 19.48 18.97
N GLY A 684 16.10 18.79 18.79
CA GLY A 684 17.23 19.03 19.67
C GLY A 684 18.31 19.94 19.10
N ILE A 685 18.05 20.53 17.93
CA ILE A 685 19.03 21.42 17.27
C ILE A 685 18.49 22.85 17.27
N PRO A 686 19.23 23.78 17.89
CA PRO A 686 18.74 25.15 17.94
C PRO A 686 18.93 25.90 16.64
N ASP A 687 18.09 26.89 16.37
CA ASP A 687 18.29 27.71 15.19
C ASP A 687 19.64 28.45 15.21
N TYR A 688 20.04 28.91 16.38
CA TYR A 688 21.32 29.62 16.53
C TYR A 688 22.26 28.88 17.44
N GLY A 689 23.54 28.88 17.06
CA GLY A 689 24.57 28.35 17.95
C GLY A 689 24.82 26.86 17.94
N TYR A 690 24.20 26.12 17.02
CA TYR A 690 24.46 24.66 16.95
C TYR A 690 25.95 24.42 16.64
N LYS A 691 26.48 25.23 15.72
CA LYS A 691 27.87 25.24 15.36
C LYS A 691 28.45 26.65 15.52
N ASN B 23 26.75 -40.96 -15.50
CA ASN B 23 26.18 -39.60 -15.58
C ASN B 23 24.76 -39.64 -15.03
N GLY B 24 24.21 -40.82 -14.81
CA GLY B 24 22.87 -40.89 -14.26
C GLY B 24 22.75 -40.27 -12.87
N MET B 25 21.64 -39.58 -12.65
CA MET B 25 21.33 -38.97 -11.36
C MET B 25 19.84 -39.18 -11.06
N LEU B 26 19.42 -40.45 -11.11
CA LEU B 26 18.03 -40.79 -10.82
C LEU B 26 17.67 -40.31 -9.42
N TYR B 27 16.47 -39.73 -9.28
CA TYR B 27 16.07 -39.26 -7.95
C TYR B 27 15.95 -40.46 -7.01
N PRO B 28 16.49 -40.33 -5.79
CA PRO B 28 16.46 -41.45 -4.84
C PRO B 28 15.06 -42.04 -4.62
N GLN B 29 14.93 -43.37 -4.66
CA GLN B 29 13.64 -44.02 -4.44
C GLN B 29 13.71 -45.04 -3.33
N SER B 30 12.58 -45.25 -2.66
CA SER B 30 12.43 -46.34 -1.71
C SER B 30 11.55 -47.42 -2.34
N ASN B 31 12.02 -48.67 -2.26
CA ASN B 31 11.27 -49.82 -2.76
C ASN B 31 11.78 -51.06 -2.04
N ASP B 32 11.49 -52.28 -2.54
CA ASP B 32 11.94 -53.48 -1.82
C ASP B 32 13.45 -53.61 -1.83
N SER B 33 14.11 -52.92 -2.76
CA SER B 33 15.55 -53.06 -2.93
C SER B 33 16.35 -51.84 -2.51
N ARG B 34 15.64 -50.76 -2.17
CA ARG B 34 16.29 -49.46 -1.92
C ARG B 34 15.60 -48.68 -0.82
N ILE B 35 16.35 -47.92 -0.03
CA ILE B 35 15.69 -47.03 0.91
C ILE B 35 16.33 -45.64 0.91
N VAL B 36 15.51 -44.63 1.18
CA VAL B 36 15.98 -43.25 1.28
C VAL B 36 15.81 -42.75 2.71
N PHE B 37 16.86 -42.11 3.22
CA PHE B 37 16.82 -41.50 4.54
C PHE B 37 17.08 -40.00 4.39
N PRO B 38 15.99 -39.21 4.37
CA PRO B 38 16.13 -37.74 4.27
C PRO B 38 16.95 -37.15 5.41
N LEU B 39 17.74 -36.13 5.08
CA LEU B 39 18.56 -35.44 6.07
C LEU B 39 18.14 -33.99 6.21
N ASP B 40 16.95 -33.67 5.73
CA ASP B 40 16.39 -32.34 5.88
C ASP B 40 16.06 -32.09 7.35
N GLY B 41 15.89 -30.82 7.73
CA GLY B 41 15.51 -30.47 9.09
C GLY B 41 16.24 -29.22 9.53
N VAL B 42 16.34 -29.00 10.82
CA VAL B 42 17.07 -27.83 11.32
C VAL B 42 18.51 -28.26 11.62
N TRP B 43 19.45 -27.72 10.84
CA TRP B 43 20.86 -28.00 10.99
C TRP B 43 21.53 -26.95 11.85
N ASP B 44 22.79 -27.22 12.19
CA ASP B 44 23.67 -26.21 12.78
C ASP B 44 24.36 -25.42 11.66
N PHE B 45 24.73 -24.18 11.93
CA PHE B 45 25.23 -23.27 10.90
C PHE B 45 26.13 -22.21 11.48
N ARG B 46 27.21 -21.89 10.77
CA ARG B 46 28.06 -20.74 11.11
C ARG B 46 28.45 -20.03 9.85
N THR B 47 28.56 -18.71 9.89
CA THR B 47 29.18 -18.01 8.76
C THR B 47 30.67 -18.17 8.88
N ALA B 48 31.37 -18.06 7.76
CA ALA B 48 32.82 -18.15 7.74
C ALA B 48 33.39 -17.00 6.90
N GLY B 49 34.59 -17.18 6.35
CA GLY B 49 35.33 -16.09 5.74
C GLY B 49 35.07 -15.79 4.29
N GLU B 50 35.64 -14.69 3.82
CA GLU B 50 35.45 -14.33 2.43
C GLU B 50 36.09 -15.35 1.49
N ASP B 51 37.23 -15.93 1.92
CA ASP B 51 37.98 -16.82 1.04
C ASP B 51 38.39 -18.13 1.73
N SER B 52 37.90 -18.37 2.95
CA SER B 52 38.30 -19.56 3.69
C SER B 52 37.28 -19.89 4.77
N TYR B 53 37.41 -21.09 5.33
CA TYR B 53 36.60 -21.48 6.49
C TYR B 53 37.46 -22.42 7.29
N PRO B 54 37.15 -22.59 8.57
CA PRO B 54 38.02 -23.47 9.37
C PRO B 54 37.80 -24.94 9.03
N ALA B 55 38.79 -25.60 8.45
CA ALA B 55 38.67 -27.00 8.06
C ALA B 55 38.40 -27.87 9.30
N GLU B 56 38.91 -27.43 10.46
CA GLU B 56 38.77 -28.21 11.68
C GLU B 56 37.33 -28.28 12.16
N TRP B 57 36.46 -27.40 11.65
CA TRP B 57 35.05 -27.48 12.00
C TRP B 57 34.42 -28.81 11.55
N ALA B 58 35.05 -29.51 10.62
CA ALA B 58 34.53 -30.82 10.20
C ALA B 58 34.84 -31.94 11.22
N ASP B 59 35.66 -31.65 12.23
CA ASP B 59 36.16 -32.68 13.15
C ASP B 59 35.40 -32.76 14.46
N ALA B 60 34.52 -31.81 14.70
CA ALA B 60 33.78 -31.72 15.96
C ALA B 60 32.54 -30.86 15.72
N PRO B 61 31.58 -30.91 16.65
CA PRO B 61 30.39 -30.06 16.49
C PRO B 61 30.77 -28.58 16.34
N LEU B 62 30.09 -27.86 15.44
CA LEU B 62 30.36 -26.43 15.25
C LEU B 62 30.27 -25.71 16.57
N PRO B 63 31.19 -24.79 16.84
CA PRO B 63 31.03 -24.03 18.08
C PRO B 63 29.93 -22.96 17.95
N GLU B 64 29.17 -22.75 19.03
CA GLU B 64 28.11 -21.75 19.06
C GLU B 64 27.29 -21.65 17.77
N PRO B 65 26.71 -22.78 17.34
CA PRO B 65 26.00 -22.75 16.05
C PRO B 65 24.70 -21.98 16.11
N LEU B 66 24.32 -21.47 14.94
CA LEU B 66 22.98 -20.95 14.68
C LEU B 66 22.12 -22.04 14.11
N PRO B 67 20.79 -21.93 14.27
CA PRO B 67 19.92 -22.88 13.56
C PRO B 67 19.74 -22.51 12.10
N MET B 68 19.55 -23.49 11.22
CA MET B 68 19.35 -23.18 9.82
C MET B 68 18.56 -24.32 9.19
N ALA B 69 17.37 -24.01 8.68
CA ALA B 69 16.53 -25.05 8.10
C ALA B 69 17.04 -25.41 6.72
N VAL B 70 16.99 -26.70 6.43
CA VAL B 70 17.39 -27.30 5.17
C VAL B 70 16.23 -28.14 4.67
N PRO B 71 15.78 -27.95 3.43
CA PRO B 71 16.28 -27.01 2.41
C PRO B 71 15.81 -25.59 2.62
N GLY B 72 16.61 -24.68 2.11
CA GLY B 72 16.27 -23.27 2.14
C GLY B 72 17.50 -22.45 1.79
N SER B 73 17.32 -21.23 1.29
CA SER B 73 18.46 -20.33 1.26
C SER B 73 18.76 -19.94 2.70
N TYR B 74 20.01 -19.63 3.02
CA TYR B 74 20.25 -19.18 4.38
C TYR B 74 19.97 -17.69 4.56
N ASN B 75 19.87 -16.92 3.47
CA ASN B 75 20.00 -15.47 3.61
C ASN B 75 18.90 -14.79 4.40
N ASP B 76 17.69 -15.34 4.32
CA ASP B 76 16.53 -14.74 4.98
C ASP B 76 16.08 -15.53 6.20
N GLN B 77 16.99 -16.36 6.73
CA GLN B 77 16.65 -17.16 7.92
C GLN B 77 17.25 -16.63 9.23
N ASN B 78 17.78 -15.42 9.23
CA ASN B 78 18.24 -14.86 10.49
C ASN B 78 18.23 -13.35 10.49
N ASP B 79 17.22 -12.77 11.12
CA ASP B 79 17.10 -11.31 11.08
C ASP B 79 18.01 -10.57 12.06
N GLU B 80 18.77 -11.28 12.89
CA GLU B 80 19.78 -10.61 13.73
C GLU B 80 20.98 -10.25 12.89
N LEU B 81 21.19 -11.03 11.86
CA LEU B 81 22.28 -10.84 10.91
C LEU B 81 21.80 -10.24 9.60
N ASN B 82 22.71 -9.79 8.77
CA ASN B 82 22.35 -9.36 7.42
C ASN B 82 22.98 -10.32 6.45
N LEU B 83 22.47 -11.53 6.38
CA LEU B 83 23.11 -12.55 5.55
C LEU B 83 22.91 -12.30 4.06
N ARG B 84 22.01 -11.38 3.67
CA ARG B 84 21.98 -11.02 2.26
C ARG B 84 23.30 -10.36 1.86
N ALA B 85 24.00 -9.74 2.81
CA ALA B 85 25.29 -9.08 2.51
C ALA B 85 26.47 -10.03 2.61
N HIS B 86 26.24 -11.28 3.00
CA HIS B 86 27.38 -12.18 3.20
C HIS B 86 28.15 -12.44 1.91
N TYR B 87 29.47 -12.46 2.05
CA TYR B 87 30.35 -12.78 0.94
C TYR B 87 31.30 -13.91 1.33
N GLY B 88 31.23 -15.03 0.60
CA GLY B 88 32.18 -16.12 0.82
C GLY B 88 31.52 -17.37 1.34
N TRP B 89 32.10 -17.96 2.38
CA TRP B 89 31.73 -19.26 2.88
C TRP B 89 30.81 -19.22 4.08
N VAL B 90 29.97 -20.25 4.17
CA VAL B 90 29.26 -20.60 5.41
C VAL B 90 29.46 -22.10 5.61
N VAL B 91 29.22 -22.57 6.83
CA VAL B 91 29.36 -23.99 7.11
C VAL B 91 28.12 -24.52 7.79
N TYR B 92 27.52 -25.51 7.16
CA TYR B 92 26.40 -26.29 7.73
C TYR B 92 26.89 -27.55 8.42
N GLN B 93 26.15 -28.05 9.40
CA GLN B 93 26.52 -29.33 10.01
C GLN B 93 25.34 -29.96 10.69
N ARG B 94 25.28 -31.29 10.66
CA ARG B 94 24.32 -32.01 11.47
C ARG B 94 24.85 -33.40 11.71
N SER B 95 24.21 -34.07 12.68
CA SER B 95 24.51 -35.48 12.95
C SER B 95 23.35 -36.36 12.51
N PHE B 96 23.64 -37.62 12.26
CA PHE B 96 22.58 -38.60 11.99
C PHE B 96 23.04 -39.98 12.36
N ALA B 97 22.09 -40.86 12.62
CA ALA B 97 22.41 -42.26 12.91
C ALA B 97 21.40 -43.16 12.21
N VAL B 98 21.82 -44.32 11.70
CA VAL B 98 20.86 -45.27 11.13
C VAL B 98 21.20 -46.68 11.59
N PRO B 99 20.20 -47.58 11.62
CA PRO B 99 20.49 -48.93 12.10
C PRO B 99 21.53 -49.65 11.27
N SER B 100 22.40 -50.40 11.95
CA SER B 100 23.40 -51.20 11.27
C SER B 100 22.74 -52.13 10.26
N ARG B 101 21.54 -52.60 10.59
CA ARG B 101 20.81 -53.52 9.74
C ARG B 101 20.55 -52.91 8.36
N LEU B 102 20.46 -51.59 8.31
CA LEU B 102 20.06 -50.92 7.07
C LEU B 102 21.23 -50.72 6.12
N VAL B 103 22.43 -50.60 6.68
CA VAL B 103 23.59 -50.32 5.86
C VAL B 103 24.27 -51.60 5.40
N ALA B 104 24.06 -52.70 6.13
CA ALA B 104 24.77 -53.94 5.87
C ALA B 104 24.64 -54.41 4.43
N GLY B 105 25.78 -54.52 3.75
CA GLY B 105 25.81 -55.07 2.41
C GLY B 105 25.35 -54.11 1.33
N GLN B 106 24.96 -52.89 1.69
CA GLN B 106 24.41 -51.96 0.70
C GLN B 106 25.45 -50.94 0.25
N ARG B 107 25.21 -50.38 -0.92
CA ARG B 107 25.96 -49.23 -1.43
C ARG B 107 25.27 -47.99 -0.86
N MET B 108 26.02 -47.17 -0.14
CA MET B 108 25.47 -46.02 0.58
C MET B 108 25.87 -44.74 -0.14
N ILE B 109 24.87 -43.97 -0.55
CA ILE B 109 25.11 -42.75 -1.34
C ILE B 109 24.51 -41.52 -0.65
N LEU B 110 25.31 -40.46 -0.54
CA LEU B 110 24.84 -39.19 0.02
C LEU B 110 24.58 -38.21 -1.12
N ARG B 111 23.32 -37.79 -1.29
CA ARG B 111 22.93 -36.89 -2.39
C ARG B 111 22.55 -35.51 -1.88
N PHE B 112 23.12 -34.51 -2.55
CA PHE B 112 22.75 -33.11 -2.37
C PHE B 112 21.95 -32.68 -3.60
N ASP B 113 20.68 -32.37 -3.42
CA ASP B 113 19.89 -31.96 -4.58
C ASP B 113 20.40 -30.63 -5.18
N ALA B 114 20.86 -29.71 -4.34
CA ALA B 114 21.53 -28.46 -4.79
C ALA B 114 22.20 -27.78 -3.64
N ALA B 115 23.44 -27.35 -3.86
CA ALA B 115 24.16 -26.50 -2.90
C ALA B 115 24.66 -25.33 -3.71
N THR B 116 24.19 -24.14 -3.37
CA THR B 116 24.40 -22.96 -4.20
C THR B 116 25.47 -22.09 -3.59
N HIS B 117 26.62 -21.85 -4.24
CA HIS B 117 27.01 -22.31 -5.58
C HIS B 117 28.02 -23.45 -5.62
N ALA B 118 28.88 -23.54 -4.61
CA ALA B 118 29.93 -24.55 -4.57
C ALA B 118 29.98 -25.12 -3.17
N ALA B 119 30.39 -26.38 -3.04
CA ALA B 119 30.39 -26.99 -1.71
C ALA B 119 31.56 -27.92 -1.52
N ASP B 120 32.07 -27.96 -0.28
CA ASP B 120 33.02 -29.00 0.15
C ASP B 120 32.27 -29.85 1.17
N VAL B 121 32.28 -31.16 1.00
CA VAL B 121 31.49 -32.00 1.91
C VAL B 121 32.37 -32.95 2.70
N TYR B 122 32.15 -32.99 4.01
CA TYR B 122 32.90 -33.86 4.89
C TYR B 122 31.99 -34.78 5.64
N LEU B 123 32.43 -36.02 5.85
CA LEU B 123 31.68 -36.95 6.70
C LEU B 123 32.65 -37.56 7.71
N ASN B 124 32.35 -37.39 9.00
CA ASN B 124 33.23 -37.86 10.07
C ASN B 124 34.66 -37.37 9.87
N GLY B 125 34.76 -36.13 9.39
CA GLY B 125 36.04 -35.48 9.20
C GLY B 125 36.76 -35.78 7.89
N GLN B 126 36.20 -36.66 7.08
CA GLN B 126 36.85 -37.03 5.83
C GLN B 126 36.25 -36.20 4.72
N LEU B 127 37.10 -35.56 3.94
CA LEU B 127 36.64 -34.81 2.78
C LEU B 127 36.13 -35.82 1.75
N LEU B 128 34.84 -35.74 1.42
CA LEU B 128 34.27 -36.60 0.40
C LEU B 128 34.57 -36.06 -0.99
N GLY B 129 34.54 -34.73 -1.10
CA GLY B 129 34.79 -34.08 -2.37
C GLY B 129 34.07 -32.76 -2.41
N SER B 130 34.06 -32.16 -3.61
CA SER B 130 33.52 -30.84 -3.83
C SER B 130 32.65 -30.79 -5.07
N HIS B 131 31.82 -29.76 -5.16
CA HIS B 131 30.98 -29.56 -6.33
C HIS B 131 30.96 -28.09 -6.65
N PHE B 132 30.95 -27.80 -7.95
CA PHE B 132 30.78 -26.45 -8.45
C PHE B 132 29.58 -26.42 -9.38
N GLY B 133 28.63 -25.52 -9.13
CA GLY B 133 27.43 -25.45 -9.94
C GLY B 133 26.24 -25.47 -8.99
N GLY B 134 25.51 -24.36 -8.87
CA GLY B 134 24.60 -24.21 -7.75
C GLY B 134 23.21 -24.76 -7.89
N PHE B 135 22.88 -25.36 -9.05
CA PHE B 135 21.48 -25.67 -9.35
C PHE B 135 21.25 -27.07 -9.86
N LEU B 136 22.24 -27.96 -9.72
CA LEU B 136 22.12 -29.35 -10.15
C LEU B 136 22.63 -30.26 -9.04
N PRO B 137 22.11 -31.50 -8.97
CA PRO B 137 22.44 -32.43 -7.87
C PRO B 137 23.82 -33.07 -7.99
N PHE B 138 24.36 -33.49 -6.85
CA PHE B 138 25.65 -34.21 -6.86
C PHE B 138 25.62 -35.19 -5.70
N GLU B 139 26.45 -36.21 -5.76
CA GLU B 139 26.39 -37.24 -4.75
C GLU B 139 27.75 -37.88 -4.51
N PHE B 140 27.87 -38.55 -3.37
CA PHE B 140 29.11 -39.19 -2.95
C PHE B 140 28.82 -40.59 -2.43
N ASP B 141 29.70 -41.53 -2.75
CA ASP B 141 29.62 -42.86 -2.17
C ASP B 141 30.26 -42.80 -0.79
N VAL B 142 29.45 -42.99 0.24
CA VAL B 142 29.91 -42.85 1.62
C VAL B 142 29.95 -44.20 2.34
N THR B 143 29.90 -45.28 1.56
CA THR B 143 29.89 -46.62 2.12
C THR B 143 31.02 -46.82 3.13
N SER B 144 32.23 -46.39 2.76
CA SER B 144 33.36 -46.59 3.65
C SER B 144 33.50 -45.49 4.71
N ALA B 145 32.95 -44.30 4.47
CA ALA B 145 33.13 -43.22 5.44
C ALA B 145 32.10 -43.29 6.57
N LEU B 146 30.94 -43.88 6.29
CA LEU B 146 29.94 -44.08 7.33
C LEU B 146 30.47 -44.97 8.44
N HIS B 147 30.00 -44.74 9.65
CA HIS B 147 30.21 -45.73 10.71
C HIS B 147 28.97 -45.87 11.58
N ALA B 148 28.99 -46.85 12.48
CA ALA B 148 27.85 -47.10 13.36
C ALA B 148 27.64 -45.94 14.32
N GLY B 149 26.41 -45.76 14.78
CA GLY B 149 26.14 -44.68 15.69
C GLY B 149 26.04 -43.35 14.98
N GLU B 150 26.31 -42.28 15.72
CA GLU B 150 26.17 -40.94 15.19
C GLU B 150 27.29 -40.63 14.20
N ASN B 151 26.89 -40.06 13.08
CA ASN B 151 27.80 -39.58 12.04
C ASN B 151 27.72 -38.07 11.98
N LEU B 152 28.86 -37.42 11.74
CA LEU B 152 28.92 -35.97 11.70
C LEU B 152 29.13 -35.47 10.26
N LEU B 153 28.10 -34.80 9.71
CA LEU B 153 28.13 -34.32 8.32
C LEU B 153 28.34 -32.81 8.28
N THR B 154 29.43 -32.39 7.64
CA THR B 154 29.76 -30.97 7.55
C THR B 154 29.83 -30.53 6.10
N VAL B 155 29.13 -29.44 5.79
CA VAL B 155 29.05 -28.99 4.42
C VAL B 155 29.37 -27.51 4.34
N ALA B 156 30.51 -27.19 3.75
CA ALA B 156 30.89 -25.79 3.55
C ALA B 156 30.32 -25.34 2.21
N VAL B 157 29.64 -24.19 2.20
CA VAL B 157 29.01 -23.69 0.99
C VAL B 157 29.50 -22.29 0.66
N ASP B 158 29.93 -22.11 -0.59
CA ASP B 158 30.52 -20.87 -1.11
C ASP B 158 29.51 -20.15 -2.00
N ASN B 159 29.23 -18.87 -1.73
CA ASN B 159 28.23 -18.14 -2.50
C ASN B 159 28.84 -17.26 -3.59
N ARG B 160 30.16 -17.31 -3.76
CA ARG B 160 30.82 -16.29 -4.58
C ARG B 160 30.58 -16.47 -6.07
N ILE B 161 30.30 -15.35 -6.73
CA ILE B 161 30.11 -15.32 -8.17
C ILE B 161 31.08 -14.31 -8.76
N GLY B 162 31.42 -14.47 -10.02
CA GLY B 162 32.40 -13.58 -10.62
C GLY B 162 32.51 -13.85 -12.11
N SER B 163 33.57 -13.37 -12.73
CA SER B 163 33.64 -13.39 -14.18
C SER B 163 33.80 -14.81 -14.74
N SER B 164 34.08 -15.79 -13.90
CA SER B 164 34.23 -17.15 -14.43
C SER B 164 33.13 -18.12 -13.96
N THR B 165 32.14 -17.63 -13.23
CA THR B 165 31.04 -18.49 -12.78
C THR B 165 29.81 -18.39 -13.68
N LEU B 166 28.99 -19.43 -13.64
CA LEU B 166 27.64 -19.37 -14.16
C LEU B 166 26.70 -19.67 -13.00
N PRO B 167 25.84 -18.71 -12.64
CA PRO B 167 25.62 -17.41 -13.28
C PRO B 167 26.78 -16.43 -13.08
N VAL B 168 26.88 -15.43 -13.95
CA VAL B 168 28.04 -14.54 -13.98
C VAL B 168 27.95 -13.41 -12.97
N GLY B 169 29.05 -13.18 -12.24
CA GLY B 169 29.16 -11.99 -11.39
C GLY B 169 30.12 -10.97 -11.98
N ASN B 170 30.03 -9.72 -11.53
CA ASN B 170 30.98 -8.68 -11.93
C ASN B 170 32.09 -8.59 -10.88
N ASP B 171 33.34 -8.56 -11.34
CA ASP B 171 34.47 -8.50 -10.41
C ASP B 171 34.67 -7.10 -9.83
N ALA B 172 34.14 -6.09 -10.52
CA ALA B 172 34.23 -4.71 -10.06
C ALA B 172 33.06 -3.92 -10.63
N GLY B 173 32.91 -2.67 -10.20
CA GLY B 173 31.84 -1.83 -10.70
C GLY B 173 30.55 -1.95 -9.91
N THR B 174 29.44 -2.21 -10.61
CA THR B 174 28.14 -2.32 -9.95
C THR B 174 27.47 -3.62 -10.33
N ALA B 175 26.37 -3.95 -9.63
CA ALA B 175 25.52 -5.05 -10.08
C ALA B 175 24.80 -4.63 -11.36
N PHE B 176 24.25 -5.61 -12.04
CA PHE B 176 23.45 -5.41 -13.25
C PHE B 176 22.30 -4.46 -12.93
N MET B 177 22.06 -3.51 -13.84
CA MET B 177 21.06 -2.44 -13.67
C MET B 177 21.32 -1.52 -12.48
N GLY B 178 22.57 -1.39 -12.05
CA GLY B 178 22.93 -0.50 -10.96
C GLY B 178 23.25 0.92 -11.43
N SER B 179 22.96 1.87 -10.55
CA SER B 179 23.26 3.28 -10.75
C SER B 179 24.70 3.60 -10.31
N ASP B 180 25.33 4.57 -10.96
CA ASP B 180 26.67 4.97 -10.55
C ASP B 180 26.93 6.43 -10.86
N ASN B 181 27.93 7.00 -10.18
CA ASN B 181 28.53 8.30 -10.56
C ASN B 181 30.03 8.11 -10.62
N ALA B 182 30.46 7.33 -11.61
CA ALA B 182 31.82 6.80 -11.60
C ALA B 182 32.91 7.86 -11.72
N ASN B 183 32.55 9.01 -12.29
CA ASN B 183 33.49 10.11 -12.52
C ASN B 183 33.70 11.01 -11.30
N VAL B 184 32.92 10.80 -10.24
CA VAL B 184 33.12 11.55 -8.99
C VAL B 184 34.31 10.94 -8.24
N PRO B 185 35.38 11.73 -8.00
CA PRO B 185 36.58 11.13 -7.39
C PRO B 185 36.31 10.42 -6.08
N ALA B 186 35.42 10.97 -5.25
CA ALA B 186 35.10 10.36 -3.94
C ALA B 186 34.48 8.96 -4.12
N VAL B 187 33.67 8.80 -5.19
CA VAL B 187 33.03 7.53 -5.46
C VAL B 187 34.08 6.50 -5.86
N ALA B 188 34.97 6.90 -6.76
CA ALA B 188 36.02 6.01 -7.23
C ALA B 188 36.89 5.53 -6.09
N GLU B 189 37.22 6.45 -5.19
CA GLU B 189 38.06 6.10 -4.05
C GLU B 189 37.31 5.18 -3.06
N ALA B 190 36.04 5.50 -2.75
CA ALA B 190 35.28 4.69 -1.81
C ALA B 190 35.08 3.29 -2.34
N LYS B 191 34.95 3.13 -3.64
CA LYS B 191 34.81 1.78 -4.23
C LYS B 191 35.98 0.87 -3.88
N LYS B 192 37.16 1.45 -3.84
CA LYS B 192 38.39 0.67 -3.62
C LYS B 192 38.40 0.01 -2.27
N HIS B 193 37.70 0.60 -1.31
CA HIS B 193 37.78 0.17 0.07
C HIS B 193 36.49 -0.39 0.60
N ALA B 194 35.47 -0.45 -0.26
CA ALA B 194 34.17 -0.92 0.15
C ALA B 194 34.22 -2.42 0.49
N ARG B 195 33.34 -2.84 1.39
CA ARG B 195 33.24 -4.25 1.76
C ARG B 195 33.02 -5.09 0.52
N ARG B 196 33.71 -6.22 0.42
CA ARG B 196 33.51 -7.09 -0.71
C ARG B 196 32.10 -7.65 -0.74
N GLN B 197 31.51 -7.63 -1.92
CA GLN B 197 30.17 -8.11 -2.16
C GLN B 197 30.08 -8.80 -3.50
N ASN B 198 29.22 -9.80 -3.61
CA ASN B 198 28.90 -10.32 -4.92
C ASN B 198 28.11 -9.29 -5.70
N LEU B 199 28.52 -9.08 -6.93
CA LEU B 199 27.79 -8.15 -7.80
C LEU B 199 27.18 -8.91 -8.96
N PRO B 200 25.90 -9.32 -8.81
CA PRO B 200 25.34 -10.16 -9.89
C PRO B 200 25.35 -9.45 -11.26
N ASN B 201 25.71 -10.13 -12.34
CA ASN B 201 25.44 -9.61 -13.65
C ASN B 201 24.12 -10.14 -14.16
N PHE B 202 23.21 -10.34 -13.22
CA PHE B 202 21.88 -10.90 -13.53
C PHE B 202 20.91 -10.24 -12.60
N ASP B 203 19.61 -10.27 -12.96
CA ASP B 203 18.57 -9.53 -12.26
C ASP B 203 17.78 -10.43 -11.30
N PHE B 204 18.45 -11.16 -10.43
CA PHE B 204 17.76 -11.86 -9.35
C PHE B 204 18.74 -11.99 -8.20
N PHE B 205 18.20 -12.07 -7.00
CA PHE B 205 19.07 -12.04 -5.85
C PHE B 205 19.91 -13.33 -5.78
N ASN B 206 21.17 -13.18 -5.38
CA ASN B 206 22.09 -14.32 -5.26
C ASN B 206 21.87 -15.18 -4.01
N PHE B 207 20.68 -15.75 -3.87
CA PHE B 207 20.35 -16.63 -2.72
C PHE B 207 21.22 -17.87 -2.71
N ALA B 208 21.77 -18.19 -1.54
CA ALA B 208 22.77 -19.27 -1.46
C ALA B 208 22.46 -20.22 -0.31
N GLY B 209 23.20 -21.33 -0.28
CA GLY B 209 23.02 -22.32 0.76
C GLY B 209 22.50 -23.64 0.24
N LEU B 210 22.00 -24.45 1.17
CA LEU B 210 21.45 -25.75 0.79
C LEU B 210 20.00 -25.57 0.35
N ASN B 211 19.86 -25.10 -0.89
CA ASN B 211 18.56 -24.68 -1.43
C ASN B 211 17.63 -25.85 -1.68
N ARG B 212 18.17 -27.07 -1.82
CA ARG B 212 17.31 -28.21 -2.07
C ARG B 212 17.69 -29.36 -1.12
N HIS B 213 16.91 -30.43 -1.17
CA HIS B 213 16.97 -31.51 -0.18
C HIS B 213 18.33 -32.20 -0.07
N VAL B 214 18.58 -32.79 1.08
CA VAL B 214 19.76 -33.64 1.29
C VAL B 214 19.25 -34.99 1.75
N GLU B 215 19.83 -36.08 1.23
CA GLU B 215 19.38 -37.40 1.67
C GLU B 215 20.44 -38.47 1.46
N LEU B 216 20.43 -39.43 2.38
CA LEU B 216 21.23 -40.64 2.27
C LEU B 216 20.36 -41.69 1.63
N TYR B 217 20.91 -42.45 0.69
CA TYR B 217 20.11 -43.52 0.11
C TYR B 217 20.97 -44.74 -0.16
N THR B 218 20.30 -45.86 -0.41
CA THR B 218 20.99 -47.13 -0.61
C THR B 218 20.64 -47.75 -1.95
N THR B 219 21.59 -48.50 -2.49
CA THR B 219 21.31 -49.40 -3.61
C THR B 219 22.02 -50.67 -3.29
N PRO B 220 21.67 -51.74 -4.00
CA PRO B 220 22.52 -52.93 -3.90
C PRO B 220 23.95 -52.61 -4.31
N ALA B 221 24.91 -53.37 -3.78
CA ALA B 221 26.30 -53.03 -4.02
C ALA B 221 26.88 -53.79 -5.21
N ASP B 222 26.48 -55.04 -5.37
CA ASP B 222 27.14 -55.89 -6.37
C ASP B 222 26.82 -55.44 -7.80
N ALA B 223 25.57 -55.03 -7.98
CA ALA B 223 25.05 -54.60 -9.28
C ALA B 223 23.80 -53.79 -9.01
N TYR B 224 23.66 -52.67 -9.71
CA TYR B 224 22.54 -51.77 -9.46
C TYR B 224 22.22 -50.96 -10.69
N ILE B 225 21.00 -50.44 -10.74
CA ILE B 225 20.58 -49.56 -11.81
C ILE B 225 21.13 -48.15 -11.62
N ALA B 226 21.86 -47.67 -12.62
CA ALA B 226 22.53 -46.36 -12.52
C ALA B 226 21.80 -45.26 -13.27
N ASP B 227 21.14 -45.61 -14.37
CA ASP B 227 20.46 -44.59 -15.17
C ASP B 227 19.38 -45.26 -16.00
N ILE B 228 18.35 -44.51 -16.34
CA ILE B 228 17.29 -44.95 -17.24
C ILE B 228 16.94 -43.81 -18.20
N ALA B 229 16.84 -44.11 -19.49
CA ALA B 229 16.31 -43.15 -20.46
C ALA B 229 15.17 -43.78 -21.22
N ILE B 230 14.02 -43.10 -21.21
CA ILE B 230 12.86 -43.51 -21.99
C ILE B 230 12.61 -42.49 -23.08
N THR B 231 12.42 -42.94 -24.30
CA THR B 231 12.13 -42.03 -25.40
C THR B 231 10.91 -42.44 -26.16
N THR B 232 10.21 -41.45 -26.70
CA THR B 232 9.14 -41.68 -27.66
C THR B 232 9.71 -41.64 -29.08
N GLU B 233 9.80 -42.81 -29.71
CA GLU B 233 10.46 -42.89 -31.02
C GLU B 233 9.56 -42.56 -32.21
N ARG B 234 8.32 -43.03 -32.16
CA ARG B 234 7.41 -42.88 -33.29
C ARG B 234 5.98 -43.07 -32.85
N LEU B 235 5.07 -42.30 -33.43
CA LEU B 235 3.64 -42.45 -33.19
C LEU B 235 2.93 -42.77 -34.49
N ASP B 236 2.11 -43.83 -34.48
CA ASP B 236 1.35 -44.28 -35.64
C ASP B 236 -0.13 -43.97 -35.47
N HIS B 237 -0.69 -43.30 -36.48
CA HIS B 237 -2.11 -42.94 -36.53
C HIS B 237 -2.56 -42.25 -35.24
N ILE B 238 -2.05 -41.04 -35.04
CA ILE B 238 -2.46 -40.22 -33.91
C ILE B 238 -3.91 -39.80 -34.07
N ALA B 239 -4.69 -39.88 -32.99
CA ALA B 239 -6.09 -39.48 -33.02
C ALA B 239 -6.23 -38.01 -33.37
N GLY B 240 -7.40 -37.64 -33.90
CA GLY B 240 -7.69 -36.25 -34.23
C GLY B 240 -7.49 -35.32 -33.05
N ASP B 241 -7.86 -35.80 -31.87
CA ASP B 241 -7.74 -34.99 -30.66
C ASP B 241 -6.40 -35.20 -29.94
N ALA B 242 -5.54 -36.03 -30.54
CA ALA B 242 -4.21 -36.32 -30.00
C ALA B 242 -4.23 -37.02 -28.63
N CYS B 243 -5.38 -37.55 -28.20
CA CYS B 243 -5.41 -38.19 -26.87
C CYS B 243 -4.76 -39.57 -26.93
N THR B 244 -4.78 -40.17 -28.10
CA THR B 244 -4.23 -41.51 -28.24
C THR B 244 -3.53 -41.69 -29.59
N ALA B 245 -2.74 -42.76 -29.72
CA ALA B 245 -2.25 -43.17 -31.04
C ALA B 245 -2.48 -44.66 -31.16
N ALA B 246 -2.74 -45.10 -32.39
CA ALA B 246 -2.97 -46.52 -32.61
C ALA B 246 -1.78 -47.35 -32.14
N ASN B 247 -0.58 -46.82 -32.37
CA ASN B 247 0.64 -47.46 -31.90
C ASN B 247 1.70 -46.41 -31.56
N ALA B 248 2.39 -46.60 -30.43
CA ALA B 248 3.54 -45.78 -30.05
C ALA B 248 4.74 -46.69 -29.91
N LEU B 249 5.84 -46.32 -30.56
CA LEU B 249 7.08 -47.05 -30.40
C LEU B 249 7.93 -46.29 -29.39
N ILE B 250 8.22 -46.92 -28.25
CA ILE B 250 9.08 -46.27 -27.26
C ILE B 250 10.38 -47.04 -27.13
N ALA B 251 11.42 -46.36 -26.71
CA ALA B 251 12.70 -47.01 -26.51
C ALA B 251 13.15 -46.87 -25.06
N TYR B 252 13.87 -47.86 -24.57
CA TYR B 252 14.47 -47.76 -23.23
C TYR B 252 15.97 -47.98 -23.31
N ASP B 253 16.69 -47.37 -22.40
CA ASP B 253 18.12 -47.53 -22.28
C ASP B 253 18.45 -47.51 -20.79
N VAL B 254 18.90 -48.64 -20.28
CA VAL B 254 19.18 -48.75 -18.85
C VAL B 254 20.66 -48.99 -18.63
N THR B 255 21.25 -48.19 -17.74
CA THR B 255 22.67 -48.29 -17.43
C THR B 255 22.83 -48.90 -16.04
N PHE B 256 23.84 -49.75 -15.87
CA PHE B 256 24.08 -50.39 -14.59
C PHE B 256 25.46 -50.05 -14.05
N GLY B 257 25.60 -50.08 -12.74
CA GLY B 257 26.91 -49.97 -12.10
C GLY B 257 27.16 -51.26 -11.32
N GLY B 258 28.37 -51.43 -10.83
CA GLY B 258 28.71 -52.61 -10.05
C GLY B 258 29.64 -53.56 -10.79
N ASP B 259 30.06 -54.61 -10.09
CA ASP B 259 31.11 -55.53 -10.54
C ASP B 259 32.41 -54.80 -10.85
N GLY B 298 25.76 -63.07 -18.56
CA GLY B 298 24.43 -63.35 -19.05
C GLY B 298 23.34 -62.86 -18.11
N ARG B 299 23.47 -61.61 -17.65
CA ARG B 299 22.51 -61.04 -16.72
C ARG B 299 21.37 -60.34 -17.48
N GLN B 300 20.21 -60.20 -16.84
CA GLN B 300 19.07 -59.61 -17.52
C GLN B 300 18.33 -58.58 -16.67
N VAL B 301 17.60 -57.70 -17.35
CA VAL B 301 16.73 -56.74 -16.68
C VAL B 301 15.30 -56.88 -17.23
N ARG B 302 14.34 -56.89 -16.32
CA ARG B 302 12.94 -56.91 -16.71
C ARG B 302 12.42 -55.46 -16.77
N ILE B 303 11.83 -55.09 -17.91
CA ILE B 303 11.20 -53.80 -18.09
C ILE B 303 9.70 -54.00 -18.15
N SER B 304 8.96 -53.38 -17.22
CA SER B 304 7.49 -53.44 -17.21
C SER B 304 6.94 -52.05 -17.42
N ILE B 305 5.97 -51.93 -18.31
CA ILE B 305 5.34 -50.64 -18.57
C ILE B 305 3.96 -50.62 -17.90
N LEU B 306 3.76 -49.71 -16.96
CA LEU B 306 2.50 -49.59 -16.22
C LEU B 306 1.74 -48.40 -16.74
N ASP B 307 0.44 -48.55 -16.99
CA ASP B 307 -0.33 -47.39 -17.43
C ASP B 307 -0.77 -46.56 -16.21
N GLY B 308 -1.65 -45.60 -16.46
CA GLY B 308 -2.07 -44.69 -15.42
C GLY B 308 -2.74 -45.31 -14.23
N GLU B 309 -3.33 -46.50 -14.42
CA GLU B 309 -3.97 -47.18 -13.30
C GLU B 309 -3.07 -48.23 -12.66
N GLY B 310 -1.84 -48.32 -13.15
CA GLY B 310 -0.88 -49.26 -12.61
C GLY B 310 -0.97 -50.63 -13.24
N THR B 311 -1.77 -50.75 -14.30
CA THR B 311 -1.86 -52.03 -14.98
C THR B 311 -0.62 -52.26 -15.82
N VAL B 312 -0.01 -53.45 -15.71
CA VAL B 312 1.14 -53.75 -16.55
C VAL B 312 0.59 -54.03 -17.94
N VAL B 313 0.91 -53.14 -18.87
CA VAL B 313 0.35 -53.21 -20.20
C VAL B 313 1.33 -53.79 -21.19
N ALA B 314 2.62 -53.84 -20.81
CA ALA B 314 3.67 -54.40 -21.65
C ALA B 314 4.89 -54.77 -20.81
N GLY B 315 5.66 -55.73 -21.30
CA GLY B 315 6.80 -56.21 -20.55
C GLY B 315 7.79 -56.96 -21.41
N VAL B 316 9.07 -56.72 -21.15
CA VAL B 316 10.12 -57.39 -21.88
C VAL B 316 11.30 -57.71 -20.96
N THR B 317 12.03 -58.77 -21.27
CA THR B 317 13.30 -59.04 -20.61
C THR B 317 14.45 -58.79 -21.58
N ALA B 318 15.39 -57.94 -21.17
CA ALA B 318 16.47 -57.53 -22.03
C ALA B 318 17.80 -58.03 -21.48
N ASP B 319 18.72 -58.37 -22.39
CA ASP B 319 20.07 -58.76 -22.00
C ASP B 319 20.92 -57.55 -21.63
N ILE B 320 21.69 -57.68 -20.55
CA ILE B 320 22.63 -56.65 -20.14
C ILE B 320 23.99 -56.93 -20.79
N GLU B 321 24.53 -55.92 -21.47
CA GLU B 321 25.77 -56.06 -22.22
C GLU B 321 26.83 -55.07 -21.75
N ARG B 322 28.09 -55.51 -21.74
CA ARG B 322 29.23 -54.66 -21.38
C ARG B 322 30.04 -54.25 -22.61
N THR B 327 29.11 -48.70 -18.99
CA THR B 327 29.37 -49.64 -20.08
C THR B 327 28.38 -50.81 -20.01
N ALA B 328 27.99 -51.22 -18.80
CA ALA B 328 26.93 -52.24 -18.69
C ALA B 328 25.60 -51.60 -19.01
N LYS B 329 24.95 -52.09 -20.07
CA LYS B 329 23.73 -51.45 -20.54
C LYS B 329 22.74 -52.46 -21.11
N ALA B 330 21.46 -52.14 -20.99
CA ALA B 330 20.43 -52.89 -21.70
C ALA B 330 19.57 -51.87 -22.44
N SER B 331 19.22 -52.19 -23.67
CA SER B 331 18.39 -51.27 -24.43
C SER B 331 17.51 -52.01 -25.41
N GLY B 332 16.40 -51.39 -25.77
CA GLY B 332 15.49 -51.99 -26.72
C GLY B 332 14.31 -51.10 -26.95
N GLU B 333 13.33 -51.64 -27.67
CA GLU B 333 12.11 -50.92 -28.01
C GLU B 333 10.90 -51.71 -27.58
N ILE B 334 9.82 -50.99 -27.34
CA ILE B 334 8.56 -51.58 -26.97
C ILE B 334 7.45 -50.90 -27.73
N ALA B 335 6.57 -51.70 -28.34
CA ALA B 335 5.40 -51.15 -29.01
C ALA B 335 4.21 -51.14 -28.04
N ILE B 336 3.56 -49.98 -27.94
CA ILE B 336 2.40 -49.78 -27.09
C ILE B 336 1.15 -49.51 -27.93
N ARG B 337 0.23 -50.48 -27.97
CA ARG B 337 -0.99 -50.32 -28.75
C ARG B 337 -1.98 -49.39 -28.02
N ASP B 338 -2.67 -48.55 -28.80
CA ASP B 338 -3.68 -47.63 -28.26
C ASP B 338 -3.07 -46.79 -27.14
N ALA B 339 -1.86 -46.32 -27.39
CA ALA B 339 -1.12 -45.54 -26.41
C ALA B 339 -1.86 -44.26 -26.01
N LYS B 340 -1.87 -43.98 -24.72
CA LYS B 340 -2.47 -42.75 -24.24
C LYS B 340 -1.40 -41.68 -24.20
N LEU B 341 -1.57 -40.62 -24.99
CA LEU B 341 -0.50 -39.64 -25.16
C LEU B 341 -0.52 -38.55 -24.10
N TRP B 342 0.65 -37.98 -23.86
CA TRP B 342 0.78 -36.81 -22.99
C TRP B 342 0.59 -35.53 -23.80
N ASN B 343 -0.30 -34.64 -23.33
CA ASN B 343 -0.53 -33.34 -23.97
C ASN B 343 -0.59 -32.21 -22.98
N PRO B 344 -0.21 -30.99 -23.42
CA PRO B 344 -0.49 -29.84 -22.56
C PRO B 344 -1.99 -29.83 -22.23
N GLY B 345 -2.33 -29.58 -20.97
CA GLY B 345 -3.72 -29.53 -20.53
C GLY B 345 -4.38 -30.88 -20.37
N ALA B 346 -3.65 -31.96 -20.67
CA ALA B 346 -4.22 -33.31 -20.63
C ALA B 346 -3.08 -34.32 -20.46
N ALA B 347 -2.47 -34.31 -19.28
CA ALA B 347 -1.36 -35.19 -18.96
C ALA B 347 -1.78 -36.66 -18.91
N TYR B 348 -0.90 -37.54 -19.35
CA TYR B 348 -1.07 -38.98 -19.08
C TYR B 348 0.31 -39.53 -18.87
N LEU B 349 0.51 -40.24 -17.76
CA LEU B 349 1.85 -40.76 -17.45
C LEU B 349 1.85 -42.27 -17.30
N TYR B 350 2.88 -42.89 -17.88
CA TYR B 350 3.17 -44.29 -17.68
C TYR B 350 4.32 -44.42 -16.71
N THR B 351 4.57 -45.63 -16.25
CA THR B 351 5.75 -45.90 -15.46
C THR B 351 6.54 -47.02 -16.11
N ALA B 352 7.84 -46.81 -16.31
CA ALA B 352 8.71 -47.90 -16.72
C ALA B 352 9.38 -48.45 -15.48
N VAL B 353 9.06 -49.71 -15.14
CA VAL B 353 9.68 -50.35 -13.98
C VAL B 353 10.83 -51.26 -14.44
N ALA B 354 12.05 -50.93 -13.99
CA ALA B 354 13.24 -51.73 -14.31
C ALA B 354 13.61 -52.60 -13.11
N GLU B 355 13.73 -53.91 -13.36
CA GLU B 355 14.05 -54.82 -12.29
C GLU B 355 15.24 -55.67 -12.71
N LEU B 356 16.34 -55.54 -11.97
CA LEU B 356 17.51 -56.35 -12.23
C LEU B 356 17.24 -57.77 -11.73
N LEU B 357 17.41 -58.76 -12.62
CA LEU B 357 17.12 -60.16 -12.28
C LEU B 357 18.36 -60.88 -11.74
N PRO B 358 18.16 -61.89 -10.86
CA PRO B 358 19.25 -62.71 -10.30
C PRO B 358 19.98 -63.57 -11.34
N SER B 366 12.31 -66.17 -8.29
CA SER B 366 11.23 -65.23 -8.01
C SER B 366 11.79 -63.89 -7.49
N ARG B 367 13.08 -63.88 -7.16
CA ARG B 367 13.65 -62.70 -6.52
C ARG B 367 13.99 -61.59 -7.50
N ILE B 368 14.07 -60.37 -6.96
CA ILE B 368 14.49 -59.19 -7.69
C ILE B 368 15.73 -58.65 -6.99
N ILE B 369 16.80 -58.38 -7.74
CA ILE B 369 18.03 -57.86 -7.14
C ILE B 369 17.92 -56.33 -6.89
N ASP B 370 17.37 -55.62 -7.86
CA ASP B 370 17.25 -54.15 -7.74
C ASP B 370 16.08 -53.70 -8.58
N ALA B 371 15.57 -52.51 -8.29
CA ALA B 371 14.43 -52.00 -9.02
C ALA B 371 14.43 -50.48 -9.01
N TYR B 372 13.85 -49.91 -10.07
CA TYR B 372 13.64 -48.46 -10.14
C TYR B 372 12.41 -48.18 -10.99
N ARG B 373 11.59 -47.22 -10.54
CA ARG B 373 10.33 -46.89 -11.21
C ARG B 373 10.45 -45.52 -11.85
N GLN B 374 10.50 -45.48 -13.18
CA GLN B 374 10.70 -44.23 -13.91
C GLN B 374 9.44 -43.76 -14.61
N THR B 375 8.90 -42.62 -14.18
CA THR B 375 7.73 -42.07 -14.84
C THR B 375 8.11 -41.55 -16.21
N PHE B 376 7.19 -41.64 -17.18
CA PHE B 376 7.42 -41.03 -18.47
C PHE B 376 6.09 -40.72 -19.12
N GLY B 377 6.13 -39.95 -20.20
CA GLY B 377 4.93 -39.69 -20.97
C GLY B 377 5.20 -39.88 -22.45
N ILE B 378 4.19 -40.34 -23.17
CA ILE B 378 4.38 -40.65 -24.58
C ILE B 378 3.94 -39.47 -25.42
N ARG B 379 4.88 -38.85 -26.10
CA ARG B 379 4.56 -37.68 -26.94
C ARG B 379 5.76 -37.32 -27.80
N THR B 380 5.52 -36.73 -28.97
CA THR B 380 6.62 -36.24 -29.82
C THR B 380 6.65 -34.70 -29.86
N VAL B 381 7.82 -34.17 -30.18
CA VAL B 381 8.01 -32.72 -30.34
C VAL B 381 8.75 -32.50 -31.66
N GLU B 382 8.23 -31.64 -32.51
CA GLU B 382 8.89 -31.39 -33.78
C GLU B 382 8.70 -29.95 -34.22
N VAL B 383 9.79 -29.25 -34.45
CA VAL B 383 9.70 -27.96 -35.13
C VAL B 383 9.62 -28.24 -36.62
N SER B 384 8.60 -27.69 -37.25
CA SER B 384 8.39 -27.89 -38.66
C SER B 384 8.09 -26.54 -39.28
N GLY B 385 9.04 -26.00 -40.04
CA GLY B 385 8.85 -24.68 -40.61
C GLY B 385 8.66 -23.64 -39.52
N THR B 386 7.53 -22.95 -39.53
CA THR B 386 7.26 -21.95 -38.48
C THR B 386 6.25 -22.48 -37.46
N THR B 387 6.13 -23.80 -37.35
CA THR B 387 5.24 -24.41 -36.36
C THR B 387 6.03 -25.25 -35.36
N PHE B 388 5.44 -25.42 -34.19
CA PHE B 388 5.97 -26.19 -33.10
C PHE B 388 4.97 -27.28 -32.81
N LEU B 389 5.27 -28.49 -33.27
CA LEU B 389 4.31 -29.62 -33.24
C LEU B 389 4.49 -30.52 -32.01
N ILE B 390 3.43 -30.65 -31.22
CA ILE B 390 3.41 -31.63 -30.15
C ILE B 390 2.39 -32.67 -30.56
N ASN B 391 2.84 -33.91 -30.67
CA ASN B 391 2.02 -35.00 -31.19
C ASN B 391 1.42 -34.59 -32.52
N GLY B 392 2.20 -33.89 -33.32
CA GLY B 392 1.76 -33.48 -34.64
C GLY B 392 0.80 -32.31 -34.74
N LYS B 393 0.49 -31.68 -33.59
CA LYS B 393 -0.45 -30.56 -33.53
C LYS B 393 0.32 -29.25 -33.30
N PRO B 394 -0.12 -28.16 -33.97
CA PRO B 394 0.55 -26.85 -33.82
C PRO B 394 0.25 -26.16 -32.48
N PHE B 395 1.27 -26.18 -31.64
CA PHE B 395 1.17 -25.69 -30.27
C PHE B 395 1.39 -24.19 -30.21
N TYR B 396 0.75 -23.53 -29.23
CA TYR B 396 0.97 -22.08 -28.94
C TYR B 396 1.30 -21.96 -27.47
N PHE B 397 2.48 -21.41 -27.15
CA PHE B 397 2.88 -21.22 -25.77
C PHE B 397 2.09 -20.08 -25.16
N LYS B 398 1.51 -20.33 -23.98
CA LYS B 398 0.94 -19.27 -23.15
C LYS B 398 1.56 -19.36 -21.77
N GLY B 399 2.22 -18.30 -21.32
CA GLY B 399 2.81 -18.38 -20.00
C GLY B 399 3.81 -17.30 -19.73
N PHE B 400 4.94 -17.69 -19.14
CA PHE B 400 5.84 -16.75 -18.49
C PHE B 400 7.13 -17.39 -18.10
N GLY B 401 8.15 -16.55 -17.88
CA GLY B 401 9.30 -16.96 -17.09
C GLY B 401 8.87 -16.98 -15.63
N LYS B 402 9.42 -17.89 -14.83
CA LYS B 402 9.21 -17.94 -13.40
C LYS B 402 10.51 -17.64 -12.68
N HIS B 403 10.48 -17.75 -11.35
CA HIS B 403 11.70 -17.87 -10.55
C HIS B 403 11.39 -18.80 -9.41
N GLU B 404 12.38 -19.51 -8.90
CA GLU B 404 12.21 -20.15 -7.59
C GLU B 404 12.58 -19.06 -6.59
N ASP B 405 11.52 -18.44 -6.04
CA ASP B 405 11.66 -17.27 -5.18
C ASP B 405 10.44 -17.15 -4.29
N SER B 406 10.67 -16.95 -2.99
CA SER B 406 9.58 -16.66 -2.07
C SER B 406 10.10 -16.07 -0.78
N TYR B 407 9.23 -15.37 -0.07
CA TYR B 407 9.56 -14.94 1.30
C TYR B 407 10.05 -16.13 2.13
N PHE B 408 11.03 -15.84 2.99
CA PHE B 408 11.60 -16.78 3.97
C PHE B 408 12.53 -17.80 3.32
N HIS B 409 12.03 -18.51 2.32
CA HIS B 409 12.74 -19.62 1.70
C HIS B 409 13.82 -19.15 0.75
N GLY B 410 13.63 -17.96 0.15
CA GLY B 410 14.57 -17.45 -0.83
C GLY B 410 14.46 -18.31 -2.09
N ARG B 411 15.56 -18.96 -2.51
CA ARG B 411 15.56 -19.88 -3.63
C ARG B 411 15.28 -21.31 -3.14
N GLY B 412 14.98 -21.47 -1.85
CA GLY B 412 14.73 -22.78 -1.28
C GLY B 412 13.50 -23.44 -1.87
N THR B 413 13.60 -24.74 -2.15
CA THR B 413 12.49 -25.46 -2.74
C THR B 413 11.35 -25.59 -1.71
N ASP B 414 10.12 -25.43 -2.17
CA ASP B 414 8.94 -25.46 -1.30
C ASP B 414 7.83 -26.11 -2.12
N ASP B 415 7.46 -27.34 -1.81
CA ASP B 415 6.50 -28.00 -2.66
C ASP B 415 5.06 -27.51 -2.42
N VAL B 416 4.75 -26.93 -1.25
CA VAL B 416 3.46 -26.26 -1.09
C VAL B 416 3.36 -25.14 -2.12
N LEU B 417 4.42 -24.36 -2.24
CA LEU B 417 4.43 -23.27 -3.20
C LEU B 417 4.38 -23.81 -4.64
N ASN B 418 5.08 -24.91 -4.91
CA ASN B 418 5.06 -25.45 -6.25
C ASN B 418 3.66 -25.92 -6.63
N VAL B 419 2.99 -26.62 -5.71
CA VAL B 419 1.62 -27.07 -5.94
C VAL B 419 0.70 -25.87 -6.15
N LYS B 420 0.82 -24.84 -5.30
CA LYS B 420 0.01 -23.66 -5.49
C LYS B 420 0.29 -22.99 -6.83
N ASP B 421 1.56 -22.86 -7.18
CA ASP B 421 1.89 -22.18 -8.44
C ASP B 421 1.33 -22.93 -9.64
N VAL B 422 1.40 -24.27 -9.62
CA VAL B 422 0.85 -25.01 -10.73
C VAL B 422 -0.67 -24.76 -10.84
N SER B 423 -1.34 -24.64 -9.70
CA SER B 423 -2.77 -24.35 -9.72
C SER B 423 -3.05 -22.94 -10.27
N LEU B 424 -2.12 -22.02 -10.00
CA LEU B 424 -2.26 -20.66 -10.55
C LEU B 424 -2.03 -20.61 -12.06
N ILE B 425 -1.10 -21.43 -12.53
CA ILE B 425 -0.90 -21.55 -13.97
C ILE B 425 -2.22 -22.00 -14.61
N HIS B 426 -2.90 -22.96 -13.99
CA HIS B 426 -4.21 -23.38 -14.49
C HIS B 426 -5.27 -22.28 -14.34
N TRP B 427 -5.30 -21.60 -13.19
CA TRP B 427 -6.27 -20.52 -12.97
C TRP B 427 -6.14 -19.47 -14.07
N LEU B 428 -4.90 -19.18 -14.45
CA LEU B 428 -4.63 -18.20 -15.52
C LEU B 428 -4.95 -18.69 -16.93
N HIS B 429 -5.15 -20.00 -17.08
CA HIS B 429 -5.29 -20.66 -18.38
C HIS B 429 -4.01 -20.54 -19.21
N ALA B 430 -2.89 -20.45 -18.51
CA ALA B 430 -1.57 -20.61 -19.12
C ALA B 430 -1.26 -22.09 -19.33
N ASN B 431 -0.28 -22.39 -20.17
CA ASN B 431 0.07 -23.78 -20.42
C ASN B 431 1.55 -24.10 -20.32
N SER B 432 2.38 -23.14 -19.95
CA SER B 432 3.81 -23.32 -20.08
C SER B 432 4.59 -22.30 -19.25
N PHE B 433 5.85 -22.64 -18.94
CA PHE B 433 6.76 -21.64 -18.44
C PHE B 433 8.19 -22.04 -18.79
N ARG B 434 9.10 -21.13 -18.52
CA ARG B 434 10.52 -21.35 -18.70
C ARG B 434 11.17 -21.37 -17.32
N THR B 435 12.18 -22.23 -17.14
CA THR B 435 12.91 -22.25 -15.85
C THR B 435 13.98 -21.16 -15.85
N SER B 436 13.54 -19.94 -16.05
CA SER B 436 14.43 -18.80 -15.90
C SER B 436 14.98 -18.76 -14.45
N HIS B 437 16.30 -18.63 -14.23
CA HIS B 437 17.38 -18.78 -15.23
C HIS B 437 18.34 -19.84 -14.71
N TYR B 438 17.83 -21.03 -14.43
CA TYR B 438 18.61 -22.11 -13.80
C TYR B 438 17.65 -23.31 -13.75
N PRO B 439 18.17 -24.51 -13.75
CA PRO B 439 17.26 -25.66 -13.57
C PRO B 439 16.56 -25.57 -12.23
N TYR B 440 15.28 -25.94 -12.20
CA TYR B 440 14.48 -25.87 -10.97
C TYR B 440 14.60 -27.16 -10.18
N ALA B 441 13.95 -27.23 -9.02
CA ALA B 441 13.95 -28.45 -8.23
C ALA B 441 13.24 -29.56 -9.01
N GLU B 442 13.74 -30.79 -8.86
CA GLU B 442 13.22 -31.92 -9.61
C GLU B 442 11.71 -32.11 -9.40
N SER B 443 11.23 -31.85 -8.17
CA SER B 443 9.81 -32.06 -7.86
C SER B 443 8.88 -31.20 -8.71
N MET B 444 9.34 -30.02 -9.14
CA MET B 444 8.48 -29.16 -9.94
C MET B 444 8.26 -29.78 -11.31
N TYR B 445 9.25 -30.45 -11.85
CA TYR B 445 9.05 -31.11 -13.15
C TYR B 445 8.13 -32.31 -13.04
N ASP B 446 8.24 -33.07 -11.94
CA ASP B 446 7.30 -34.16 -11.73
C ASP B 446 5.87 -33.62 -11.66
N LEU B 447 5.72 -32.48 -10.98
CA LEU B 447 4.42 -31.89 -10.84
C LEU B 447 3.89 -31.46 -12.20
N CYS B 448 4.74 -30.86 -13.03
CA CYS B 448 4.27 -30.40 -14.33
C CYS B 448 3.99 -31.56 -15.29
N ASP B 449 4.71 -32.68 -15.11
CA ASP B 449 4.39 -33.93 -15.81
C ASP B 449 2.96 -34.36 -15.52
N ARG B 450 2.57 -34.36 -14.24
CA ARG B 450 1.23 -34.86 -13.90
C ARG B 450 0.16 -33.83 -14.19
N GLU B 451 0.52 -32.54 -14.20
CA GLU B 451 -0.47 -31.48 -14.40
C GLU B 451 -0.54 -30.90 -15.83
N GLY B 452 0.23 -31.47 -16.76
CA GLY B 452 0.10 -31.07 -18.16
C GLY B 452 0.57 -29.67 -18.48
N ILE B 453 1.66 -29.22 -17.85
CA ILE B 453 2.23 -27.90 -18.10
C ILE B 453 3.59 -28.08 -18.78
N VAL B 454 3.76 -27.41 -19.90
CA VAL B 454 4.97 -27.54 -20.71
C VAL B 454 6.12 -26.68 -20.16
N ILE B 455 7.36 -27.18 -20.24
CA ILE B 455 8.52 -26.45 -19.70
C ILE B 455 9.63 -26.27 -20.74
N ILE B 456 10.19 -25.07 -20.77
CA ILE B 456 11.47 -24.80 -21.43
C ILE B 456 12.52 -24.82 -20.32
N ASP B 457 13.46 -25.76 -20.42
CA ASP B 457 14.43 -26.03 -19.36
C ASP B 457 15.73 -25.29 -19.66
N GLU B 458 16.16 -24.43 -18.74
CA GLU B 458 17.27 -23.51 -19.01
C GLU B 458 18.42 -23.66 -18.02
N VAL B 459 19.67 -23.63 -18.52
CA VAL B 459 20.86 -23.68 -17.66
C VAL B 459 21.19 -22.28 -17.09
N PRO B 460 22.02 -22.21 -16.01
CA PRO B 460 22.28 -20.89 -15.40
C PRO B 460 23.26 -19.98 -16.17
N ALA B 461 23.27 -20.02 -17.50
CA ALA B 461 24.19 -19.21 -18.30
C ALA B 461 23.57 -17.84 -18.59
N VAL B 462 23.54 -17.06 -17.53
CA VAL B 462 22.95 -15.72 -17.55
C VAL B 462 24.02 -14.73 -17.09
N GLY B 463 24.04 -13.55 -17.71
CA GLY B 463 25.07 -12.55 -17.43
C GLY B 463 26.30 -12.66 -18.33
N MET B 464 26.23 -13.46 -19.38
CA MET B 464 27.41 -13.73 -20.23
C MET B 464 27.73 -12.69 -21.31
N SER B 465 29.01 -12.47 -21.55
CA SER B 465 29.48 -11.63 -22.67
C SER B 465 30.85 -12.10 -23.13
N TRP B 466 31.50 -11.28 -23.93
CA TRP B 466 32.74 -11.70 -24.60
C TRP B 466 33.88 -12.06 -23.64
N LEU B 467 33.89 -11.47 -22.45
CA LEU B 467 34.89 -11.87 -21.45
C LEU B 467 34.77 -13.36 -21.12
N GLN B 468 33.53 -13.84 -21.05
CA GLN B 468 33.33 -15.26 -20.73
C GLN B 468 33.64 -16.15 -21.92
N TYR B 469 33.29 -15.71 -23.13
CA TYR B 469 33.44 -16.62 -24.28
C TYR B 469 34.92 -16.94 -24.51
N ALA B 470 35.81 -16.05 -24.06
CA ALA B 470 37.25 -16.27 -24.30
C ALA B 470 37.87 -17.12 -23.21
N ASN B 471 37.10 -17.46 -22.19
CA ASN B 471 37.63 -18.18 -21.03
C ASN B 471 37.24 -19.66 -21.09
N PRO B 472 38.21 -20.56 -21.33
CA PRO B 472 37.86 -21.98 -21.43
C PRO B 472 37.21 -22.54 -20.17
N LEU B 473 37.51 -22.01 -18.98
CA LEU B 473 36.87 -22.48 -17.75
C LEU B 473 35.38 -22.29 -17.77
N VAL B 474 34.94 -21.16 -18.33
CA VAL B 474 33.51 -20.91 -18.45
C VAL B 474 32.87 -21.89 -19.45
N ALA B 475 33.52 -22.13 -20.60
CA ALA B 475 32.99 -23.09 -21.56
C ALA B 475 32.86 -24.46 -20.93
N GLU B 476 33.85 -24.84 -20.13
CA GLU B 476 33.81 -26.12 -19.46
C GLU B 476 32.61 -26.19 -18.52
N ARG B 477 32.40 -25.14 -17.73
CA ARG B 477 31.29 -25.11 -16.80
C ARG B 477 29.95 -25.12 -17.53
N HIS B 478 29.93 -24.49 -18.70
CA HIS B 478 28.72 -24.38 -19.49
C HIS B 478 28.33 -25.75 -20.05
N ARG B 479 29.34 -26.48 -20.53
CA ARG B 479 29.12 -27.83 -21.01
C ARG B 479 28.63 -28.73 -19.87
N GLU B 480 29.21 -28.58 -18.67
CA GLU B 480 28.77 -29.35 -17.49
C GLU B 480 27.31 -29.06 -17.17
N ALA B 481 26.94 -27.78 -17.25
CA ALA B 481 25.57 -27.39 -16.94
C ALA B 481 24.59 -27.99 -17.97
N ILE B 482 24.94 -27.93 -19.25
CA ILE B 482 24.05 -28.49 -20.28
C ILE B 482 23.96 -30.03 -20.14
N ARG B 483 25.10 -30.71 -20.03
CA ARG B 483 25.06 -32.17 -19.86
C ARG B 483 24.32 -32.54 -18.59
N GLY B 484 24.56 -31.79 -17.52
CA GLY B 484 23.96 -32.11 -16.23
C GLY B 484 22.44 -31.89 -16.19
N MET B 485 21.97 -30.79 -16.77
CA MET B 485 20.55 -30.53 -16.84
C MET B 485 19.83 -31.63 -17.65
N ILE B 486 20.37 -31.96 -18.82
CA ILE B 486 19.69 -32.91 -19.68
C ILE B 486 19.76 -34.32 -19.08
N ALA B 487 20.89 -34.68 -18.48
CA ALA B 487 20.99 -36.00 -17.84
C ALA B 487 19.95 -36.14 -16.71
N ARG B 488 19.76 -35.05 -15.97
CA ARG B 488 18.81 -35.06 -14.86
C ARG B 488 17.35 -35.09 -15.37
N ASP B 489 17.07 -34.35 -16.44
CA ASP B 489 15.70 -34.00 -16.79
C ASP B 489 15.16 -34.65 -18.04
N LYS B 490 15.97 -35.48 -18.69
CA LYS B 490 15.62 -36.02 -20.02
C LYS B 490 14.31 -36.82 -20.07
N ASN B 491 13.90 -37.43 -18.96
CA ASN B 491 12.71 -38.28 -19.02
C ASN B 491 11.39 -37.56 -18.87
N HIS B 492 11.41 -36.26 -18.57
CA HIS B 492 10.15 -35.56 -18.38
C HIS B 492 9.44 -35.26 -19.69
N PRO B 493 8.21 -35.73 -19.85
CA PRO B 493 7.46 -35.36 -21.06
C PRO B 493 7.14 -33.89 -21.09
N CYS B 494 7.09 -33.24 -19.92
CA CYS B 494 6.67 -31.82 -19.93
C CYS B 494 7.72 -30.93 -20.57
N ILE B 495 8.97 -31.36 -20.57
CA ILE B 495 10.04 -30.55 -21.18
C ILE B 495 10.00 -30.71 -22.68
N VAL B 496 9.80 -29.60 -23.41
CA VAL B 496 9.72 -29.66 -24.86
C VAL B 496 10.87 -28.93 -25.56
N MET B 497 11.69 -28.20 -24.80
CA MET B 497 12.75 -27.41 -25.41
C MET B 497 13.78 -27.09 -24.36
N TRP B 498 15.04 -27.02 -24.80
CA TRP B 498 16.16 -26.62 -23.94
C TRP B 498 16.62 -25.20 -24.27
N SER B 499 16.97 -24.43 -23.24
CA SER B 499 17.57 -23.11 -23.44
C SER B 499 19.00 -23.09 -22.97
N ILE B 500 19.94 -22.72 -23.84
CA ILE B 500 21.35 -22.82 -23.46
C ILE B 500 21.89 -21.53 -22.83
N ALA B 501 21.10 -20.45 -22.80
CA ALA B 501 21.55 -19.20 -22.16
C ALA B 501 20.40 -18.22 -22.11
N ASN B 502 20.50 -17.24 -21.22
CA ASN B 502 19.58 -16.10 -21.19
C ASN B 502 20.34 -14.79 -21.34
N ALA B 503 19.95 -14.01 -22.34
CA ALA B 503 20.44 -12.64 -22.51
C ALA B 503 21.97 -12.50 -22.60
N PRO B 504 22.65 -13.43 -23.32
CA PRO B 504 24.09 -13.17 -23.50
C PRO B 504 24.34 -12.06 -24.54
N GLY B 505 25.56 -11.54 -24.56
CA GLY B 505 25.96 -10.59 -25.59
C GLY B 505 26.14 -11.28 -26.95
N LEU B 506 25.39 -10.84 -27.97
CA LEU B 506 25.43 -11.50 -29.28
C LEU B 506 25.68 -10.55 -30.46
N ASP B 507 25.48 -9.25 -30.24
CA ASP B 507 25.47 -8.28 -31.34
C ASP B 507 26.72 -7.41 -31.32
N GLY B 508 26.77 -6.41 -32.21
CA GLY B 508 27.88 -5.48 -32.20
C GLY B 508 28.66 -5.46 -33.50
N ASP B 509 29.87 -4.93 -33.44
CA ASP B 509 30.69 -4.75 -34.61
C ASP B 509 31.92 -5.64 -34.57
N GLY B 510 32.74 -5.52 -35.61
CA GLY B 510 33.95 -6.33 -35.71
C GLY B 510 33.69 -7.82 -35.60
N GLU B 511 34.53 -8.48 -34.81
CA GLU B 511 34.51 -9.93 -34.66
C GLU B 511 33.50 -10.35 -33.59
N ARG B 512 32.89 -9.40 -32.88
CA ARG B 512 32.07 -9.79 -31.75
C ARG B 512 30.89 -10.72 -32.09
N PRO B 513 30.10 -10.42 -33.13
CA PRO B 513 29.02 -11.36 -33.41
C PRO B 513 29.51 -12.77 -33.78
N ARG B 514 30.60 -12.86 -34.52
CA ARG B 514 31.15 -14.16 -34.88
C ARG B 514 31.72 -14.88 -33.65
N GLN B 515 32.36 -14.13 -32.76
CA GLN B 515 32.89 -14.73 -31.53
C GLN B 515 31.77 -15.33 -30.68
N ALA B 516 30.64 -14.64 -30.60
CA ALA B 516 29.50 -15.18 -29.86
C ALA B 516 28.95 -16.44 -30.52
N TYR B 517 28.80 -16.41 -31.84
CA TYR B 517 28.32 -17.57 -32.56
C TYR B 517 29.26 -18.77 -32.35
N ASP B 518 30.57 -18.54 -32.44
CA ASP B 518 31.53 -19.63 -32.30
C ASP B 518 31.51 -20.22 -30.89
N TYR B 519 31.13 -19.41 -29.91
CA TYR B 519 30.99 -19.90 -28.55
C TYR B 519 29.72 -20.73 -28.39
N PHE B 520 28.61 -20.22 -28.92
CA PHE B 520 27.31 -20.87 -28.66
C PHE B 520 26.98 -22.02 -29.59
N ARG B 521 27.47 -22.01 -30.83
CA ARG B 521 27.06 -23.09 -31.76
C ARG B 521 27.42 -24.50 -31.24
N PRO B 522 28.64 -24.72 -30.71
CA PRO B 522 28.94 -26.06 -30.17
C PRO B 522 28.07 -26.45 -28.99
N LEU B 523 27.57 -25.47 -28.24
CA LEU B 523 26.71 -25.74 -27.09
C LEU B 523 25.30 -26.13 -27.57
N TYR B 524 24.85 -25.47 -28.64
CA TYR B 524 23.64 -25.88 -29.34
C TYR B 524 23.78 -27.34 -29.79
N GLU B 525 24.93 -27.66 -30.39
CA GLU B 525 25.12 -29.04 -30.85
C GLU B 525 25.19 -30.01 -29.66
N LEU B 526 25.80 -29.58 -28.55
CA LEU B 526 25.90 -30.44 -27.36
C LEU B 526 24.52 -30.75 -26.78
N ALA B 527 23.64 -29.74 -26.72
CA ALA B 527 22.29 -30.00 -26.21
C ALA B 527 21.54 -30.98 -27.11
N HIS B 528 21.73 -30.88 -28.42
CA HIS B 528 21.14 -31.89 -29.29
C HIS B 528 21.74 -33.28 -29.09
N ALA B 529 23.05 -33.36 -28.92
CA ALA B 529 23.69 -34.67 -28.79
C ALA B 529 23.34 -35.35 -27.47
N SER B 530 23.10 -34.55 -26.44
CA SER B 530 22.89 -35.08 -25.09
C SER B 530 21.49 -35.61 -24.85
N ASP B 531 20.51 -35.05 -25.56
CA ASP B 531 19.12 -35.39 -25.34
C ASP B 531 18.70 -36.56 -26.22
N PRO B 532 18.36 -37.71 -25.60
CA PRO B 532 17.97 -38.84 -26.43
C PRO B 532 16.66 -38.59 -27.19
N GLN B 533 15.84 -37.63 -26.75
CA GLN B 533 14.61 -37.27 -27.43
C GLN B 533 14.84 -36.24 -28.58
N ASN B 534 16.03 -35.65 -28.60
CA ASN B 534 16.42 -34.66 -29.62
C ASN B 534 15.43 -33.50 -29.70
N ARG B 535 15.08 -32.94 -28.55
CA ARG B 535 14.17 -31.81 -28.50
C ARG B 535 14.83 -30.54 -29.06
N PRO B 536 14.00 -29.57 -29.49
CA PRO B 536 14.49 -28.28 -29.99
C PRO B 536 15.33 -27.57 -28.94
N VAL B 537 16.28 -26.78 -29.44
CA VAL B 537 17.18 -26.04 -28.59
C VAL B 537 17.11 -24.57 -28.96
N THR B 538 17.04 -23.72 -27.95
CA THR B 538 17.02 -22.27 -28.15
C THR B 538 18.08 -21.60 -27.30
N LEU B 539 18.17 -20.30 -27.49
CA LEU B 539 19.00 -19.41 -26.71
C LEU B 539 18.12 -18.20 -26.50
N VAL B 540 17.86 -17.78 -25.25
CA VAL B 540 16.91 -16.69 -25.02
C VAL B 540 17.64 -15.38 -25.18
N CYS B 541 17.16 -14.56 -26.11
CA CYS B 541 17.91 -13.39 -26.53
C CYS B 541 17.42 -12.11 -25.85
N CYS B 542 18.35 -11.32 -25.31
CA CYS B 542 17.97 -10.02 -24.72
C CYS B 542 17.85 -8.92 -25.78
N GLN B 543 16.98 -7.94 -25.54
CA GLN B 543 16.80 -6.83 -26.47
C GLN B 543 18.14 -6.38 -27.00
N ASN B 544 18.33 -6.41 -28.31
CA ASN B 544 19.63 -6.06 -28.85
C ASN B 544 19.48 -5.55 -30.29
N ASP B 545 20.60 -5.29 -30.95
CA ASP B 545 20.57 -4.94 -32.37
C ASP B 545 20.46 -6.25 -33.15
N TYR B 546 19.22 -6.64 -33.43
CA TYR B 546 18.94 -7.92 -34.06
C TYR B 546 19.60 -7.99 -35.46
N THR B 547 19.94 -6.84 -36.05
CA THR B 547 20.53 -6.89 -37.38
C THR B 547 22.00 -7.29 -37.33
N THR B 548 22.68 -7.17 -36.18
CA THR B 548 24.10 -7.60 -36.14
C THR B 548 24.31 -8.87 -35.30
N ASP B 549 23.32 -9.25 -34.52
CA ASP B 549 23.27 -10.58 -33.87
C ASP B 549 23.19 -11.64 -34.98
N ILE B 550 24.18 -12.55 -35.08
CA ILE B 550 24.09 -13.61 -36.10
C ILE B 550 23.84 -14.99 -35.49
N THR B 551 23.59 -15.02 -34.18
CA THR B 551 23.43 -16.28 -33.46
C THR B 551 21.96 -16.66 -33.20
N GLU B 552 21.15 -15.70 -32.75
CA GLU B 552 19.78 -16.05 -32.34
C GLU B 552 18.99 -16.70 -33.48
N ARG B 553 19.17 -16.17 -34.69
CA ARG B 553 18.39 -16.63 -35.84
C ARG B 553 18.72 -18.08 -36.26
N THR B 554 19.78 -18.65 -35.69
CA THR B 554 20.17 -20.01 -36.03
C THR B 554 19.60 -21.02 -35.06
N MET B 555 18.88 -20.56 -34.04
CA MET B 555 18.30 -21.49 -33.06
C MET B 555 17.07 -22.19 -33.65
N ASP B 556 16.59 -23.26 -33.01
CA ASP B 556 15.48 -24.03 -33.55
C ASP B 556 14.16 -23.27 -33.42
N VAL B 557 14.01 -22.56 -32.31
CA VAL B 557 12.94 -21.61 -32.09
C VAL B 557 13.63 -20.33 -31.68
N VAL B 558 13.17 -19.22 -32.23
CA VAL B 558 13.67 -17.91 -31.85
C VAL B 558 12.90 -17.41 -30.62
N CYS B 559 13.65 -17.19 -29.53
CA CYS B 559 13.06 -16.80 -28.24
C CYS B 559 13.60 -15.44 -27.89
N ILE B 560 12.72 -14.44 -27.88
CA ILE B 560 13.18 -13.07 -27.68
C ILE B 560 12.59 -12.42 -26.43
N ASN B 561 13.47 -11.70 -25.72
CA ASN B 561 13.08 -10.84 -24.61
C ASN B 561 13.02 -9.42 -25.14
N ARG B 562 11.86 -8.78 -25.05
CA ARG B 562 11.73 -7.42 -25.59
C ARG B 562 10.96 -6.55 -24.64
N TYR B 563 11.41 -5.31 -24.46
CA TYR B 563 10.78 -4.38 -23.52
C TYR B 563 10.47 -3.03 -24.18
N TYR B 564 10.03 -3.10 -25.43
CA TYR B 564 9.52 -1.91 -26.10
C TYR B 564 8.45 -1.22 -25.28
N GLY B 565 8.60 0.09 -25.04
CA GLY B 565 7.63 0.82 -24.23
C GLY B 565 7.93 0.79 -22.75
N TRP B 566 8.88 -0.04 -22.30
CA TRP B 566 9.31 0.00 -20.88
C TRP B 566 10.73 0.56 -20.76
N TYR B 567 11.73 -0.18 -21.23
CA TYR B 567 13.12 0.31 -21.16
C TYR B 567 13.47 1.26 -22.30
N ASN B 568 12.61 1.34 -23.31
CA ASN B 568 12.80 2.31 -24.40
C ASN B 568 11.41 2.80 -24.79
N LEU B 569 11.33 3.92 -25.52
CA LEU B 569 10.04 4.51 -25.91
C LEU B 569 9.10 4.55 -24.70
N SER B 570 9.65 4.95 -23.55
CA SER B 570 9.02 4.64 -22.26
C SER B 570 7.64 5.24 -22.14
N GLY B 571 6.65 4.38 -21.90
CA GLY B 571 5.29 4.82 -21.65
C GLY B 571 4.49 5.14 -22.89
N ASP B 572 5.13 5.07 -24.05
CA ASP B 572 4.49 5.43 -25.32
C ASP B 572 4.12 4.15 -26.05
N LEU B 573 2.90 3.67 -25.84
CA LEU B 573 2.54 2.36 -26.39
C LEU B 573 2.38 2.39 -27.92
N ASP B 574 1.97 3.53 -28.47
CA ASP B 574 1.92 3.63 -29.94
C ASP B 574 3.32 3.44 -30.52
N ALA B 575 4.30 4.16 -29.97
CA ALA B 575 5.67 4.05 -30.48
C ALA B 575 6.21 2.64 -30.23
N ALA B 576 5.91 2.09 -29.06
CA ALA B 576 6.38 0.75 -28.72
C ALA B 576 5.89 -0.28 -29.75
N CYS B 577 4.61 -0.18 -30.11
CA CYS B 577 4.04 -1.14 -31.07
C CYS B 577 4.60 -0.91 -32.46
N HIS B 578 4.87 0.34 -32.83
CA HIS B 578 5.51 0.64 -34.10
C HIS B 578 6.90 0.00 -34.15
N ALA B 579 7.68 0.19 -33.08
CA ALA B 579 9.03 -0.40 -33.05
C ALA B 579 8.97 -1.93 -33.08
N LEU B 580 8.08 -2.50 -32.25
CA LEU B 580 7.91 -3.95 -32.25
C LEU B 580 7.60 -4.45 -33.65
N ASN B 581 6.66 -3.80 -34.34
CA ASN B 581 6.32 -4.25 -35.68
C ASN B 581 7.48 -4.19 -36.66
N ILE B 582 8.37 -3.20 -36.52
CA ILE B 582 9.57 -3.13 -37.36
C ILE B 582 10.46 -4.35 -37.09
N GLU B 583 10.65 -4.69 -35.82
CA GLU B 583 11.45 -5.88 -35.58
C GLU B 583 10.70 -7.18 -36.01
N LEU B 584 9.38 -7.21 -35.85
CA LEU B 584 8.62 -8.37 -36.32
C LEU B 584 8.77 -8.55 -37.84
N ASP B 585 8.83 -7.44 -38.58
CA ASP B 585 9.06 -7.51 -40.03
C ASP B 585 10.40 -8.17 -40.32
N PHE B 586 11.41 -7.87 -39.50
CA PHE B 586 12.71 -8.54 -39.62
C PHE B 586 12.58 -10.05 -39.44
N TRP B 587 11.91 -10.47 -38.38
CA TRP B 587 11.81 -11.90 -38.08
C TRP B 587 10.93 -12.63 -39.08
N GLU B 588 9.98 -11.90 -39.68
CA GLU B 588 9.10 -12.49 -40.66
C GLU B 588 9.90 -13.04 -41.82
N ASN B 589 10.94 -12.31 -42.22
CA ASN B 589 11.85 -12.71 -43.30
C ASN B 589 12.79 -13.85 -42.96
N ILE B 590 13.16 -13.95 -41.69
CA ILE B 590 14.10 -14.99 -41.25
C ILE B 590 13.43 -16.36 -41.41
N GLY B 591 12.12 -16.43 -41.16
CA GLY B 591 11.38 -17.64 -41.45
C GLY B 591 11.48 -18.73 -40.41
N LYS B 592 11.81 -18.35 -39.18
CA LYS B 592 11.82 -19.30 -38.06
C LYS B 592 10.56 -19.14 -37.21
N PRO B 593 10.19 -20.15 -36.42
CA PRO B 593 9.13 -19.85 -35.44
C PRO B 593 9.70 -18.92 -34.37
N VAL B 594 8.89 -17.98 -33.92
CA VAL B 594 9.35 -16.98 -32.95
C VAL B 594 8.40 -16.90 -31.78
N MET B 595 8.93 -16.71 -30.57
CA MET B 595 8.05 -16.44 -29.44
C MET B 595 8.67 -15.45 -28.49
N PHE B 596 7.82 -14.74 -27.75
CA PHE B 596 8.30 -13.99 -26.59
C PHE B 596 8.68 -14.93 -25.46
N THR B 597 9.83 -14.68 -24.84
CA THR B 597 10.13 -15.32 -23.56
C THR B 597 10.16 -14.31 -22.41
N GLU B 598 10.24 -13.01 -22.74
CA GLU B 598 10.06 -11.94 -21.75
C GLU B 598 9.48 -10.70 -22.39
N TYR B 599 8.58 -10.03 -21.67
CA TYR B 599 8.12 -8.67 -21.96
C TYR B 599 7.21 -8.29 -20.81
N GLY B 600 7.29 -7.05 -20.36
CA GLY B 600 6.50 -6.67 -19.20
C GLY B 600 6.84 -5.30 -18.67
N ALA B 601 6.33 -5.00 -17.48
CA ALA B 601 6.34 -3.64 -16.95
C ALA B 601 6.29 -3.72 -15.45
N ASP B 602 7.21 -3.05 -14.74
CA ASP B 602 7.12 -3.11 -13.27
C ASP B 602 5.83 -2.46 -12.81
N THR B 603 5.20 -3.09 -11.83
CA THR B 603 3.85 -2.72 -11.44
C THR B 603 3.66 -2.87 -9.97
N ILE B 604 3.33 -1.78 -9.28
CA ILE B 604 3.10 -1.85 -7.85
C ILE B 604 1.61 -2.04 -7.62
N GLU B 605 1.20 -3.19 -7.08
CA GLU B 605 -0.21 -3.39 -6.81
C GLU B 605 -0.74 -2.22 -5.98
N GLY B 606 -1.94 -1.76 -6.36
CA GLY B 606 -2.57 -0.66 -5.66
C GLY B 606 -2.32 0.70 -6.26
N ILE B 607 -1.31 0.83 -7.13
CA ILE B 607 -1.10 2.10 -7.85
C ILE B 607 -2.03 2.09 -9.06
N HIS B 608 -2.91 3.09 -9.13
CA HIS B 608 -3.96 3.15 -10.15
C HIS B 608 -4.01 4.52 -10.81
N GLY B 609 -4.42 4.53 -12.07
CA GLY B 609 -4.66 5.77 -12.79
C GLY B 609 -5.72 5.60 -13.84
N THR B 610 -6.49 6.67 -14.11
CA THR B 610 -7.45 6.59 -15.20
C THR B 610 -6.74 6.49 -16.55
N HIS B 611 -5.56 7.10 -16.67
CA HIS B 611 -4.71 6.95 -17.85
C HIS B 611 -3.40 6.44 -17.32
N GLY B 612 -3.32 5.12 -17.25
CA GLY B 612 -2.28 4.45 -16.53
C GLY B 612 -0.88 4.79 -16.98
N GLU B 613 -0.05 5.22 -16.03
CA GLU B 613 1.35 5.50 -16.32
C GLU B 613 2.21 4.37 -15.78
N MET B 614 3.48 4.39 -16.16
CA MET B 614 4.40 3.35 -15.70
C MET B 614 4.36 3.18 -14.18
N PHE B 615 4.27 1.91 -13.77
CA PHE B 615 4.16 1.37 -12.40
C PHE B 615 2.71 1.19 -11.95
N SER B 616 1.75 1.74 -12.69
CA SER B 616 0.34 1.49 -12.33
C SER B 616 -0.15 0.13 -12.82
N GLU B 617 -1.17 -0.39 -12.14
CA GLU B 617 -1.80 -1.64 -12.60
C GLU B 617 -2.39 -1.49 -14.01
N GLU B 618 -2.94 -0.31 -14.31
CA GLU B 618 -3.54 -0.09 -15.64
C GLU B 618 -2.51 -0.10 -16.73
N PHE B 619 -1.35 0.52 -16.51
CA PHE B 619 -0.32 0.51 -17.56
C PHE B 619 0.10 -0.94 -17.88
N GLN B 620 0.25 -1.78 -16.85
CA GLN B 620 0.66 -3.17 -17.12
C GLN B 620 -0.39 -3.91 -17.96
N ARG B 621 -1.66 -3.72 -17.61
CA ARG B 621 -2.73 -4.31 -18.40
C ARG B 621 -2.74 -3.76 -19.84
N ASP B 622 -2.60 -2.44 -19.98
CA ASP B 622 -2.64 -1.81 -21.30
C ASP B 622 -1.46 -2.27 -22.14
N TYR B 623 -0.32 -2.45 -21.47
CA TYR B 623 0.92 -2.90 -22.12
C TYR B 623 0.67 -4.26 -22.84
N TYR B 624 0.15 -5.22 -22.09
CA TYR B 624 -0.12 -6.54 -22.67
C TYR B 624 -1.22 -6.47 -23.70
N ALA B 625 -2.25 -5.66 -23.46
CA ALA B 625 -3.32 -5.56 -24.45
C ALA B 625 -2.79 -5.04 -25.80
N ARG B 626 -1.95 -4.03 -25.75
CA ARG B 626 -1.43 -3.45 -27.00
C ARG B 626 -0.42 -4.39 -27.70
N ILE B 627 0.56 -4.91 -26.96
CA ILE B 627 1.59 -5.74 -27.55
C ILE B 627 0.97 -7.04 -28.10
N ASN B 628 0.04 -7.65 -27.35
CA ASN B 628 -0.51 -8.92 -27.79
C ASN B 628 -1.36 -8.77 -29.04
N ALA B 629 -2.01 -7.62 -29.21
CA ALA B 629 -2.76 -7.38 -30.46
C ALA B 629 -1.84 -7.40 -31.67
N GLU B 630 -0.58 -6.98 -31.49
CA GLU B 630 0.35 -6.96 -32.63
C GLU B 630 0.83 -8.38 -32.96
N ILE B 631 1.20 -9.17 -31.96
CA ILE B 631 1.74 -10.50 -32.29
C ILE B 631 0.63 -11.45 -32.79
N ASP B 632 -0.63 -11.15 -32.48
CA ASP B 632 -1.75 -11.93 -33.00
C ASP B 632 -1.85 -11.85 -34.53
N LYS B 633 -1.29 -10.80 -35.12
CA LYS B 633 -1.35 -10.62 -36.56
C LYS B 633 -0.26 -11.42 -37.31
N ARG B 634 0.63 -12.08 -36.57
CA ARG B 634 1.76 -12.80 -37.19
C ARG B 634 1.62 -14.31 -37.03
N PRO B 635 1.39 -15.05 -38.14
CA PRO B 635 1.10 -16.48 -37.98
C PRO B 635 2.29 -17.29 -37.55
N TRP B 636 3.49 -16.74 -37.72
CA TRP B 636 4.76 -17.43 -37.42
C TRP B 636 5.19 -17.17 -35.98
N PHE B 637 4.40 -16.37 -35.25
CA PHE B 637 4.72 -16.06 -33.86
C PHE B 637 3.97 -17.05 -32.98
N ILE B 638 4.69 -18.01 -32.39
CA ILE B 638 4.09 -19.22 -31.83
C ILE B 638 3.99 -19.25 -30.32
N GLY B 639 4.25 -18.14 -29.65
CA GLY B 639 4.06 -18.18 -28.22
C GLY B 639 4.26 -16.89 -27.52
N GLU B 640 3.65 -16.76 -26.35
CA GLU B 640 3.79 -15.56 -25.55
C GLU B 640 4.11 -15.99 -24.12
N GLN B 641 5.38 -15.90 -23.78
CA GLN B 641 5.80 -16.05 -22.39
C GLN B 641 6.24 -14.69 -21.92
N LEU B 642 5.51 -14.18 -20.94
CA LEU B 642 5.78 -12.82 -20.44
C LEU B 642 6.79 -12.85 -19.28
N TRP B 643 7.25 -11.66 -18.86
CA TRP B 643 8.06 -11.55 -17.66
C TRP B 643 7.27 -10.71 -16.67
N ASN B 644 6.93 -11.20 -15.47
CA ASN B 644 7.25 -12.53 -14.90
C ASN B 644 5.94 -13.06 -14.34
N PHE B 645 5.91 -14.35 -14.06
CA PHE B 645 4.81 -14.93 -13.26
C PHE B 645 4.54 -14.15 -11.96
N ALA B 646 5.57 -13.87 -11.18
CA ALA B 646 5.40 -13.22 -9.86
C ALA B 646 6.59 -12.38 -9.50
N ASP B 647 6.32 -11.29 -8.78
CA ASP B 647 7.40 -10.42 -8.27
C ASP B 647 8.43 -11.24 -7.50
N PHE B 648 9.71 -10.87 -7.63
CA PHE B 648 10.78 -11.68 -7.02
C PHE B 648 11.93 -10.81 -6.56
N ALA B 649 12.78 -11.36 -5.68
CA ALA B 649 13.88 -10.57 -5.10
C ALA B 649 15.06 -10.34 -6.03
N THR B 650 15.65 -9.16 -5.90
CA THR B 650 16.87 -8.81 -6.65
C THR B 650 17.89 -8.14 -5.75
N PHE B 651 19.10 -7.99 -6.26
CA PHE B 651 20.04 -7.06 -5.65
C PHE B 651 19.37 -5.68 -5.55
N GLN B 652 19.67 -4.93 -4.49
CA GLN B 652 19.01 -3.64 -4.37
C GLN B 652 19.56 -2.61 -5.36
N GLY B 653 18.69 -1.73 -5.82
CA GLY B 653 19.12 -0.69 -6.75
C GLY B 653 17.96 0.23 -7.10
N ILE B 654 18.26 1.31 -7.82
CA ILE B 654 17.25 2.37 -7.99
C ILE B 654 16.12 1.99 -8.92
N ILE B 655 16.24 0.90 -9.69
CA ILE B 655 15.08 0.53 -10.52
C ILE B 655 14.34 -0.70 -9.98
N ARG B 656 14.66 -1.12 -8.76
CA ARG B 656 14.06 -2.34 -8.21
C ARG B 656 13.35 -2.00 -6.92
N VAL B 657 12.02 -1.89 -7.00
CA VAL B 657 11.22 -1.48 -5.84
C VAL B 657 10.93 -2.71 -5.01
N GLU B 658 11.83 -3.00 -4.07
CA GLU B 658 11.80 -4.24 -3.33
C GLU B 658 11.75 -5.37 -4.33
N GLY B 659 12.74 -5.41 -5.19
CA GLY B 659 12.88 -6.47 -6.17
C GLY B 659 12.32 -6.12 -7.53
N ASN B 660 12.13 -7.18 -8.33
CA ASN B 660 11.56 -7.02 -9.65
C ASN B 660 10.05 -7.06 -9.55
N ARG B 661 9.37 -6.03 -10.07
CA ARG B 661 7.91 -5.95 -9.87
C ARG B 661 7.16 -6.16 -11.19
N LYS B 662 7.81 -6.86 -12.14
CA LYS B 662 7.12 -7.17 -13.40
C LYS B 662 6.19 -8.40 -13.26
N GLY B 663 6.07 -8.96 -12.06
CA GLY B 663 5.10 -10.03 -11.88
C GLY B 663 3.69 -9.62 -12.28
N ILE B 664 2.96 -10.53 -12.93
CA ILE B 664 1.53 -10.33 -13.08
C ILE B 664 0.83 -10.71 -11.75
N LEU B 665 1.52 -11.50 -10.94
CA LEU B 665 1.14 -11.74 -9.54
C LEU B 665 2.13 -11.05 -8.62
N THR B 666 1.68 -10.71 -7.42
CA THR B 666 2.58 -10.24 -6.37
C THR B 666 3.47 -11.38 -5.88
N ARG B 667 4.46 -11.04 -5.06
CA ARG B 667 5.32 -12.10 -4.52
C ARG B 667 4.50 -13.09 -3.68
N ASP B 668 3.39 -12.62 -3.10
CA ASP B 668 2.50 -13.52 -2.37
C ASP B 668 1.42 -14.14 -3.25
N ARG B 669 1.63 -14.09 -4.57
CA ARG B 669 0.81 -14.80 -5.57
C ARG B 669 -0.60 -14.26 -5.68
N GLN B 670 -0.75 -12.96 -5.46
CA GLN B 670 -2.04 -12.29 -5.59
C GLN B 670 -2.10 -11.61 -6.94
N PRO B 671 -3.27 -11.65 -7.60
CA PRO B 671 -3.33 -11.20 -8.99
C PRO B 671 -3.46 -9.70 -9.16
N LYS B 672 -2.57 -9.09 -9.94
CA LYS B 672 -2.74 -7.69 -10.34
C LYS B 672 -3.79 -7.59 -11.48
N MET B 673 -4.22 -6.37 -11.82
CA MET B 673 -5.17 -6.19 -12.91
C MET B 673 -4.79 -6.96 -14.18
N ALA B 674 -3.50 -6.89 -14.53
CA ALA B 674 -3.06 -7.54 -15.77
C ALA B 674 -3.28 -9.05 -15.71
N ALA B 675 -3.15 -9.65 -14.52
CA ALA B 675 -3.35 -11.09 -14.42
C ALA B 675 -4.79 -11.47 -14.82
N HIS B 676 -5.77 -10.64 -14.40
CA HIS B 676 -7.17 -10.89 -14.73
C HIS B 676 -7.37 -10.72 -16.24
N TRP B 677 -6.75 -9.70 -16.83
CA TRP B 677 -6.88 -9.46 -18.27
C TRP B 677 -6.28 -10.64 -19.07
N LEU B 678 -5.10 -11.08 -18.65
CA LEU B 678 -4.45 -12.20 -19.32
C LEU B 678 -5.24 -13.52 -19.14
N ARG B 679 -5.80 -13.73 -17.96
CA ARG B 679 -6.64 -14.90 -17.72
C ARG B 679 -7.78 -14.95 -18.75
N GLU B 680 -8.43 -13.80 -18.96
CA GLU B 680 -9.52 -13.75 -19.92
C GLU B 680 -9.04 -13.99 -21.36
N ARG B 681 -7.91 -13.39 -21.72
CA ARG B 681 -7.34 -13.63 -23.03
C ARG B 681 -6.99 -15.11 -23.21
N TRP B 682 -6.27 -15.66 -22.23
CA TRP B 682 -5.77 -17.03 -22.37
C TRP B 682 -6.89 -18.08 -22.32
N ALA B 683 -8.01 -17.76 -21.66
CA ALA B 683 -9.18 -18.63 -21.69
C ALA B 683 -9.70 -18.90 -23.09
N GLY B 684 -9.46 -17.93 -23.97
CA GLY B 684 -9.97 -18.00 -25.33
C GLY B 684 -8.96 -18.48 -26.38
N ILE B 685 -7.75 -18.86 -25.94
CA ILE B 685 -6.72 -19.32 -26.85
C ILE B 685 -6.46 -20.80 -26.64
N PRO B 686 -6.66 -21.62 -27.67
CA PRO B 686 -6.48 -23.07 -27.50
C PRO B 686 -5.00 -23.48 -27.47
N ASP B 687 -4.69 -24.59 -26.80
CA ASP B 687 -3.32 -25.09 -26.82
C ASP B 687 -2.87 -25.44 -28.21
N TYR B 688 -3.77 -26.04 -29.00
CA TYR B 688 -3.45 -26.39 -30.37
C TYR B 688 -4.33 -25.62 -31.37
N GLY B 689 -3.73 -25.19 -32.49
CA GLY B 689 -4.50 -24.62 -33.59
C GLY B 689 -4.84 -23.14 -33.57
N TYR B 690 -4.28 -22.41 -32.61
CA TYR B 690 -4.50 -20.97 -32.53
C TYR B 690 -4.00 -20.30 -33.79
N LYS B 691 -2.86 -20.75 -34.27
CA LYS B 691 -2.35 -20.27 -35.55
C LYS B 691 -2.13 -21.39 -36.56
N ASN C 23 -36.29 35.60 1.91
CA ASN C 23 -36.03 34.16 1.70
C ASN C 23 -35.11 33.85 0.51
N GLY C 24 -34.98 34.79 -0.43
CA GLY C 24 -34.03 34.66 -1.53
C GLY C 24 -32.59 34.71 -1.04
N MET C 25 -31.75 33.90 -1.66
CA MET C 25 -30.32 33.87 -1.38
C MET C 25 -29.58 33.73 -2.71
N LEU C 26 -29.87 34.64 -3.65
CA LEU C 26 -29.24 34.59 -4.97
C LEU C 26 -27.73 34.67 -4.83
N TYR C 27 -26.99 33.85 -5.59
CA TYR C 27 -25.53 33.94 -5.45
C TYR C 27 -25.04 35.33 -5.93
N PRO C 28 -24.13 35.96 -5.17
CA PRO C 28 -23.68 37.31 -5.53
C PRO C 28 -23.15 37.43 -6.97
N GLN C 29 -23.57 38.48 -7.68
CA GLN C 29 -23.13 38.74 -9.04
C GLN C 29 -22.55 40.10 -9.16
N SER C 30 -21.60 40.25 -10.09
CA SER C 30 -21.07 41.57 -10.47
C SER C 30 -21.59 41.95 -11.83
N ASN C 31 -22.09 43.18 -11.91
CA ASN C 31 -22.57 43.73 -13.16
C ASN C 31 -22.56 45.23 -13.11
N ASP C 32 -23.33 45.91 -13.97
CA ASP C 32 -23.25 47.36 -13.99
C ASP C 32 -23.81 47.99 -12.69
N SER C 33 -24.67 47.26 -11.96
CA SER C 33 -25.26 47.83 -10.76
C SER C 33 -24.83 47.14 -9.45
N ARG C 34 -23.95 46.13 -9.53
CA ARG C 34 -23.61 45.28 -8.37
C ARG C 34 -22.15 44.88 -8.43
N ILE C 35 -21.49 44.82 -7.28
CA ILE C 35 -20.14 44.26 -7.28
C ILE C 35 -19.95 43.35 -6.09
N VAL C 36 -19.08 42.38 -6.30
CA VAL C 36 -18.71 41.39 -5.30
C VAL C 36 -17.25 41.57 -4.90
N PHE C 37 -16.98 41.53 -3.59
CA PHE C 37 -15.64 41.66 -3.05
C PHE C 37 -15.35 40.40 -2.21
N PRO C 38 -14.68 39.41 -2.80
CA PRO C 38 -14.35 38.20 -2.03
C PRO C 38 -13.53 38.49 -0.80
N LEU C 39 -13.78 37.72 0.25
CA LEU C 39 -13.02 37.86 1.49
C LEU C 39 -12.24 36.59 1.82
N ASP C 40 -12.11 35.70 0.85
CA ASP C 40 -11.31 34.49 1.01
C ASP C 40 -9.85 34.82 1.15
N GLY C 41 -9.08 33.87 1.68
CA GLY C 41 -7.65 34.06 1.80
C GLY C 41 -7.16 33.45 3.09
N VAL C 42 -6.03 33.93 3.57
CA VAL C 42 -5.48 33.39 4.82
C VAL C 42 -5.93 34.31 5.96
N TRP C 43 -6.80 33.79 6.82
CA TRP C 43 -7.32 34.53 7.95
C TRP C 43 -6.51 34.28 9.22
N ASP C 44 -6.79 35.06 10.26
CA ASP C 44 -6.31 34.77 11.60
C ASP C 44 -7.25 33.81 12.31
N PHE C 45 -6.74 33.03 13.25
CA PHE C 45 -7.53 31.96 13.85
C PHE C 45 -7.05 31.61 15.24
N ARG C 46 -7.99 31.36 16.14
CA ARG C 46 -7.67 30.80 17.44
C ARG C 46 -8.67 29.72 17.82
N THR C 47 -8.21 28.65 18.48
CA THR C 47 -9.17 27.75 19.10
C THR C 47 -9.72 28.38 20.38
N ALA C 48 -10.93 27.99 20.76
CA ALA C 48 -11.51 28.50 22.01
C ALA C 48 -12.11 27.35 22.83
N GLY C 49 -13.11 27.66 23.66
CA GLY C 49 -13.55 26.72 24.66
C GLY C 49 -14.61 25.73 24.23
N GLU C 50 -14.92 24.77 25.12
CA GLU C 50 -15.96 23.79 24.81
C GLU C 50 -17.31 24.45 24.70
N ASP C 51 -17.55 25.50 25.48
CA ASP C 51 -18.89 26.12 25.45
C ASP C 51 -18.85 27.62 25.40
N SER C 52 -17.69 28.21 25.19
CA SER C 52 -17.60 29.67 25.17
C SER C 52 -16.38 30.10 24.41
N TYR C 53 -16.30 31.40 24.11
CA TYR C 53 -15.09 32.01 23.57
C TYR C 53 -15.04 33.42 24.11
N PRO C 54 -13.85 34.03 24.13
CA PRO C 54 -13.71 35.38 24.70
C PRO C 54 -14.41 36.45 23.88
N ALA C 55 -15.32 37.19 24.50
CA ALA C 55 -16.05 38.22 23.77
C ALA C 55 -15.09 39.28 23.22
N GLU C 56 -14.01 39.57 23.95
CA GLU C 56 -13.10 40.64 23.53
C GLU C 56 -12.36 40.31 22.24
N TRP C 57 -12.37 39.03 21.85
CA TRP C 57 -11.76 38.68 20.56
C TRP C 57 -12.50 39.29 19.38
N ALA C 58 -13.77 39.71 19.57
CA ALA C 58 -14.49 40.41 18.51
C ALA C 58 -14.20 41.91 18.48
N ASP C 59 -13.54 42.41 19.52
CA ASP C 59 -13.40 43.86 19.68
C ASP C 59 -12.03 44.40 19.35
N ALA C 60 -11.08 43.49 19.11
CA ALA C 60 -9.70 43.87 18.86
C ALA C 60 -9.07 42.69 18.13
N PRO C 61 -7.88 42.89 17.53
CA PRO C 61 -7.23 41.76 16.86
C PRO C 61 -7.03 40.55 17.77
N LEU C 62 -7.21 39.34 17.21
CA LEU C 62 -6.94 38.11 17.96
C LEU C 62 -5.52 38.12 18.46
N PRO C 63 -5.32 37.75 19.72
CA PRO C 63 -3.94 37.61 20.21
C PRO C 63 -3.29 36.34 19.67
N GLU C 64 -2.00 36.43 19.37
CA GLU C 64 -1.20 35.28 18.91
C GLU C 64 -1.93 34.37 17.94
N PRO C 65 -2.42 34.92 16.83
CA PRO C 65 -3.23 34.12 15.91
C PRO C 65 -2.44 33.08 15.14
N LEU C 66 -3.13 32.01 14.80
CA LEU C 66 -2.66 31.03 13.82
C LEU C 66 -3.18 31.41 12.44
N PRO C 67 -2.50 30.97 11.37
CA PRO C 67 -3.08 31.17 10.04
C PRO C 67 -4.12 30.10 9.74
N MET C 68 -5.12 30.47 8.94
CA MET C 68 -6.16 29.51 8.57
C MET C 68 -6.73 29.92 7.24
N ALA C 69 -6.62 29.06 6.23
CA ALA C 69 -7.14 29.43 4.90
C ALA C 69 -8.65 29.29 4.87
N VAL C 70 -9.29 30.25 4.19
CA VAL C 70 -10.75 30.27 3.98
C VAL C 70 -10.98 30.39 2.47
N PRO C 71 -11.81 29.54 1.87
CA PRO C 71 -12.59 28.46 2.52
C PRO C 71 -11.77 27.20 2.79
N GLY C 72 -12.23 26.43 3.78
CA GLY C 72 -11.60 25.17 4.10
C GLY C 72 -12.12 24.71 5.45
N SER C 73 -12.09 23.40 5.72
CA SER C 73 -12.29 22.99 7.13
C SER C 73 -11.03 23.39 7.89
N TYR C 74 -11.13 23.66 9.18
CA TYR C 74 -9.90 23.97 9.89
C TYR C 74 -9.19 22.72 10.38
N ASN C 75 -9.87 21.57 10.41
CA ASN C 75 -9.32 20.43 11.18
C ASN C 75 -8.01 19.87 10.66
N ASP C 76 -7.79 19.91 9.34
CA ASP C 76 -6.55 19.35 8.75
C ASP C 76 -5.58 20.45 8.30
N GLN C 77 -5.74 21.68 8.84
CA GLN C 77 -4.84 22.78 8.48
C GLN C 77 -3.80 23.09 9.57
N ASN C 78 -3.65 22.19 10.56
CA ASN C 78 -2.56 22.44 11.52
C ASN C 78 -2.10 21.18 12.21
N ASP C 79 -0.98 20.64 11.74
CA ASP C 79 -0.50 19.36 12.26
C ASP C 79 0.25 19.49 13.59
N GLU C 80 0.48 20.70 14.07
CA GLU C 80 1.03 20.85 15.44
C GLU C 80 -0.06 20.59 16.49
N LEU C 81 -1.29 20.88 16.12
CA LEU C 81 -2.44 20.71 16.98
C LEU C 81 -3.18 19.45 16.56
N ASN C 82 -4.11 18.99 17.39
CA ASN C 82 -4.96 17.88 16.96
C ASN C 82 -6.35 18.43 16.80
N LEU C 83 -6.55 19.21 15.75
CA LEU C 83 -7.86 19.88 15.59
C LEU C 83 -8.97 18.91 15.19
N ARG C 84 -8.66 17.69 14.76
CA ARG C 84 -9.74 16.73 14.57
C ARG C 84 -10.42 16.39 15.91
N ALA C 85 -9.69 16.53 17.03
CA ALA C 85 -10.23 16.24 18.38
C ALA C 85 -10.92 17.45 19.02
N HIS C 86 -10.89 18.62 18.35
CA HIS C 86 -11.42 19.80 18.97
C HIS C 86 -12.92 19.69 19.24
N TYR C 87 -13.36 20.18 20.41
CA TYR C 87 -14.78 20.20 20.76
C TYR C 87 -15.14 21.61 21.18
N GLY C 88 -16.10 22.23 20.47
CA GLY C 88 -16.60 23.53 20.84
C GLY C 88 -16.28 24.60 19.80
N TRP C 89 -15.82 25.75 20.29
CA TRP C 89 -15.68 26.96 19.48
C TRP C 89 -14.28 27.19 18.94
N VAL C 90 -14.22 27.82 17.76
CA VAL C 90 -13.00 28.45 17.27
C VAL C 90 -13.37 29.84 16.83
N VAL C 91 -12.38 30.72 16.66
CA VAL C 91 -12.67 32.08 16.22
C VAL C 91 -11.75 32.46 15.06
N TYR C 92 -12.38 32.83 13.95
CA TYR C 92 -11.71 33.37 12.77
C TYR C 92 -11.74 34.88 12.80
N GLN C 93 -10.76 35.50 12.18
CA GLN C 93 -10.79 36.96 12.08
C GLN C 93 -9.95 37.44 10.90
N ARG C 94 -10.39 38.52 10.27
CA ARG C 94 -9.54 39.20 9.32
C ARG C 94 -9.95 40.65 9.22
N SER C 95 -9.11 41.44 8.58
CA SER C 95 -9.47 42.83 8.30
C SER C 95 -9.66 43.03 6.82
N PHE C 96 -10.43 44.05 6.46
CA PHE C 96 -10.56 44.42 5.03
C PHE C 96 -10.89 45.88 4.89
N ALA C 97 -10.57 46.45 3.72
CA ALA C 97 -10.91 47.84 3.42
C ALA C 97 -11.36 47.92 1.97
N VAL C 98 -12.31 48.81 1.69
CA VAL C 98 -12.74 49.03 0.30
C VAL C 98 -12.93 50.55 0.11
N PRO C 99 -12.82 51.02 -1.15
CA PRO C 99 -12.96 52.46 -1.40
C PRO C 99 -14.33 52.97 -0.99
N SER C 100 -14.35 54.14 -0.34
CA SER C 100 -15.60 54.77 0.03
C SER C 100 -16.48 55.00 -1.19
N ARG C 101 -15.84 55.24 -2.34
CA ARG C 101 -16.54 55.53 -3.59
C ARG C 101 -17.47 54.40 -4.00
N LEU C 102 -17.10 53.19 -3.62
CA LEU C 102 -17.83 52.02 -4.01
C LEU C 102 -18.94 51.62 -3.03
N VAL C 103 -18.82 52.05 -1.78
CA VAL C 103 -19.86 51.73 -0.80
C VAL C 103 -20.93 52.82 -0.80
N ALA C 104 -20.56 54.03 -1.24
CA ALA C 104 -21.44 55.18 -1.13
C ALA C 104 -22.77 54.93 -1.79
N GLY C 105 -23.83 55.08 -1.00
CA GLY C 105 -25.19 54.97 -1.50
C GLY C 105 -25.69 53.55 -1.73
N GLN C 106 -24.86 52.54 -1.48
CA GLN C 106 -25.25 51.16 -1.78
C GLN C 106 -25.71 50.39 -0.57
N ARG C 107 -26.43 49.30 -0.81
CA ARG C 107 -26.74 48.32 0.23
C ARG C 107 -25.59 47.32 0.27
N MET C 108 -24.99 47.16 1.44
CA MET C 108 -23.80 46.34 1.64
C MET C 108 -24.17 45.08 2.38
N ILE C 109 -23.88 43.93 1.76
CA ILE C 109 -24.23 42.64 2.32
C ILE C 109 -23.01 41.76 2.50
N LEU C 110 -22.90 41.13 3.66
CA LEU C 110 -21.81 40.17 3.92
C LEU C 110 -22.41 38.78 3.87
N ARG C 111 -21.95 37.95 2.95
CA ARG C 111 -22.47 36.59 2.79
C ARG C 111 -21.45 35.54 3.19
N PHE C 112 -21.94 34.58 3.99
CA PHE C 112 -21.20 33.36 4.32
C PHE C 112 -21.82 32.22 3.55
N ASP C 113 -21.09 31.64 2.61
CA ASP C 113 -21.67 30.53 1.85
C ASP C 113 -21.90 29.32 2.77
N ALA C 114 -21.02 29.10 3.76
CA ALA C 114 -21.28 28.08 4.80
C ALA C 114 -20.32 28.22 5.95
N ALA C 115 -20.87 28.16 7.15
CA ALA C 115 -20.05 28.09 8.38
C ALA C 115 -20.58 26.91 9.16
N THR C 116 -19.72 25.92 9.39
CA THR C 116 -20.17 24.61 9.90
C THR C 116 -19.78 24.46 11.37
N HIS C 117 -20.71 24.33 12.34
CA HIS C 117 -22.16 24.23 12.14
C HIS C 117 -22.94 25.49 12.50
N ALA C 118 -22.43 26.27 13.44
CA ALA C 118 -23.12 27.44 13.93
C ALA C 118 -22.10 28.57 14.04
N ALA C 119 -22.57 29.79 13.83
CA ALA C 119 -21.65 30.93 13.82
C ALA C 119 -22.24 32.15 14.49
N ASP C 120 -21.38 32.93 15.15
CA ASP C 120 -21.69 34.29 15.59
C ASP C 120 -20.77 35.20 14.79
N VAL C 121 -21.32 36.24 14.16
CA VAL C 121 -20.53 37.10 13.30
C VAL C 121 -20.52 38.53 13.84
N TYR C 122 -19.34 39.11 13.90
CA TYR C 122 -19.13 40.46 14.39
C TYR C 122 -18.39 41.32 13.38
N LEU C 123 -18.73 42.61 13.33
CA LEU C 123 -17.97 43.53 12.49
C LEU C 123 -17.71 44.78 13.32
N ASN C 124 -16.44 45.16 13.44
CA ASN C 124 -16.07 46.37 14.18
C ASN C 124 -16.66 46.38 15.58
N GLY C 125 -16.63 45.21 16.22
CA GLY C 125 -17.07 45.09 17.61
C GLY C 125 -18.56 44.96 17.80
N GLN C 126 -19.32 44.94 16.70
CA GLN C 126 -20.77 44.84 16.78
C GLN C 126 -21.25 43.47 16.33
N LEU C 127 -22.13 42.85 17.11
CA LEU C 127 -22.77 41.62 16.68
C LEU C 127 -23.66 41.87 15.45
N LEU C 128 -23.39 41.14 14.35
CA LEU C 128 -24.29 41.17 13.19
C LEU C 128 -25.41 40.17 13.36
N GLY C 129 -25.08 39.00 13.90
CA GLY C 129 -26.09 37.98 14.11
C GLY C 129 -25.47 36.61 14.17
N SER C 130 -26.32 35.61 14.21
CA SER C 130 -25.91 34.23 14.36
C SER C 130 -26.64 33.34 13.36
N HIS C 131 -26.12 32.15 13.16
CA HIS C 131 -26.75 31.20 12.28
C HIS C 131 -26.51 29.79 12.81
N PHE C 132 -27.53 28.93 12.67
CA PHE C 132 -27.34 27.47 12.85
C PHE C 132 -27.65 26.79 11.56
N GLY C 133 -26.81 25.85 11.15
CA GLY C 133 -27.04 25.06 9.95
C GLY C 133 -25.76 25.14 9.13
N GLY C 134 -25.00 24.05 9.09
CA GLY C 134 -23.63 24.11 8.64
C GLY C 134 -23.42 24.04 7.15
N PHE C 135 -24.49 23.95 6.35
CA PHE C 135 -24.34 23.62 4.93
C PHE C 135 -25.15 24.49 3.99
N LEU C 136 -25.65 25.61 4.52
CA LEU C 136 -26.45 26.55 3.73
C LEU C 136 -26.00 27.98 4.05
N PRO C 137 -26.16 28.87 3.07
CA PRO C 137 -25.64 30.24 3.19
C PRO C 137 -26.50 31.16 4.06
N PHE C 138 -25.86 32.19 4.59
CA PHE C 138 -26.57 33.19 5.36
C PHE C 138 -25.84 34.53 5.16
N GLU C 139 -26.54 35.63 5.39
CA GLU C 139 -25.94 36.93 5.12
C GLU C 139 -26.48 37.98 6.08
N PHE C 140 -25.74 39.11 6.14
CA PHE C 140 -26.08 40.24 7.01
C PHE C 140 -25.96 41.53 6.25
N ASP C 141 -26.86 42.47 6.53
CA ASP C 141 -26.75 43.82 5.99
C ASP C 141 -25.76 44.57 6.88
N VAL C 142 -24.61 44.95 6.31
CA VAL C 142 -23.56 45.59 7.08
C VAL C 142 -23.40 47.06 6.67
N THR C 143 -24.41 47.60 5.98
CA THR C 143 -24.37 48.99 5.52
C THR C 143 -24.05 49.94 6.68
N SER C 144 -24.69 49.74 7.83
CA SER C 144 -24.48 50.65 8.96
C SER C 144 -23.23 50.33 9.78
N ALA C 145 -22.76 49.08 9.75
CA ALA C 145 -21.63 48.67 10.60
C ALA C 145 -20.28 48.94 9.94
N LEU C 146 -20.25 48.97 8.62
CA LEU C 146 -19.01 49.26 7.88
C LEU C 146 -18.50 50.65 8.15
N HIS C 147 -17.18 50.83 8.12
CA HIS C 147 -16.66 52.20 8.14
C HIS C 147 -15.49 52.33 7.17
N ALA C 148 -15.02 53.56 6.95
CA ALA C 148 -13.89 53.79 6.04
C ALA C 148 -12.64 53.17 6.64
N GLY C 149 -11.67 52.82 5.80
CA GLY C 149 -10.45 52.23 6.31
C GLY C 149 -10.64 50.77 6.66
N GLU C 150 -9.78 50.29 7.56
CA GLU C 150 -9.80 48.88 7.89
C GLU C 150 -11.00 48.52 8.77
N ASN C 151 -11.68 47.44 8.40
CA ASN C 151 -12.82 46.89 9.15
C ASN C 151 -12.38 45.56 9.72
N LEU C 152 -12.80 45.24 10.95
CA LEU C 152 -12.38 44.03 11.64
C LEU C 152 -13.57 43.05 11.69
N LEU C 153 -13.42 41.93 10.99
CA LEU C 153 -14.46 40.93 10.84
C LEU C 153 -14.11 39.71 11.68
N THR C 154 -14.96 39.36 12.64
CA THR C 154 -14.72 38.21 13.52
C THR C 154 -15.83 37.19 13.39
N VAL C 155 -15.48 35.91 13.26
CA VAL C 155 -16.50 34.89 13.06
C VAL C 155 -16.22 33.75 13.99
N ALA C 156 -17.06 33.58 15.03
CA ALA C 156 -16.93 32.45 15.93
C ALA C 156 -17.70 31.28 15.35
N VAL C 157 -17.09 30.09 15.27
CA VAL C 157 -17.74 28.94 14.67
C VAL C 157 -17.74 27.78 15.66
N ASP C 158 -18.92 27.19 15.87
CA ASP C 158 -19.15 26.11 16.84
C ASP C 158 -19.28 24.79 16.07
N ASN C 159 -18.53 23.78 16.46
CA ASN C 159 -18.57 22.49 15.75
C ASN C 159 -19.46 21.45 16.46
N ARG C 160 -20.13 21.83 17.55
CA ARG C 160 -20.74 20.80 18.39
C ARG C 160 -22.00 20.21 17.78
N ILE C 161 -22.10 18.88 17.89
CA ILE C 161 -23.28 18.15 17.45
C ILE C 161 -23.81 17.34 18.61
N GLY C 162 -25.09 17.03 18.57
CA GLY C 162 -25.73 16.31 19.67
C GLY C 162 -27.14 15.93 19.30
N SER C 163 -27.93 15.60 20.29
CA SER C 163 -29.23 15.02 19.99
C SER C 163 -30.22 16.04 19.40
N SER C 164 -29.88 17.34 19.42
CA SER C 164 -30.79 18.30 18.81
C SER C 164 -30.23 18.96 17.52
N THR C 165 -29.05 18.53 17.05
CA THR C 165 -28.52 19.11 15.81
C THR C 165 -28.84 18.26 14.58
N LEU C 166 -28.83 18.88 13.40
CA LEU C 166 -28.82 18.18 12.12
C LEU C 166 -27.52 18.64 11.44
N PRO C 167 -26.57 17.73 11.17
CA PRO C 167 -26.64 16.28 11.41
C PRO C 167 -26.56 15.95 12.91
N VAL C 168 -27.05 14.75 13.25
CA VAL C 168 -27.24 14.32 14.64
C VAL C 168 -25.96 13.80 15.29
N GLY C 169 -25.67 14.25 16.50
CA GLY C 169 -24.63 13.67 17.30
C GLY C 169 -25.22 12.86 18.45
N ASN C 170 -24.38 11.98 19.03
CA ASN C 170 -24.76 11.23 20.22
C ASN C 170 -24.25 11.94 21.45
N ASP C 171 -25.11 12.10 22.46
CA ASP C 171 -24.72 12.80 23.68
C ASP C 171 -23.86 11.91 24.59
N ALA C 172 -23.92 10.61 24.38
CA ALA C 172 -23.14 9.65 25.17
C ALA C 172 -22.92 8.40 24.33
N GLY C 173 -22.13 7.49 24.88
CA GLY C 173 -21.90 6.21 24.21
C GLY C 173 -20.74 6.29 23.25
N THR C 174 -20.99 5.89 22.01
CA THR C 174 -19.98 5.85 20.97
C THR C 174 -20.46 6.58 19.74
N ALA C 175 -19.53 6.82 18.79
CA ALA C 175 -19.91 7.29 17.47
C ALA C 175 -20.63 6.16 16.75
N PHE C 176 -21.30 6.51 15.68
CA PHE C 176 -21.99 5.54 14.87
C PHE C 176 -21.01 4.46 14.39
N MET C 177 -21.44 3.20 14.43
CA MET C 177 -20.62 2.02 14.14
C MET C 177 -19.37 1.92 15.01
N GLY C 178 -19.44 2.45 16.23
CA GLY C 178 -18.33 2.34 17.17
C GLY C 178 -18.41 1.06 17.98
N SER C 179 -17.23 0.57 18.35
CA SER C 179 -17.10 -0.60 19.19
C SER C 179 -17.19 -0.22 20.68
N ASP C 180 -17.73 -1.13 21.51
CA ASP C 180 -17.76 -0.86 22.94
C ASP C 180 -17.67 -2.17 23.74
N ASN C 181 -17.31 -2.04 25.02
CA ASN C 181 -17.46 -3.10 26.02
C ASN C 181 -18.15 -2.49 27.22
N ALA C 182 -19.42 -2.13 27.04
CA ALA C 182 -20.10 -1.25 27.97
C ALA C 182 -20.30 -1.87 29.35
N ASN C 183 -20.30 -3.20 29.41
CA ASN C 183 -20.52 -3.92 30.65
C ASN C 183 -19.29 -4.07 31.53
N VAL C 184 -18.11 -3.67 31.03
CA VAL C 184 -16.88 -3.68 31.83
C VAL C 184 -16.88 -2.44 32.73
N PRO C 185 -16.86 -2.65 34.05
CA PRO C 185 -16.98 -1.51 34.97
C PRO C 185 -15.94 -0.40 34.73
N ALA C 186 -14.72 -0.79 34.42
CA ALA C 186 -13.65 0.18 34.21
C ALA C 186 -13.97 1.08 33.00
N VAL C 187 -14.63 0.50 31.99
CA VAL C 187 -15.02 1.25 30.78
C VAL C 187 -16.10 2.27 31.14
N ALA C 188 -17.09 1.81 31.88
CA ALA C 188 -18.19 2.70 32.26
C ALA C 188 -17.66 3.87 33.07
N GLU C 189 -16.71 3.62 33.96
CA GLU C 189 -16.17 4.67 34.80
C GLU C 189 -15.28 5.62 34.00
N ALA C 190 -14.42 5.08 33.15
CA ALA C 190 -13.56 5.94 32.32
C ALA C 190 -14.38 6.84 31.37
N LYS C 191 -15.50 6.32 30.88
CA LYS C 191 -16.39 7.12 30.04
C LYS C 191 -16.84 8.40 30.74
N LYS C 192 -17.10 8.31 32.04
CA LYS C 192 -17.63 9.43 32.80
C LYS C 192 -16.68 10.61 32.81
N HIS C 193 -15.38 10.34 32.73
CA HIS C 193 -14.38 11.38 32.89
C HIS C 193 -13.59 11.68 31.62
N ALA C 194 -13.95 11.02 30.53
CA ALA C 194 -13.23 11.20 29.28
C ALA C 194 -13.41 12.60 28.71
N ARG C 195 -12.42 13.06 27.98
CA ARG C 195 -12.49 14.38 27.33
C ARG C 195 -13.74 14.46 26.47
N ARG C 196 -14.44 15.58 26.54
CA ARG C 196 -15.62 15.72 25.70
C ARG C 196 -15.22 15.72 24.23
N GLN C 197 -15.99 14.96 23.45
CA GLN C 197 -15.75 14.80 22.00
C GLN C 197 -17.08 14.73 21.27
N ASN C 198 -17.16 15.28 20.07
CA ASN C 198 -18.36 15.06 19.26
C ASN C 198 -18.39 13.61 18.86
N LEU C 199 -19.55 13.00 19.03
CA LEU C 199 -19.72 11.61 18.59
C LEU C 199 -20.72 11.56 17.44
N PRO C 200 -20.23 11.56 16.17
CA PRO C 200 -21.23 11.60 15.08
C PRO C 200 -22.19 10.39 15.13
N ASN C 201 -23.50 10.59 14.93
CA ASN C 201 -24.38 9.48 14.64
C ASN C 201 -24.50 9.31 13.12
N PHE C 202 -23.43 9.63 12.41
CA PHE C 202 -23.36 9.56 10.95
C PHE C 202 -21.94 9.13 10.61
N ASP C 203 -21.79 8.58 9.42
CA ASP C 203 -20.55 7.94 9.00
C ASP C 203 -19.71 8.87 8.12
N PHE C 204 -19.43 10.08 8.56
CA PHE C 204 -18.45 10.94 7.91
C PHE C 204 -17.88 11.87 8.95
N PHE C 205 -16.64 12.30 8.74
CA PHE C 205 -15.98 13.07 9.79
C PHE C 205 -16.65 14.45 9.95
N ASN C 206 -16.76 14.91 11.19
CA ASN C 206 -17.38 16.19 11.51
C ASN C 206 -16.47 17.39 11.22
N PHE C 207 -16.07 17.56 9.96
CA PHE C 207 -15.26 18.71 9.54
C PHE C 207 -16.01 20.01 9.74
N ALA C 208 -15.32 20.98 10.34
CA ALA C 208 -15.98 22.24 10.73
C ALA C 208 -15.17 23.45 10.30
N GLY C 209 -15.78 24.62 10.44
CA GLY C 209 -15.14 25.87 10.08
C GLY C 209 -15.79 26.58 8.89
N LEU C 210 -15.07 27.55 8.30
CA LEU C 210 -15.59 28.30 7.17
C LEU C 210 -15.38 27.47 5.90
N ASN C 211 -16.24 26.48 5.74
CA ASN C 211 -16.08 25.49 4.66
C ASN C 211 -16.31 26.05 3.26
N ARG C 212 -17.00 27.18 3.15
CA ARG C 212 -17.27 27.77 1.85
C ARG C 212 -16.96 29.28 1.88
N HIS C 213 -17.08 29.90 0.71
CA HIS C 213 -16.58 31.25 0.50
C HIS C 213 -17.25 32.29 1.38
N VAL C 214 -16.54 33.38 1.61
CA VAL C 214 -17.06 34.56 2.29
C VAL C 214 -16.90 35.73 1.34
N GLU C 215 -17.92 36.58 1.23
CA GLU C 215 -17.79 37.73 0.33
C GLU C 215 -18.69 38.87 0.75
N LEU C 216 -18.20 40.07 0.52
CA LEU C 216 -19.00 41.29 0.67
C LEU C 216 -19.57 41.61 -0.70
N TYR C 217 -20.83 41.98 -0.78
CA TYR C 217 -21.36 42.39 -2.08
C TYR C 217 -22.29 43.56 -1.95
N THR C 218 -22.56 44.19 -3.09
CA THR C 218 -23.41 45.38 -3.10
C THR C 218 -24.61 45.23 -4.01
N THR C 219 -25.68 45.91 -3.64
CA THR C 219 -26.83 46.10 -4.52
C THR C 219 -27.28 47.55 -4.37
N PRO C 220 -28.10 48.03 -5.30
CA PRO C 220 -28.76 49.30 -5.04
C PRO C 220 -29.58 49.24 -3.73
N ALA C 221 -29.76 50.39 -3.09
CA ALA C 221 -30.39 50.43 -1.76
C ALA C 221 -31.89 50.68 -1.81
N ASP C 222 -32.33 51.53 -2.73
CA ASP C 222 -33.72 51.96 -2.72
C ASP C 222 -34.69 50.84 -3.13
N ALA C 223 -34.27 50.04 -4.10
CA ALA C 223 -35.06 48.94 -4.64
C ALA C 223 -34.10 47.99 -5.32
N TYR C 224 -34.26 46.69 -5.11
CA TYR C 224 -33.33 45.73 -5.66
C TYR C 224 -34.01 44.38 -5.83
N ILE C 225 -33.42 43.56 -6.68
CA ILE C 225 -33.90 42.20 -6.91
C ILE C 225 -33.45 41.30 -5.75
N ALA C 226 -34.41 40.68 -5.07
CA ALA C 226 -34.14 39.85 -3.90
C ALA C 226 -34.21 38.35 -4.21
N ASP C 227 -35.03 37.93 -5.17
CA ASP C 227 -35.16 36.51 -5.49
C ASP C 227 -35.70 36.36 -6.89
N ILE C 228 -35.38 35.24 -7.53
CA ILE C 228 -35.95 34.88 -8.83
C ILE C 228 -36.24 33.39 -8.78
N ALA C 229 -37.42 33.01 -9.25
CA ALA C 229 -37.77 31.59 -9.47
C ALA C 229 -38.22 31.40 -10.89
N ILE C 230 -37.58 30.47 -11.60
CA ILE C 230 -38.00 30.10 -12.96
C ILE C 230 -38.49 28.67 -12.91
N THR C 231 -39.65 28.43 -13.51
CA THR C 231 -40.16 27.06 -13.60
C THR C 231 -40.54 26.67 -14.99
N THR C 232 -40.39 25.38 -15.30
CA THR C 232 -40.95 24.85 -16.54
C THR C 232 -42.35 24.35 -16.20
N GLU C 233 -43.37 25.10 -16.60
CA GLU C 233 -44.74 24.77 -16.22
C GLU C 233 -45.32 23.67 -17.09
N ARG C 234 -45.02 23.72 -18.38
CA ARG C 234 -45.59 22.76 -19.31
C ARG C 234 -44.79 22.67 -20.57
N LEU C 235 -44.68 21.45 -21.10
CA LEU C 235 -44.09 21.25 -22.43
C LEU C 235 -45.16 20.67 -23.34
N ASP C 236 -45.34 21.31 -24.49
CA ASP C 236 -46.26 20.80 -25.50
C ASP C 236 -45.50 20.11 -26.61
N HIS C 237 -45.81 18.84 -26.85
CA HIS C 237 -45.22 18.06 -27.94
C HIS C 237 -43.69 18.06 -27.98
N ILE C 238 -43.14 17.31 -27.03
CA ILE C 238 -41.70 17.08 -26.97
C ILE C 238 -41.26 16.24 -28.17
N ALA C 239 -40.13 16.61 -28.78
CA ALA C 239 -39.59 15.88 -29.93
C ALA C 239 -39.22 14.46 -29.53
N GLY C 240 -39.20 13.56 -30.52
CA GLY C 240 -38.84 12.18 -30.26
C GLY C 240 -37.51 12.05 -29.55
N ASP C 241 -36.57 12.90 -29.91
CA ASP C 241 -35.23 12.81 -29.31
C ASP C 241 -35.07 13.64 -28.02
N ALA C 242 -36.18 14.27 -27.57
CA ALA C 242 -36.21 15.10 -26.35
C ALA C 242 -35.32 16.35 -26.48
N CYS C 243 -34.87 16.70 -27.67
CA CYS C 243 -33.98 17.86 -27.76
C CYS C 243 -34.74 19.18 -27.76
N THR C 244 -35.99 19.13 -28.22
CA THR C 244 -36.83 20.32 -28.31
C THR C 244 -38.25 19.99 -27.95
N ALA C 245 -39.06 21.03 -27.75
CA ALA C 245 -40.51 20.87 -27.63
C ALA C 245 -41.12 21.91 -28.53
N ALA C 246 -42.27 21.60 -29.09
CA ALA C 246 -42.96 22.58 -29.94
C ALA C 246 -43.22 23.89 -29.18
N ASN C 247 -43.57 23.77 -27.89
CA ASN C 247 -43.78 24.93 -27.03
C ASN C 247 -43.38 24.61 -25.61
N ALA C 248 -42.72 25.55 -24.94
CA ALA C 248 -42.50 25.43 -23.51
C ALA C 248 -43.14 26.63 -22.84
N LEU C 249 -43.94 26.36 -21.82
CA LEU C 249 -44.51 27.42 -20.99
C LEU C 249 -43.65 27.53 -19.74
N ILE C 250 -42.99 28.66 -19.54
CA ILE C 250 -42.18 28.84 -18.35
C ILE C 250 -42.80 29.94 -17.52
N ALA C 251 -42.57 29.88 -16.22
CA ALA C 251 -43.09 30.93 -15.35
C ALA C 251 -41.91 31.58 -14.65
N TYR C 252 -42.08 32.88 -14.38
CA TYR C 252 -41.11 33.61 -13.57
C TYR C 252 -41.80 34.22 -12.37
N ASP C 253 -41.04 34.34 -11.29
CA ASP C 253 -41.50 34.99 -10.07
C ASP C 253 -40.31 35.74 -9.55
N VAL C 254 -40.38 37.07 -9.54
CA VAL C 254 -39.27 37.89 -9.08
C VAL C 254 -39.70 38.66 -7.85
N THR C 255 -38.88 38.58 -6.80
CA THR C 255 -39.17 39.26 -5.55
C THR C 255 -38.21 40.44 -5.41
N PHE C 256 -38.67 41.57 -4.85
CA PHE C 256 -37.85 42.76 -4.67
C PHE C 256 -37.76 43.17 -3.22
N GLY C 257 -36.67 43.82 -2.86
CA GLY C 257 -36.53 44.44 -1.55
C GLY C 257 -36.37 45.95 -1.70
N GLY C 258 -36.42 46.65 -0.56
CA GLY C 258 -36.24 48.10 -0.55
C GLY C 258 -37.51 48.87 -0.29
N ASP C 259 -37.36 50.20 -0.18
CA ASP C 259 -38.41 51.12 0.25
C ASP C 259 -38.92 50.78 1.66
N GLY C 298 -46.39 52.15 -9.47
CA GLY C 298 -46.28 51.76 -10.85
C GLY C 298 -44.87 51.37 -11.32
N ARG C 299 -44.18 50.51 -10.58
CA ARG C 299 -42.82 50.11 -10.97
C ARG C 299 -42.82 48.86 -11.86
N GLN C 300 -41.78 48.68 -12.68
CA GLN C 300 -41.72 47.56 -13.64
C GLN C 300 -40.37 46.85 -13.65
N VAL C 301 -40.41 45.59 -14.06
CA VAL C 301 -39.19 44.82 -14.29
C VAL C 301 -39.24 44.25 -15.69
N ARG C 302 -38.14 44.35 -16.42
CA ARG C 302 -38.04 43.73 -17.75
C ARG C 302 -37.43 42.33 -17.59
N ILE C 303 -38.09 41.33 -18.14
CA ILE C 303 -37.56 39.98 -18.15
C ILE C 303 -37.16 39.63 -19.55
N SER C 304 -35.89 39.33 -19.77
CA SER C 304 -35.41 38.89 -21.07
C SER C 304 -34.93 37.45 -20.99
N ILE C 305 -35.34 36.63 -21.95
CA ILE C 305 -34.89 35.25 -21.99
C ILE C 305 -33.84 35.10 -23.09
N LEU C 306 -32.63 34.71 -22.70
CA LEU C 306 -31.51 34.53 -23.61
C LEU C 306 -31.22 33.05 -23.84
N ASP C 307 -31.00 32.67 -25.09
CA ASP C 307 -30.65 31.28 -25.34
C ASP C 307 -29.15 31.04 -25.14
N GLY C 308 -28.68 29.85 -25.51
CA GLY C 308 -27.30 29.46 -25.30
C GLY C 308 -26.27 30.35 -25.99
N GLU C 309 -26.69 31.06 -27.02
CA GLU C 309 -25.78 31.97 -27.71
C GLU C 309 -25.91 33.38 -27.20
N GLY C 310 -26.78 33.60 -26.23
CA GLY C 310 -27.00 34.92 -25.69
C GLY C 310 -28.01 35.72 -26.50
N THR C 311 -28.69 35.05 -27.43
CA THR C 311 -29.72 35.70 -28.24
C THR C 311 -31.02 35.90 -27.48
N VAL C 312 -31.62 37.09 -27.54
CA VAL C 312 -32.90 37.28 -26.88
C VAL C 312 -34.02 36.55 -27.61
N VAL C 313 -34.63 35.56 -26.99
CA VAL C 313 -35.70 34.82 -27.69
C VAL C 313 -37.09 35.18 -27.19
N ALA C 314 -37.17 35.86 -26.06
CA ALA C 314 -38.43 36.28 -25.48
C ALA C 314 -38.17 37.40 -24.51
N GLY C 315 -39.17 38.24 -24.31
CA GLY C 315 -39.02 39.37 -23.40
C GLY C 315 -40.38 39.91 -23.03
N VAL C 316 -40.54 40.26 -21.76
CA VAL C 316 -41.78 40.83 -21.30
C VAL C 316 -41.47 41.87 -20.23
N THR C 317 -42.34 42.86 -20.09
CA THR C 317 -42.26 43.79 -18.99
C THR C 317 -43.41 43.50 -18.04
N ALA C 318 -43.10 43.31 -16.76
CA ALA C 318 -44.08 42.92 -15.75
C ALA C 318 -44.23 44.02 -14.72
N ASP C 319 -45.45 44.18 -14.20
CA ASP C 319 -45.70 45.15 -13.14
C ASP C 319 -45.27 44.59 -11.80
N ILE C 320 -44.64 45.45 -11.01
CA ILE C 320 -44.26 45.05 -9.67
C ILE C 320 -45.41 45.42 -8.74
N GLU C 321 -45.89 44.45 -7.98
CA GLU C 321 -47.06 44.66 -7.11
C GLU C 321 -46.68 44.37 -5.69
N ARG C 322 -47.25 45.11 -4.76
CA ARG C 322 -46.98 44.83 -3.37
C ARG C 322 -48.19 44.14 -2.75
N THR C 327 -41.94 40.19 -1.37
CA THR C 327 -43.14 40.80 -0.80
C THR C 327 -43.75 41.79 -1.82
N ALA C 328 -42.89 42.68 -2.34
CA ALA C 328 -43.09 43.30 -3.64
C ALA C 328 -42.63 42.27 -4.68
N LYS C 329 -43.51 41.95 -5.62
CA LYS C 329 -43.24 40.87 -6.58
C LYS C 329 -43.74 41.13 -7.97
N ALA C 330 -43.11 40.49 -8.94
CA ALA C 330 -43.62 40.45 -10.30
C ALA C 330 -43.65 39.01 -10.74
N SER C 331 -44.71 38.60 -11.41
CA SER C 331 -44.77 37.20 -11.83
C SER C 331 -45.57 37.07 -13.10
N GLY C 332 -45.28 36.02 -13.84
CA GLY C 332 -46.00 35.78 -15.07
C GLY C 332 -45.50 34.56 -15.79
N GLU C 333 -45.97 34.41 -17.03
CA GLU C 333 -45.58 33.29 -17.87
C GLU C 333 -45.03 33.76 -19.20
N ILE C 334 -44.17 32.93 -19.79
CA ILE C 334 -43.58 33.21 -21.09
C ILE C 334 -43.63 31.93 -21.93
N ALA C 335 -44.15 32.04 -23.15
CA ALA C 335 -44.14 30.88 -24.03
C ALA C 335 -42.90 30.92 -24.91
N ILE C 336 -42.19 29.81 -24.96
CA ILE C 336 -41.00 29.69 -25.77
C ILE C 336 -41.21 28.65 -26.87
N ARG C 337 -41.32 29.14 -28.09
CA ARG C 337 -41.51 28.27 -29.22
C ARG C 337 -40.24 27.49 -29.59
N ASP C 338 -40.39 26.21 -29.95
CA ASP C 338 -39.23 25.38 -30.34
C ASP C 338 -38.13 25.42 -29.27
N ALA C 339 -38.58 25.31 -28.04
CA ALA C 339 -37.68 25.41 -26.88
C ALA C 339 -36.64 24.29 -26.92
N LYS C 340 -35.39 24.62 -26.59
CA LYS C 340 -34.31 23.65 -26.52
C LYS C 340 -34.22 23.11 -25.09
N LEU C 341 -34.43 21.81 -24.94
CA LEU C 341 -34.57 21.23 -23.61
C LEU C 341 -33.24 20.84 -22.97
N TRP C 342 -33.23 20.84 -21.65
CA TRP C 342 -32.09 20.33 -20.87
C TRP C 342 -32.29 18.84 -20.64
N ASN C 343 -31.25 18.05 -20.92
CA ASN C 343 -31.31 16.60 -20.68
C ASN C 343 -30.03 16.11 -20.06
N PRO C 344 -30.10 15.03 -19.27
CA PRO C 344 -28.85 14.37 -18.88
C PRO C 344 -28.04 14.04 -20.13
N GLY C 345 -26.74 14.29 -20.06
CA GLY C 345 -25.87 14.03 -21.17
C GLY C 345 -25.98 15.02 -22.32
N ALA C 346 -26.87 16.01 -22.19
CA ALA C 346 -27.08 16.97 -23.29
C ALA C 346 -27.69 18.22 -22.69
N ALA C 347 -26.88 18.93 -21.90
CA ALA C 347 -27.32 20.16 -21.26
C ALA C 347 -27.63 21.22 -22.26
N TYR C 348 -28.63 22.04 -21.95
CA TYR C 348 -28.88 23.28 -22.68
C TYR C 348 -29.38 24.26 -21.64
N LEU C 349 -28.76 25.43 -21.57
CA LEU C 349 -29.14 26.45 -20.58
C LEU C 349 -29.55 27.75 -21.23
N TYR C 350 -30.63 28.31 -20.69
CA TYR C 350 -31.04 29.69 -20.96
C TYR C 350 -30.62 30.60 -19.81
N THR C 351 -30.71 31.91 -20.03
CA THR C 351 -30.57 32.88 -18.95
C THR C 351 -31.81 33.75 -18.90
N ALA C 352 -32.38 33.92 -17.70
CA ALA C 352 -33.42 34.92 -17.48
C ALA C 352 -32.77 36.18 -16.93
N VAL C 353 -32.81 37.26 -17.70
CA VAL C 353 -32.23 38.52 -17.24
C VAL C 353 -33.36 39.38 -16.67
N ALA C 354 -33.29 39.71 -15.37
CA ALA C 354 -34.28 40.58 -14.77
C ALA C 354 -33.63 41.94 -14.61
N GLU C 355 -34.31 42.96 -15.14
CA GLU C 355 -33.83 44.33 -15.04
C GLU C 355 -34.89 45.22 -14.42
N LEU C 356 -34.60 45.76 -13.24
CA LEU C 356 -35.49 46.68 -12.57
C LEU C 356 -35.45 48.02 -13.28
N LEU C 357 -36.62 48.52 -13.71
CA LEU C 357 -36.69 49.74 -14.51
C LEU C 357 -36.91 50.94 -13.59
N PRO C 358 -36.40 52.11 -14.02
CA PRO C 358 -36.59 53.36 -13.27
C PRO C 358 -38.06 53.78 -13.28
N GLU C 359 -38.43 54.62 -12.30
CA GLU C 359 -39.68 55.38 -12.33
C GLU C 359 -40.10 55.80 -13.74
N GLY C 360 -41.26 55.30 -14.16
CA GLY C 360 -41.82 55.63 -15.47
C GLY C 360 -41.06 55.14 -16.69
N GLY C 361 -39.92 54.49 -16.48
CA GLY C 361 -38.99 54.24 -17.57
C GLY C 361 -39.34 53.10 -18.51
N ALA C 362 -38.55 52.99 -19.56
CA ALA C 362 -38.73 52.02 -20.64
C ALA C 362 -37.69 52.31 -21.71
N SER C 366 -34.42 55.15 -19.79
CA SER C 366 -33.52 54.24 -20.49
C SER C 366 -32.56 53.51 -19.54
N ARG C 367 -32.46 54.01 -18.32
CA ARG C 367 -31.45 53.56 -17.38
C ARG C 367 -31.93 52.25 -16.78
N ILE C 368 -31.02 51.48 -16.21
CA ILE C 368 -31.40 50.24 -15.53
C ILE C 368 -31.04 50.46 -14.08
N ILE C 369 -31.99 50.23 -13.17
CA ILE C 369 -31.76 50.45 -11.74
C ILE C 369 -30.98 49.28 -11.11
N ASP C 370 -31.35 48.06 -11.48
CA ASP C 370 -30.73 46.84 -10.94
C ASP C 370 -30.89 45.72 -11.95
N ALA C 371 -30.03 44.71 -11.86
CA ALA C 371 -30.12 43.58 -12.79
C ALA C 371 -29.60 42.32 -12.13
N TYR C 372 -30.10 41.19 -12.57
CA TYR C 372 -29.57 39.90 -12.13
C TYR C 372 -29.78 38.92 -13.26
N ARG C 373 -28.79 38.06 -13.51
CA ARG C 373 -28.87 37.09 -14.60
C ARG C 373 -28.99 35.67 -14.02
N GLN C 374 -30.15 35.04 -14.18
CA GLN C 374 -30.42 33.74 -13.59
C GLN C 374 -30.38 32.63 -14.63
N THR C 375 -29.43 31.69 -14.50
CA THR C 375 -29.40 30.55 -15.43
C THR C 375 -30.55 29.60 -15.15
N PHE C 376 -31.09 28.99 -16.18
CA PHE C 376 -32.09 27.95 -15.97
C PHE C 376 -32.07 26.98 -17.14
N GLY C 377 -32.74 25.85 -16.99
CA GLY C 377 -32.89 24.91 -18.08
C GLY C 377 -34.34 24.49 -18.19
N ILE C 378 -34.79 24.24 -19.41
CA ILE C 378 -36.19 23.88 -19.67
C ILE C 378 -36.31 22.37 -19.72
N ARG C 379 -37.01 21.83 -18.74
CA ARG C 379 -37.22 20.38 -18.65
C ARG C 379 -38.30 20.07 -17.64
N THR C 380 -39.01 18.97 -17.84
CA THR C 380 -39.97 18.51 -16.86
C THR C 380 -39.46 17.22 -16.20
N VAL C 381 -39.99 16.98 -15.01
CA VAL C 381 -39.71 15.75 -14.26
C VAL C 381 -41.06 15.21 -13.79
N GLU C 382 -41.33 13.92 -14.04
CA GLU C 382 -42.60 13.35 -13.64
C GLU C 382 -42.43 11.89 -13.26
N VAL C 383 -42.86 11.52 -12.07
CA VAL C 383 -42.97 10.12 -11.74
C VAL C 383 -44.28 9.59 -12.30
N SER C 384 -44.24 8.53 -13.07
CA SER C 384 -45.44 7.94 -13.66
C SER C 384 -45.37 6.43 -13.51
N GLY C 385 -46.24 5.87 -12.68
CA GLY C 385 -46.19 4.44 -12.43
C GLY C 385 -44.83 4.02 -11.89
N THR C 386 -44.15 3.11 -12.58
CA THR C 386 -42.83 2.67 -12.14
C THR C 386 -41.73 3.31 -12.98
N THR C 387 -42.04 4.45 -13.56
CA THR C 387 -41.03 5.20 -14.35
C THR C 387 -40.74 6.58 -13.79
N PHE C 388 -39.55 7.09 -14.11
CA PHE C 388 -39.09 8.41 -13.72
C PHE C 388 -38.83 9.16 -15.01
N LEU C 389 -39.75 10.07 -15.38
CA LEU C 389 -39.72 10.69 -16.70
C LEU C 389 -39.05 12.06 -16.66
N ILE C 390 -38.01 12.22 -17.46
CA ILE C 390 -37.44 13.53 -17.69
C ILE C 390 -37.79 13.90 -19.13
N ASN C 391 -38.45 15.04 -19.33
CA ASN C 391 -38.95 15.39 -20.66
C ASN C 391 -39.74 14.23 -21.29
N GLY C 392 -40.52 13.53 -20.46
CA GLY C 392 -41.38 12.45 -20.91
C GLY C 392 -40.67 11.15 -21.23
N LYS C 393 -39.35 11.08 -21.02
CA LYS C 393 -38.56 9.89 -21.40
C LYS C 393 -38.19 9.11 -20.13
N PRO C 394 -38.21 7.77 -20.21
CA PRO C 394 -37.91 6.96 -19.00
C PRO C 394 -36.41 6.94 -18.68
N PHE C 395 -36.06 7.68 -17.65
CA PHE C 395 -34.67 7.86 -17.23
C PHE C 395 -34.18 6.68 -16.36
N TYR C 396 -32.89 6.38 -16.44
CA TYR C 396 -32.26 5.39 -15.55
C TYR C 396 -31.06 6.07 -14.87
N PHE C 397 -31.07 6.15 -13.54
CA PHE C 397 -29.95 6.77 -12.82
C PHE C 397 -28.72 5.84 -12.85
N LYS C 398 -27.56 6.38 -13.19
CA LYS C 398 -26.29 5.68 -13.05
C LYS C 398 -25.40 6.59 -12.24
N GLY C 399 -24.87 6.14 -11.11
CA GLY C 399 -23.97 7.02 -10.38
C GLY C 399 -23.78 6.54 -8.96
N PHE C 400 -23.84 7.49 -8.02
CA PHE C 400 -23.31 7.25 -6.66
C PHE C 400 -23.71 8.35 -5.71
N GLY C 401 -23.64 8.04 -4.42
CA GLY C 401 -23.53 9.11 -3.44
C GLY C 401 -22.10 9.64 -3.47
N LYS C 402 -21.96 10.95 -3.26
CA LYS C 402 -20.64 11.56 -3.13
C LYS C 402 -20.43 12.04 -1.70
N HIS C 403 -19.31 12.73 -1.47
CA HIS C 403 -19.11 13.57 -0.29
C HIS C 403 -18.31 14.76 -0.75
N GLU C 404 -18.48 15.89 -0.07
CA GLU C 404 -17.47 16.96 -0.21
C GLU C 404 -16.39 16.61 0.79
N ASP C 405 -15.33 16.00 0.27
CA ASP C 405 -14.28 15.47 1.11
C ASP C 405 -13.00 15.37 0.29
N SER C 406 -11.90 15.85 0.87
CA SER C 406 -10.58 15.68 0.25
C SER C 406 -9.48 15.92 1.28
N TYR C 407 -8.29 15.38 1.01
CA TYR C 407 -7.12 15.71 1.81
C TYR C 407 -6.97 17.24 1.90
N PHE C 408 -6.53 17.69 3.07
CA PHE C 408 -6.18 19.10 3.39
C PHE C 408 -7.44 19.95 3.59
N HIS C 409 -8.33 19.96 2.58
CA HIS C 409 -9.51 20.82 2.61
C HIS C 409 -10.60 20.33 3.51
N GLY C 410 -10.67 19.02 3.76
CA GLY C 410 -11.74 18.47 4.58
C GLY C 410 -13.05 18.57 3.81
N ARG C 411 -14.03 19.27 4.37
CA ARG C 411 -15.28 19.53 3.70
C ARG C 411 -15.19 20.85 2.93
N GLY C 412 -14.02 21.47 2.88
CA GLY C 412 -13.89 22.77 2.21
C GLY C 412 -14.12 22.67 0.71
N THR C 413 -14.84 23.63 0.14
CA THR C 413 -15.10 23.63 -1.28
C THR C 413 -13.82 23.87 -2.08
N ASP C 414 -13.69 23.14 -3.18
CA ASP C 414 -12.48 23.22 -4.00
C ASP C 414 -12.91 23.06 -5.46
N ASP C 415 -12.89 24.15 -6.22
CA ASP C 415 -13.42 24.00 -7.57
C ASP C 415 -12.53 23.23 -8.53
N VAL C 416 -11.22 23.15 -8.25
CA VAL C 416 -10.37 22.24 -9.03
C VAL C 416 -10.89 20.81 -8.87
N LEU C 417 -11.19 20.45 -7.63
CA LEU C 417 -11.69 19.10 -7.35
C LEU C 417 -13.09 18.90 -7.94
N ASN C 418 -13.95 19.94 -7.88
CA ASN C 418 -15.29 19.78 -8.49
C ASN C 418 -15.17 19.59 -10.00
N VAL C 419 -14.33 20.38 -10.67
CA VAL C 419 -14.15 20.22 -12.12
C VAL C 419 -13.60 18.81 -12.42
N LYS C 420 -12.59 18.37 -11.65
CA LYS C 420 -12.05 17.04 -11.88
C LYS C 420 -13.11 15.95 -11.62
N ASP C 421 -13.88 16.09 -10.55
CA ASP C 421 -14.87 15.06 -10.25
C ASP C 421 -15.95 14.97 -11.34
N VAL C 422 -16.39 16.12 -11.88
CA VAL C 422 -17.36 16.06 -12.98
C VAL C 422 -16.75 15.36 -14.17
N SER C 423 -15.46 15.58 -14.47
CA SER C 423 -14.84 14.84 -15.58
C SER C 423 -14.78 13.33 -15.30
N LEU C 424 -14.60 12.96 -14.03
CA LEU C 424 -14.60 11.55 -13.65
C LEU C 424 -16.00 10.91 -13.76
N ILE C 425 -17.03 11.68 -13.41
CA ILE C 425 -18.39 11.22 -13.64
C ILE C 425 -18.57 10.90 -15.12
N HIS C 426 -18.08 11.78 -16.01
CA HIS C 426 -18.17 11.48 -17.45
C HIS C 426 -17.29 10.27 -17.85
N TRP C 427 -16.06 10.20 -17.32
CA TRP C 427 -15.15 9.09 -17.61
C TRP C 427 -15.82 7.75 -17.28
N LEU C 428 -16.51 7.72 -16.13
CA LEU C 428 -17.25 6.53 -15.67
C LEU C 428 -18.52 6.23 -16.47
N HIS C 429 -18.96 7.18 -17.28
CA HIS C 429 -20.25 7.10 -18.01
C HIS C 429 -21.42 7.06 -17.03
N ALA C 430 -21.22 7.66 -15.86
CA ALA C 430 -22.31 7.89 -14.93
C ALA C 430 -23.11 9.11 -15.38
N ASN C 431 -24.31 9.29 -14.85
CA ASN C 431 -25.10 10.46 -15.24
C ASN C 431 -25.68 11.23 -14.06
N SER C 432 -25.33 10.84 -12.84
CA SER C 432 -26.03 11.39 -11.68
C SER C 432 -25.32 11.16 -10.37
N PHE C 433 -25.66 11.95 -9.36
CA PHE C 433 -25.26 11.63 -8.01
C PHE C 433 -26.23 12.23 -7.01
N ARG C 434 -26.03 11.88 -5.75
CA ARG C 434 -26.82 12.44 -4.65
C ARG C 434 -25.90 13.30 -3.79
N THR C 435 -26.39 14.44 -3.27
CA THR C 435 -25.56 15.25 -2.37
C THR C 435 -25.62 14.65 -0.95
N SER C 436 -25.19 13.41 -0.85
CA SER C 436 -25.06 12.80 0.46
C SER C 436 -24.01 13.58 1.29
N HIS C 437 -24.26 13.97 2.55
CA HIS C 437 -25.58 13.96 3.23
C HIS C 437 -25.87 15.39 3.70
N TYR C 438 -25.80 16.34 2.76
CA TYR C 438 -25.92 17.78 3.08
C TYR C 438 -25.90 18.50 1.73
N PRO C 439 -26.50 19.69 1.65
CA PRO C 439 -26.37 20.45 0.39
C PRO C 439 -24.91 20.75 0.13
N TYR C 440 -24.52 20.67 -1.14
CA TYR C 440 -23.14 20.90 -1.54
C TYR C 440 -22.91 22.38 -1.85
N ALA C 441 -21.68 22.75 -2.19
CA ALA C 441 -21.40 24.13 -2.55
C ALA C 441 -22.12 24.49 -3.84
N GLU C 442 -22.57 25.73 -3.90
CA GLU C 442 -23.42 26.20 -5.02
C GLU C 442 -22.76 26.00 -6.39
N SER C 443 -21.44 26.19 -6.44
CA SER C 443 -20.72 26.09 -7.71
C SER C 443 -20.83 24.68 -8.33
N MET C 444 -20.98 23.64 -7.49
CA MET C 444 -21.05 22.29 -8.05
C MET C 444 -22.37 22.11 -8.85
N TYR C 445 -23.45 22.72 -8.38
CA TYR C 445 -24.73 22.61 -9.09
C TYR C 445 -24.67 23.38 -10.41
N ASP C 446 -24.01 24.55 -10.42
CA ASP C 446 -23.84 25.26 -11.68
C ASP C 446 -23.06 24.41 -12.66
N LEU C 447 -22.02 23.75 -12.14
CA LEU C 447 -21.20 22.90 -13.02
C LEU C 447 -22.04 21.76 -13.60
N CYS C 448 -22.87 21.14 -12.74
CA CYS C 448 -23.68 20.01 -13.23
C CYS C 448 -24.79 20.47 -14.19
N ASP C 449 -25.26 21.71 -14.01
CA ASP C 449 -26.19 22.31 -14.98
C ASP C 449 -25.53 22.36 -16.36
N ARG C 450 -24.27 22.79 -16.41
CA ARG C 450 -23.62 22.98 -17.70
C ARG C 450 -23.14 21.63 -18.25
N GLU C 451 -22.88 20.65 -17.36
CA GLU C 451 -22.32 19.37 -17.79
C GLU C 451 -23.34 18.23 -17.94
N GLY C 452 -24.64 18.51 -17.72
CA GLY C 452 -25.66 17.52 -17.98
C GLY C 452 -25.65 16.32 -17.02
N ILE C 453 -25.37 16.61 -15.74
CA ILE C 453 -25.33 15.59 -14.67
C ILE C 453 -26.48 15.88 -13.71
N VAL C 454 -27.29 14.86 -13.47
CA VAL C 454 -28.50 14.98 -12.65
C VAL C 454 -28.16 14.84 -11.17
N ILE C 455 -28.86 15.59 -10.33
CA ILE C 455 -28.61 15.58 -8.87
C ILE C 455 -29.87 15.31 -8.07
N ILE C 456 -29.71 14.47 -7.05
CA ILE C 456 -30.69 14.35 -5.97
C ILE C 456 -30.15 15.23 -4.83
N ASP C 457 -30.89 16.28 -4.43
CA ASP C 457 -30.42 17.29 -3.47
C ASP C 457 -30.94 16.92 -2.08
N GLU C 458 -30.04 16.77 -1.11
CA GLU C 458 -30.37 16.20 0.19
C GLU C 458 -30.00 17.14 1.35
N VAL C 459 -30.90 17.26 2.34
CA VAL C 459 -30.61 18.06 3.54
C VAL C 459 -29.78 17.25 4.57
N PRO C 460 -29.14 17.93 5.55
CA PRO C 460 -28.25 17.22 6.50
C PRO C 460 -29.00 16.45 7.59
N ALA C 461 -30.17 15.90 7.26
CA ALA C 461 -30.96 15.19 8.24
C ALA C 461 -30.54 13.70 8.29
N VAL C 462 -29.34 13.50 8.84
CA VAL C 462 -28.73 12.18 8.90
C VAL C 462 -28.43 11.89 10.35
N GLY C 463 -28.60 10.64 10.74
CA GLY C 463 -28.42 10.25 12.14
C GLY C 463 -29.68 10.31 12.98
N MET C 464 -30.85 10.47 12.35
CA MET C 464 -32.08 10.67 13.11
C MET C 464 -32.74 9.40 13.61
N SER C 465 -33.33 9.51 14.79
CA SER C 465 -34.17 8.43 15.33
C SER C 465 -35.27 9.02 16.19
N TRP C 466 -35.94 8.16 16.95
CA TRP C 466 -37.12 8.57 17.69
C TRP C 466 -36.83 9.64 18.72
N LEU C 467 -35.59 9.68 19.21
CA LEU C 467 -35.21 10.75 20.12
C LEU C 467 -35.39 12.12 19.45
N GLN C 468 -35.12 12.19 18.16
CA GLN C 468 -35.26 13.47 17.45
C GLN C 468 -36.72 13.80 17.13
N TYR C 469 -37.55 12.80 16.84
CA TYR C 469 -38.90 13.07 16.32
C TYR C 469 -39.76 13.77 17.33
N ALA C 470 -39.45 13.60 18.62
CA ALA C 470 -40.25 14.18 19.68
C ALA C 470 -39.77 15.58 20.08
N ASN C 471 -38.71 16.06 19.44
CA ASN C 471 -38.07 17.30 19.80
C ASN C 471 -38.44 18.47 18.87
N PRO C 472 -39.16 19.48 19.38
CA PRO C 472 -39.59 20.59 18.52
C PRO C 472 -38.45 21.38 17.87
N LEU C 473 -37.30 21.51 18.54
CA LEU C 473 -36.17 22.24 17.99
C LEU C 473 -35.63 21.49 16.76
N VAL C 474 -35.60 20.16 16.83
CA VAL C 474 -35.14 19.39 15.66
C VAL C 474 -36.08 19.57 14.48
N ALA C 475 -37.39 19.48 14.73
CA ALA C 475 -38.35 19.64 13.65
C ALA C 475 -38.21 21.01 12.99
N GLU C 476 -38.01 22.06 13.81
CA GLU C 476 -37.81 23.40 13.26
C GLU C 476 -36.54 23.48 12.43
N ARG C 477 -35.42 22.93 12.92
CA ARG C 477 -34.19 22.94 12.16
C ARG C 477 -34.35 22.16 10.85
N HIS C 478 -35.15 21.10 10.88
CA HIS C 478 -35.36 20.27 9.68
C HIS C 478 -36.15 21.05 8.65
N ARG C 479 -37.19 21.73 9.10
CA ARG C 479 -37.97 22.58 8.19
C ARG C 479 -37.08 23.71 7.62
N GLU C 480 -36.25 24.30 8.47
CA GLU C 480 -35.32 25.34 7.97
C GLU C 480 -34.40 24.79 6.90
N ALA C 481 -33.90 23.56 7.11
CA ALA C 481 -32.98 22.99 6.14
C ALA C 481 -33.67 22.73 4.79
N ILE C 482 -34.89 22.20 4.85
CA ILE C 482 -35.62 21.93 3.63
C ILE C 482 -35.97 23.23 2.91
N ARG C 483 -36.54 24.21 3.62
CA ARG C 483 -36.85 25.47 2.97
C ARG C 483 -35.59 26.14 2.41
N GLY C 484 -34.49 26.11 3.19
CA GLY C 484 -33.28 26.79 2.76
C GLY C 484 -32.64 26.13 1.57
N MET C 485 -32.61 24.79 1.55
CA MET C 485 -32.03 24.09 0.41
C MET C 485 -32.83 24.42 -0.86
N ILE C 486 -34.16 24.32 -0.75
CA ILE C 486 -35.00 24.51 -1.95
C ILE C 486 -34.97 25.99 -2.37
N ALA C 487 -34.95 26.92 -1.41
CA ALA C 487 -34.84 28.34 -1.80
C ALA C 487 -33.50 28.60 -2.52
N ARG C 488 -32.44 27.97 -2.05
CA ARG C 488 -31.14 28.19 -2.67
C ARG C 488 -31.05 27.54 -4.05
N ASP C 489 -31.63 26.35 -4.18
CA ASP C 489 -31.33 25.46 -5.32
C ASP C 489 -32.42 25.28 -6.36
N LYS C 490 -33.58 25.92 -6.15
CA LYS C 490 -34.76 25.67 -6.97
C LYS C 490 -34.56 25.92 -8.46
N ASN C 491 -33.65 26.81 -8.86
CA ASN C 491 -33.54 27.13 -10.29
C ASN C 491 -32.65 26.17 -11.09
N HIS C 492 -31.99 25.22 -10.42
CA HIS C 492 -31.11 24.30 -11.17
C HIS C 492 -31.89 23.24 -11.94
N PRO C 493 -31.72 23.19 -13.27
CA PRO C 493 -32.36 22.11 -14.02
C PRO C 493 -31.75 20.76 -13.66
N CYS C 494 -30.50 20.71 -13.21
CA CYS C 494 -29.90 19.38 -12.96
C CYS C 494 -30.56 18.69 -11.74
N ILE C 495 -31.19 19.45 -10.84
CA ILE C 495 -31.82 18.83 -9.66
C ILE C 495 -33.18 18.26 -10.09
N VAL C 496 -33.35 16.95 -9.91
CA VAL C 496 -34.60 16.31 -10.34
C VAL C 496 -35.42 15.75 -9.17
N MET C 497 -34.86 15.77 -7.97
CA MET C 497 -35.52 15.16 -6.81
C MET C 497 -34.90 15.67 -5.52
N TRP C 498 -35.72 15.81 -4.47
CA TRP C 498 -35.27 16.20 -3.16
C TRP C 498 -35.27 15.00 -2.22
N SER C 499 -34.24 14.93 -1.37
CA SER C 499 -34.21 13.93 -0.33
C SER C 499 -34.32 14.60 1.02
N ILE C 500 -35.31 14.17 1.83
CA ILE C 500 -35.55 14.88 3.09
C ILE C 500 -34.79 14.28 4.28
N ALA C 501 -34.12 13.15 4.09
CA ALA C 501 -33.33 12.52 5.17
C ALA C 501 -32.55 11.35 4.60
N ASN C 502 -31.48 10.97 5.31
CA ASN C 502 -30.75 9.75 5.03
C ASN C 502 -30.72 8.84 6.22
N ALA C 503 -31.17 7.61 6.01
CA ALA C 503 -31.08 6.55 7.02
C ALA C 503 -31.68 6.87 8.41
N PRO C 504 -32.86 7.52 8.46
CA PRO C 504 -33.48 7.68 9.79
C PRO C 504 -34.11 6.36 10.27
N GLY C 505 -34.41 6.28 11.55
CA GLY C 505 -35.12 5.11 12.08
C GLY C 505 -36.58 5.15 11.66
N LEU C 506 -37.06 4.11 10.97
CA LEU C 506 -38.45 4.10 10.47
C LEU C 506 -39.23 2.86 10.84
N ASP C 507 -38.53 1.80 11.23
CA ASP C 507 -39.18 0.49 11.40
C ASP C 507 -39.34 0.14 12.86
N GLY C 508 -39.80 -1.09 13.14
CA GLY C 508 -39.90 -1.56 14.51
C GLY C 508 -41.30 -1.90 14.96
N ASP C 509 -41.49 -1.96 16.28
CA ASP C 509 -42.78 -2.37 16.83
C ASP C 509 -43.51 -1.23 17.50
N GLY C 510 -44.67 -1.58 18.01
CA GLY C 510 -45.51 -0.62 18.69
C GLY C 510 -45.82 0.59 17.84
N GLU C 511 -45.68 1.75 18.46
CA GLU C 511 -45.98 3.02 17.81
C GLU C 511 -44.81 3.59 17.02
N ARG C 512 -43.64 2.96 17.09
CA ARG C 512 -42.47 3.56 16.45
C ARG C 512 -42.64 3.83 14.96
N PRO C 513 -43.16 2.85 14.18
CA PRO C 513 -43.29 3.19 12.76
C PRO C 513 -44.25 4.37 12.50
N ARG C 514 -45.34 4.45 13.26
CA ARG C 514 -46.25 5.58 13.09
C ARG C 514 -45.63 6.90 13.54
N GLN C 515 -44.84 6.86 14.62
CA GLN C 515 -44.18 8.09 15.07
C GLN C 515 -43.24 8.62 13.99
N ALA C 516 -42.52 7.71 13.33
CA ALA C 516 -41.61 8.13 12.26
C ALA C 516 -42.42 8.71 11.10
N TYR C 517 -43.50 8.03 10.72
CA TYR C 517 -44.32 8.56 9.63
C TYR C 517 -44.87 9.95 9.96
N ASP C 518 -45.37 10.12 11.18
CA ASP C 518 -45.99 11.40 11.57
C ASP C 518 -44.95 12.54 11.59
N TYR C 519 -43.67 12.21 11.82
CA TYR C 519 -42.60 13.19 11.77
C TYR C 519 -42.28 13.56 10.31
N PHE C 520 -42.14 12.54 9.46
CA PHE C 520 -41.65 12.79 8.09
C PHE C 520 -42.71 13.24 7.10
N ARG C 521 -43.97 12.85 7.28
CA ARG C 521 -44.97 13.22 6.30
C ARG C 521 -45.12 14.74 6.11
N PRO C 522 -45.12 15.52 7.20
CA PRO C 522 -45.22 16.98 6.98
C PRO C 522 -44.01 17.56 6.29
N LEU C 523 -42.85 16.92 6.42
CA LEU C 523 -41.64 17.39 5.75
C LEU C 523 -41.66 17.06 4.26
N TYR C 524 -42.19 15.88 3.95
CA TYR C 524 -42.48 15.53 2.55
C TYR C 524 -43.42 16.58 1.94
N GLU C 525 -44.47 16.94 2.65
CA GLU C 525 -45.40 17.92 2.14
C GLU C 525 -44.73 19.28 2.00
N LEU C 526 -43.85 19.63 2.95
CA LEU C 526 -43.16 20.91 2.90
C LEU C 526 -42.25 21.00 1.69
N ALA C 527 -41.54 19.91 1.37
CA ALA C 527 -40.66 19.93 0.21
C ALA C 527 -41.48 20.14 -1.08
N HIS C 528 -42.65 19.53 -1.14
CA HIS C 528 -43.54 19.77 -2.29
C HIS C 528 -44.07 21.20 -2.35
N ALA C 529 -44.44 21.77 -1.21
CA ALA C 529 -45.01 23.12 -1.18
C ALA C 529 -43.95 24.17 -1.50
N SER C 530 -42.70 23.88 -1.15
CA SER C 530 -41.65 24.88 -1.26
C SER C 530 -41.06 24.97 -2.65
N ASP C 531 -41.07 23.88 -3.41
CA ASP C 531 -40.44 23.84 -4.72
C ASP C 531 -41.43 24.30 -5.77
N PRO C 532 -41.17 25.42 -6.44
CA PRO C 532 -42.16 25.83 -7.46
C PRO C 532 -42.23 24.83 -8.65
N GLN C 533 -41.19 24.02 -8.84
CA GLN C 533 -41.20 23.01 -9.90
C GLN C 533 -41.94 21.73 -9.46
N ASN C 534 -42.20 21.60 -8.16
CA ASN C 534 -42.92 20.41 -7.63
C ASN C 534 -42.25 19.11 -8.02
N ARG C 535 -40.93 19.05 -7.84
CA ARG C 535 -40.19 17.82 -8.15
C ARG C 535 -40.52 16.70 -7.15
N PRO C 536 -40.26 15.45 -7.57
CA PRO C 536 -40.46 14.32 -6.65
C PRO C 536 -39.63 14.49 -5.37
N VAL C 537 -40.16 13.92 -4.31
CA VAL C 537 -39.53 13.92 -3.01
C VAL C 537 -39.36 12.49 -2.52
N THR C 538 -38.17 12.21 -2.01
CA THR C 538 -37.86 10.93 -1.42
C THR C 538 -37.26 11.11 -0.01
N LEU C 539 -37.04 9.96 0.59
CA LEU C 539 -36.37 9.83 1.89
C LEU C 539 -35.46 8.63 1.69
N VAL C 540 -34.16 8.80 1.86
CA VAL C 540 -33.25 7.70 1.56
C VAL C 540 -33.20 6.75 2.74
N CYS C 541 -33.56 5.49 2.50
CA CYS C 541 -33.82 4.57 3.61
C CYS C 541 -32.64 3.66 3.94
N CYS C 542 -32.29 3.53 5.21
CA CYS C 542 -31.21 2.62 5.61
C CYS C 542 -31.70 1.18 5.75
N GLN C 543 -30.84 0.22 5.42
CA GLN C 543 -31.17 -1.20 5.55
C GLN C 543 -31.99 -1.41 6.82
N ASN C 544 -33.19 -1.96 6.68
CA ASN C 544 -34.06 -2.11 7.83
C ASN C 544 -35.08 -3.22 7.61
N ASP C 545 -35.97 -3.40 8.58
CA ASP C 545 -37.10 -4.29 8.40
C ASP C 545 -38.13 -3.57 7.56
N TYR C 546 -38.02 -3.75 6.26
CA TYR C 546 -38.87 -3.06 5.28
C TYR C 546 -40.35 -3.42 5.51
N THR C 547 -40.65 -4.53 6.19
CA THR C 547 -42.07 -4.87 6.39
C THR C 547 -42.72 -4.03 7.50
N THR C 548 -41.94 -3.44 8.41
CA THR C 548 -42.58 -2.64 9.48
C THR C 548 -42.34 -1.13 9.31
N ASP C 549 -41.43 -0.75 8.40
CA ASP C 549 -41.29 0.63 7.93
C ASP C 549 -42.56 0.98 7.17
N ILE C 550 -43.32 1.98 7.62
CA ILE C 550 -44.52 2.38 6.86
C ILE C 550 -44.37 3.74 6.20
N THR C 551 -43.14 4.26 6.21
CA THR C 551 -42.86 5.58 5.66
C THR C 551 -42.22 5.53 4.27
N GLU C 552 -41.20 4.67 4.09
CA GLU C 552 -40.47 4.70 2.80
C GLU C 552 -41.40 4.43 1.61
N ARG C 553 -42.34 3.48 1.73
CA ARG C 553 -43.18 3.13 0.58
C ARG C 553 -44.17 4.24 0.18
N THR C 554 -44.24 5.30 0.98
CA THR C 554 -45.12 6.43 0.68
C THR C 554 -44.37 7.52 -0.09
N MET C 555 -43.08 7.37 -0.30
CA MET C 555 -42.30 8.39 -1.00
C MET C 555 -42.58 8.36 -2.50
N ASP C 556 -42.18 9.42 -3.22
CA ASP C 556 -42.49 9.45 -4.66
C ASP C 556 -41.62 8.48 -5.46
N VAL C 557 -40.36 8.36 -5.05
CA VAL C 557 -39.44 7.34 -5.55
C VAL C 557 -38.91 6.65 -4.32
N VAL C 558 -38.82 5.33 -4.35
CA VAL C 558 -38.24 4.57 -3.24
C VAL C 558 -36.75 4.52 -3.45
N CYS C 559 -36.01 5.04 -2.46
CA CYS C 559 -34.53 5.14 -2.51
C CYS C 559 -34.01 4.31 -1.38
N ILE C 560 -33.34 3.20 -1.71
CA ILE C 560 -32.89 2.30 -0.67
C ILE C 560 -31.36 2.12 -0.62
N ASN C 561 -30.87 2.11 0.61
CA ASN C 561 -29.46 1.79 0.89
C ASN C 561 -29.42 0.35 1.37
N ARG C 562 -28.71 -0.52 0.66
CA ARG C 562 -28.72 -1.95 1.03
C ARG C 562 -27.31 -2.49 0.92
N TYR C 563 -26.94 -3.31 1.91
CA TYR C 563 -25.60 -3.84 2.02
C TYR C 563 -25.62 -5.35 2.22
N TYR C 564 -26.54 -6.00 1.51
CA TYR C 564 -26.58 -7.46 1.47
C TYR C 564 -25.21 -8.01 1.04
N GLY C 565 -24.63 -8.94 1.81
CA GLY C 565 -23.33 -9.51 1.48
C GLY C 565 -22.16 -8.73 2.06
N TRP C 566 -22.41 -7.53 2.61
CA TRP C 566 -21.35 -6.77 3.28
C TRP C 566 -21.62 -6.73 4.79
N TYR C 567 -22.68 -6.01 5.20
CA TYR C 567 -22.99 -5.95 6.65
C TYR C 567 -23.81 -7.15 7.14
N ASN C 568 -24.26 -7.97 6.20
CA ASN C 568 -24.96 -9.20 6.56
C ASN C 568 -24.58 -10.23 5.50
N LEU C 569 -24.79 -11.52 5.79
CA LEU C 569 -24.46 -12.58 4.83
C LEU C 569 -23.04 -12.35 4.30
N SER C 570 -22.13 -11.98 5.19
CA SER C 570 -20.88 -11.35 4.79
C SER C 570 -20.06 -12.24 3.89
N GLY C 571 -19.74 -11.72 2.71
CA GLY C 571 -18.87 -12.40 1.77
C GLY C 571 -19.57 -13.45 0.92
N ASP C 572 -20.85 -13.71 1.20
CA ASP C 572 -21.58 -14.79 0.51
C ASP C 572 -22.49 -14.18 -0.54
N LEU C 573 -21.97 -14.05 -1.76
CA LEU C 573 -22.74 -13.31 -2.77
C LEU C 573 -23.98 -14.08 -3.25
N ASP C 574 -23.93 -15.41 -3.24
CA ASP C 574 -25.12 -16.20 -3.57
C ASP C 574 -26.22 -15.87 -2.54
N ALA C 575 -25.89 -15.92 -1.24
CA ALA C 575 -26.91 -15.62 -0.23
C ALA C 575 -27.36 -14.16 -0.32
N ALA C 576 -26.41 -13.26 -0.57
CA ALA C 576 -26.74 -11.84 -0.69
C ALA C 576 -27.73 -11.62 -1.81
N CYS C 577 -27.52 -12.26 -2.94
CA CYS C 577 -28.43 -12.07 -4.06
C CYS C 577 -29.79 -12.71 -3.76
N HIS C 578 -29.81 -13.84 -3.04
CA HIS C 578 -31.08 -14.43 -2.65
C HIS C 578 -31.87 -13.49 -1.74
N ALA C 579 -31.19 -12.92 -0.72
CA ALA C 579 -31.82 -11.97 0.21
C ALA C 579 -32.30 -10.75 -0.54
N LEU C 580 -31.44 -10.19 -1.41
CA LEU C 580 -31.86 -9.04 -2.22
C LEU C 580 -33.13 -9.34 -2.99
N ASN C 581 -33.17 -10.50 -3.63
CA ASN C 581 -34.36 -10.83 -4.44
C ASN C 581 -35.63 -10.96 -3.64
N ILE C 582 -35.53 -11.46 -2.41
CA ILE C 582 -36.70 -11.49 -1.51
C ILE C 582 -37.19 -10.06 -1.25
N GLU C 583 -36.27 -9.14 -0.95
CA GLU C 583 -36.74 -7.77 -0.72
C GLU C 583 -37.21 -7.13 -2.04
N LEU C 584 -36.57 -7.44 -3.16
CA LEU C 584 -37.06 -6.89 -4.44
C LEU C 584 -38.49 -7.36 -4.71
N ASP C 585 -38.82 -8.59 -4.32
CA ASP C 585 -40.19 -9.09 -4.49
C ASP C 585 -41.19 -8.23 -3.72
N PHE C 586 -40.80 -7.81 -2.53
CA PHE C 586 -41.61 -6.89 -1.71
C PHE C 586 -41.85 -5.57 -2.47
N TRP C 587 -40.78 -4.97 -3.01
CA TRP C 587 -40.93 -3.70 -3.71
C TRP C 587 -41.67 -3.87 -5.04
N GLU C 588 -41.54 -5.04 -5.67
CA GLU C 588 -42.28 -5.32 -6.89
C GLU C 588 -43.80 -5.24 -6.63
N ASN C 589 -44.24 -5.77 -5.48
CA ASN C 589 -45.65 -5.74 -5.19
C ASN C 589 -46.13 -4.30 -4.95
N ILE C 590 -45.29 -3.46 -4.36
CA ILE C 590 -45.74 -2.11 -4.01
C ILE C 590 -45.98 -1.26 -5.23
N GLY C 591 -45.20 -1.49 -6.29
CA GLY C 591 -45.52 -0.87 -7.57
C GLY C 591 -45.10 0.58 -7.75
N LYS C 592 -44.09 1.00 -7.00
CA LYS C 592 -43.46 2.32 -7.20
C LYS C 592 -42.11 2.17 -7.89
N PRO C 593 -41.57 3.26 -8.46
CA PRO C 593 -40.20 3.16 -8.96
C PRO C 593 -39.23 3.08 -7.78
N VAL C 594 -38.19 2.27 -7.93
CA VAL C 594 -37.23 2.02 -6.86
C VAL C 594 -35.83 2.17 -7.43
N MET C 595 -34.93 2.71 -6.64
CA MET C 595 -33.51 2.76 -7.01
C MET C 595 -32.63 2.53 -5.80
N PHE C 596 -31.43 2.02 -6.05
CA PHE C 596 -30.40 2.07 -5.02
C PHE C 596 -29.89 3.48 -4.89
N THR C 597 -29.71 3.92 -3.66
CA THR C 597 -28.91 5.12 -3.39
C THR C 597 -27.61 4.78 -2.64
N GLU C 598 -27.49 3.58 -2.09
CA GLU C 598 -26.21 3.09 -1.56
C GLU C 598 -26.15 1.58 -1.68
N TYR C 599 -24.97 1.06 -2.02
CA TYR C 599 -24.63 -0.36 -1.87
C TYR C 599 -23.16 -0.42 -2.26
N GLY C 600 -22.40 -1.24 -1.53
CA GLY C 600 -20.96 -1.32 -1.79
C GLY C 600 -20.23 -2.11 -0.73
N ALA C 601 -18.90 -2.03 -0.79
CA ALA C 601 -18.02 -2.90 0.00
C ALA C 601 -16.73 -2.16 0.25
N ASP C 602 -16.25 -2.08 1.49
CA ASP C 602 -14.95 -1.43 1.71
C ASP C 602 -13.86 -2.19 0.97
N THR C 603 -12.96 -1.43 0.35
CA THR C 603 -11.98 -1.98 -0.57
C THR C 603 -10.67 -1.21 -0.44
N ILE C 604 -9.62 -1.92 -0.05
CA ILE C 604 -8.31 -1.30 0.05
C ILE C 604 -7.59 -1.51 -1.27
N GLU C 605 -7.32 -0.42 -2.00
CA GLU C 605 -6.60 -0.58 -3.27
C GLU C 605 -5.31 -1.35 -3.06
N GLY C 606 -5.05 -2.28 -3.97
CA GLY C 606 -3.85 -3.10 -3.90
C GLY C 606 -4.03 -4.42 -3.17
N ILE C 607 -5.14 -4.60 -2.44
CA ILE C 607 -5.42 -5.92 -1.87
C ILE C 607 -6.11 -6.75 -2.93
N HIS C 608 -5.51 -7.89 -3.26
CA HIS C 608 -5.96 -8.72 -4.37
C HIS C 608 -6.09 -10.18 -3.95
N GLY C 609 -7.04 -10.86 -4.56
CA GLY C 609 -7.16 -12.31 -4.39
C GLY C 609 -7.72 -12.97 -5.63
N THR C 610 -7.31 -14.20 -5.89
CA THR C 610 -7.91 -14.96 -7.00
C THR C 610 -9.39 -15.26 -6.76
N HIS C 611 -9.74 -15.46 -5.49
CA HIS C 611 -11.14 -15.60 -5.09
C HIS C 611 -11.38 -14.50 -4.07
N GLY C 612 -11.77 -13.34 -4.58
CA GLY C 612 -11.77 -12.12 -3.81
C GLY C 612 -12.58 -12.16 -2.54
N GLU C 613 -11.93 -11.87 -1.43
CA GLU C 613 -12.61 -11.80 -0.16
C GLU C 613 -12.81 -10.35 0.22
N MET C 614 -13.63 -10.14 1.25
CA MET C 614 -13.93 -8.76 1.69
C MET C 614 -12.65 -7.96 1.90
N PHE C 615 -12.67 -6.73 1.34
CA PHE C 615 -11.60 -5.70 1.33
C PHE C 615 -10.72 -5.81 0.08
N SER C 616 -10.80 -6.89 -0.67
CA SER C 616 -10.05 -6.95 -1.93
C SER C 616 -10.72 -6.19 -3.06
N GLU C 617 -9.92 -5.79 -4.03
CA GLU C 617 -10.45 -5.13 -5.22
C GLU C 617 -11.39 -6.06 -5.98
N GLU C 618 -11.08 -7.36 -6.00
CA GLU C 618 -11.90 -8.33 -6.71
C GLU C 618 -13.27 -8.48 -6.05
N PHE C 619 -13.32 -8.53 -4.71
CA PHE C 619 -14.63 -8.68 -4.08
C PHE C 619 -15.52 -7.50 -4.46
N GLN C 620 -14.96 -6.30 -4.48
CA GLN C 620 -15.79 -5.13 -4.78
C GLN C 620 -16.35 -5.22 -6.22
N ARG C 621 -15.50 -5.61 -7.17
CA ARG C 621 -15.95 -5.79 -8.56
C ARG C 621 -17.03 -6.91 -8.62
N ASP C 622 -16.78 -8.02 -7.92
CA ASP C 622 -17.72 -9.15 -7.97
C ASP C 622 -19.05 -8.76 -7.35
N TYR C 623 -18.98 -7.94 -6.30
CA TYR C 623 -20.15 -7.47 -5.57
C TYR C 623 -21.09 -6.74 -6.54
N TYR C 624 -20.56 -5.76 -7.25
CA TYR C 624 -21.40 -5.03 -8.20
C TYR C 624 -21.85 -5.90 -9.36
N ALA C 625 -20.96 -6.77 -9.83
CA ALA C 625 -21.36 -7.63 -10.95
C ALA C 625 -22.56 -8.50 -10.56
N ARG C 626 -22.53 -9.07 -9.34
CA ARG C 626 -23.62 -9.95 -8.92
C ARG C 626 -24.89 -9.17 -8.62
N ILE C 627 -24.78 -8.10 -7.85
CA ILE C 627 -26.00 -7.37 -7.47
C ILE C 627 -26.62 -6.73 -8.70
N ASN C 628 -25.82 -6.16 -9.61
CA ASN C 628 -26.41 -5.47 -10.76
C ASN C 628 -27.10 -6.46 -11.70
N ALA C 629 -26.59 -7.67 -11.79
CA ALA C 629 -27.29 -8.68 -12.59
C ALA C 629 -28.70 -8.93 -12.07
N GLU C 630 -28.91 -8.81 -10.75
CA GLU C 630 -30.25 -9.04 -10.22
C GLU C 630 -31.18 -7.89 -10.49
N ILE C 631 -30.72 -6.65 -10.31
CA ILE C 631 -31.67 -5.53 -10.50
C ILE C 631 -31.96 -5.34 -11.99
N ASP C 632 -31.07 -5.83 -12.86
CA ASP C 632 -31.34 -5.75 -14.30
C ASP C 632 -32.61 -6.51 -14.66
N LYS C 633 -33.00 -7.51 -13.85
CA LYS C 633 -34.17 -8.34 -14.15
C LYS C 633 -35.48 -7.67 -13.76
N ARG C 634 -35.41 -6.51 -13.10
CA ARG C 634 -36.60 -5.83 -12.57
C ARG C 634 -36.90 -4.55 -13.35
N PRO C 635 -38.00 -4.50 -14.11
CA PRO C 635 -38.24 -3.35 -15.00
C PRO C 635 -38.54 -2.07 -14.24
N TRP C 636 -38.97 -2.22 -12.98
CA TRP C 636 -39.41 -1.12 -12.12
C TRP C 636 -38.26 -0.55 -11.28
N PHE C 637 -37.06 -1.12 -11.43
CA PHE C 637 -35.91 -0.67 -10.69
C PHE C 637 -35.20 0.34 -11.59
N ILE C 638 -35.31 1.63 -11.28
CA ILE C 638 -34.98 2.69 -12.23
C ILE C 638 -33.68 3.41 -11.98
N GLY C 639 -32.86 2.86 -11.08
CA GLY C 639 -31.55 3.49 -10.93
C GLY C 639 -30.60 2.77 -10.03
N GLU C 640 -29.32 3.02 -10.25
CA GLU C 640 -28.29 2.42 -9.42
C GLU C 640 -27.31 3.53 -9.04
N GLN C 641 -27.45 4.02 -7.80
CA GLN C 641 -26.43 4.91 -7.24
C GLN C 641 -25.77 4.12 -6.14
N LEU C 642 -24.47 3.87 -6.32
CA LEU C 642 -23.71 3.07 -5.37
C LEU C 642 -23.13 3.92 -4.26
N TRP C 643 -22.58 3.27 -3.24
CA TRP C 643 -21.81 3.97 -2.20
C TRP C 643 -20.37 3.47 -2.31
N ASN C 644 -19.35 4.33 -2.55
CA ASN C 644 -19.41 5.78 -2.74
C ASN C 644 -18.59 6.07 -3.99
N PHE C 645 -18.72 7.28 -4.54
CA PHE C 645 -17.81 7.77 -5.55
C PHE C 645 -16.33 7.59 -5.16
N ALA C 646 -15.98 8.02 -3.94
CA ALA C 646 -14.55 8.02 -3.54
C ALA C 646 -14.42 7.86 -2.02
N ASP C 647 -13.37 7.20 -1.59
CA ASP C 647 -13.08 7.01 -0.18
C ASP C 647 -13.06 8.36 0.53
N PHE C 648 -13.53 8.39 1.78
CA PHE C 648 -13.67 9.67 2.48
C PHE C 648 -13.43 9.50 3.96
N ALA C 649 -13.20 10.61 4.66
CA ALA C 649 -12.85 10.55 6.08
C ALA C 649 -14.05 10.32 6.98
N THR C 650 -13.82 9.57 8.06
CA THR C 650 -14.84 9.33 9.09
C THR C 650 -14.21 9.48 10.46
N PHE C 651 -15.05 9.51 11.48
CA PHE C 651 -14.59 9.29 12.86
C PHE C 651 -13.83 7.96 12.91
N GLN C 652 -12.79 7.90 13.72
CA GLN C 652 -12.02 6.65 13.75
C GLN C 652 -12.76 5.53 14.48
N GLY C 653 -12.53 4.31 14.02
CA GLY C 653 -13.14 3.18 14.69
C GLY C 653 -12.75 1.88 14.04
N ILE C 654 -13.15 0.76 14.65
CA ILE C 654 -12.61 -0.51 14.21
C ILE C 654 -13.11 -0.97 12.85
N ILE C 655 -14.14 -0.33 12.29
CA ILE C 655 -14.53 -0.73 10.94
C ILE C 655 -14.15 0.28 9.89
N ARG C 656 -13.37 1.29 10.26
CA ARG C 656 -13.03 2.33 9.26
C ARG C 656 -11.52 2.39 9.08
N VAL C 657 -11.07 1.83 7.97
CA VAL C 657 -9.63 1.73 7.71
C VAL C 657 -9.18 3.02 7.06
N GLU C 658 -8.80 3.97 7.91
CA GLU C 658 -8.53 5.32 7.46
C GLU C 658 -9.75 5.84 6.69
N GLY C 659 -10.88 5.85 7.37
CA GLY C 659 -12.12 6.34 6.84
C GLY C 659 -12.94 5.24 6.16
N ASN C 660 -13.89 5.69 5.36
CA ASN C 660 -14.77 4.81 4.64
C ASN C 660 -14.11 4.43 3.34
N ARG C 661 -13.99 3.13 3.07
CA ARG C 661 -13.22 2.70 1.89
C ARG C 661 -14.14 2.06 0.83
N LYS C 662 -15.43 2.42 0.86
CA LYS C 662 -16.36 1.93 -0.14
C LYS C 662 -16.27 2.71 -1.45
N GLY C 663 -15.37 3.68 -1.53
CA GLY C 663 -15.18 4.36 -2.82
C GLY C 663 -14.85 3.40 -3.95
N ILE C 664 -15.44 3.64 -5.13
CA ILE C 664 -14.91 2.96 -6.32
C ILE C 664 -13.63 3.67 -6.81
N LEU C 665 -13.45 4.92 -6.40
CA LEU C 665 -12.17 5.63 -6.51
C LEU C 665 -11.52 5.76 -5.14
N THR C 666 -10.18 5.85 -5.12
CA THR C 666 -9.49 6.20 -3.88
C THR C 666 -9.78 7.66 -3.50
N ARG C 667 -9.35 8.07 -2.32
CA ARG C 667 -9.56 9.45 -1.90
C ARG C 667 -8.84 10.43 -2.84
N ASP C 668 -7.78 9.96 -3.49
CA ASP C 668 -7.06 10.75 -4.50
C ASP C 668 -7.60 10.54 -5.91
N ARG C 669 -8.83 10.00 -5.99
CA ARG C 669 -9.60 9.88 -7.23
C ARG C 669 -8.98 8.91 -8.24
N GLN C 670 -8.29 7.88 -7.75
CA GLN C 670 -7.70 6.86 -8.63
C GLN C 670 -8.64 5.65 -8.68
N PRO C 671 -8.76 5.01 -9.86
CA PRO C 671 -9.80 3.98 -10.00
C PRO C 671 -9.42 2.61 -9.50
N LYS C 672 -10.25 2.03 -8.64
CA LYS C 672 -10.06 0.64 -8.24
C LYS C 672 -10.61 -0.28 -9.34
N MET C 673 -10.36 -1.59 -9.23
CA MET C 673 -10.87 -2.53 -10.23
C MET C 673 -12.35 -2.33 -10.54
N ALA C 674 -13.16 -2.17 -9.49
CA ALA C 674 -14.61 -2.01 -9.67
C ALA C 674 -14.96 -0.79 -10.50
N ALA C 675 -14.19 0.29 -10.37
CA ALA C 675 -14.46 1.49 -11.19
C ALA C 675 -14.33 1.17 -12.68
N HIS C 676 -13.32 0.37 -13.06
CA HIS C 676 -13.18 0.00 -14.46
C HIS C 676 -14.35 -0.86 -14.93
N TRP C 677 -14.78 -1.79 -14.08
CA TRP C 677 -15.87 -2.69 -14.44
C TRP C 677 -17.15 -1.87 -14.62
N LEU C 678 -17.39 -0.95 -13.69
CA LEU C 678 -18.57 -0.10 -13.74
C LEU C 678 -18.56 0.81 -14.97
N ARG C 679 -17.37 1.32 -15.29
CA ARG C 679 -17.24 2.17 -16.48
C ARG C 679 -17.69 1.42 -17.73
N GLU C 680 -17.27 0.16 -17.83
CA GLU C 680 -17.66 -0.65 -18.99
C GLU C 680 -19.16 -0.93 -19.00
N ARG C 681 -19.72 -1.25 -17.83
CA ARG C 681 -21.16 -1.46 -17.74
C ARG C 681 -21.94 -0.21 -18.13
N TRP C 682 -21.57 0.91 -17.52
CA TRP C 682 -22.33 2.13 -17.72
C TRP C 682 -22.17 2.66 -19.14
N ALA C 683 -21.07 2.33 -19.80
CA ALA C 683 -20.89 2.71 -21.21
C ALA C 683 -22.01 2.14 -22.07
N GLY C 684 -22.56 0.99 -21.67
CA GLY C 684 -23.57 0.30 -22.47
C GLY C 684 -25.00 0.55 -22.04
N ILE C 685 -25.23 1.42 -21.06
CA ILE C 685 -26.57 1.73 -20.57
C ILE C 685 -26.93 3.17 -20.92
N PRO C 686 -28.02 3.34 -21.70
CA PRO C 686 -28.43 4.69 -22.12
C PRO C 686 -29.13 5.44 -21.00
N ASP C 687 -29.07 6.77 -21.06
CA ASP C 687 -29.79 7.58 -20.06
C ASP C 687 -31.29 7.36 -20.14
N TYR C 688 -31.80 7.23 -21.36
CA TYR C 688 -33.23 7.00 -21.56
C TYR C 688 -33.50 5.64 -22.20
N GLY C 689 -34.57 4.98 -21.76
CA GLY C 689 -35.03 3.79 -22.44
C GLY C 689 -34.39 2.46 -22.06
N TYR C 690 -33.52 2.46 -21.06
CA TYR C 690 -32.90 1.20 -20.62
C TYR C 690 -33.96 0.22 -20.15
N LYS C 691 -34.95 0.76 -19.46
CA LYS C 691 -36.14 0.01 -19.05
C LYS C 691 -37.44 0.65 -19.52
N ASN D 23 0.32 -43.78 26.77
CA ASN D 23 0.10 -42.36 26.46
C ASN D 23 1.36 -41.63 25.94
N GLY D 24 2.53 -42.26 26.00
CA GLY D 24 3.73 -41.66 25.44
C GLY D 24 3.63 -41.44 23.94
N MET D 25 4.17 -40.31 23.47
CA MET D 25 4.19 -39.97 22.05
C MET D 25 5.56 -39.38 21.73
N LEU D 26 6.63 -40.10 22.07
CA LEU D 26 7.98 -39.62 21.79
C LEU D 26 8.20 -39.35 20.30
N TYR D 27 8.83 -38.24 19.94
CA TYR D 27 9.02 -37.99 18.51
C TYR D 27 9.92 -39.07 17.93
N PRO D 28 9.55 -39.59 16.75
CA PRO D 28 10.32 -40.68 16.12
C PRO D 28 11.79 -40.36 15.97
N GLN D 29 12.64 -41.32 16.34
CA GLN D 29 14.09 -41.15 16.21
C GLN D 29 14.72 -42.26 15.40
N SER D 30 15.82 -41.95 14.72
CA SER D 30 16.63 -42.97 14.07
C SER D 30 17.91 -43.20 14.84
N ASN D 31 18.19 -44.47 15.11
CA ASN D 31 19.42 -44.84 15.79
C ASN D 31 19.74 -46.30 15.44
N ASP D 32 20.61 -46.95 16.20
CA ASP D 32 21.01 -48.29 15.80
C ASP D 32 19.86 -49.30 15.87
N SER D 33 18.82 -49.00 16.64
CA SER D 33 17.69 -49.91 16.85
C SER D 33 16.36 -49.43 16.26
N ARG D 34 16.35 -48.25 15.64
CA ARG D 34 15.13 -47.58 15.18
C ARG D 34 15.38 -46.83 13.89
N ILE D 35 14.41 -46.82 12.98
CA ILE D 35 14.54 -45.98 11.81
C ILE D 35 13.23 -45.27 11.56
N VAL D 36 13.33 -44.09 10.98
CA VAL D 36 12.18 -43.31 10.60
C VAL D 36 12.13 -43.21 9.09
N PHE D 37 10.95 -43.45 8.51
CA PHE D 37 10.74 -43.32 7.07
C PHE D 37 9.68 -42.24 6.81
N PRO D 38 10.13 -41.01 6.50
CA PRO D 38 9.22 -39.90 6.20
C PRO D 38 8.25 -40.19 5.04
N LEU D 39 7.01 -39.72 5.16
CA LEU D 39 6.03 -39.90 4.11
C LEU D 39 5.55 -38.56 3.58
N ASP D 40 6.29 -37.49 3.88
CA ASP D 40 5.95 -36.16 3.33
C ASP D 40 6.21 -36.15 1.83
N GLY D 41 5.62 -35.18 1.14
CA GLY D 41 5.86 -35.03 -0.29
C GLY D 41 4.59 -34.57 -0.94
N VAL D 42 4.49 -34.79 -2.25
CA VAL D 42 3.28 -34.41 -2.99
C VAL D 42 2.37 -35.63 -3.08
N TRP D 43 1.25 -35.55 -2.38
CA TRP D 43 0.29 -36.65 -2.33
C TRP D 43 -0.78 -36.43 -3.37
N ASP D 44 -1.63 -37.43 -3.54
CA ASP D 44 -2.87 -37.31 -4.30
C ASP D 44 -4.00 -36.82 -3.39
N PHE D 45 -4.99 -36.15 -3.96
CA PHE D 45 -5.99 -35.46 -3.16
C PHE D 45 -7.29 -35.29 -3.94
N ARG D 46 -8.42 -35.49 -3.26
CA ARG D 46 -9.75 -35.18 -3.81
C ARG D 46 -10.59 -34.51 -2.72
N THR D 47 -11.43 -33.54 -3.10
CA THR D 47 -12.46 -33.07 -2.15
C THR D 47 -13.58 -34.09 -2.12
N ALA D 48 -14.30 -34.14 -1.00
CA ALA D 48 -15.43 -35.08 -0.90
C ALA D 48 -16.63 -34.32 -0.35
N GLY D 49 -17.54 -35.04 0.31
CA GLY D 49 -18.82 -34.42 0.64
C GLY D 49 -18.90 -33.67 1.97
N GLU D 50 -20.05 -33.02 2.20
CA GLU D 50 -20.26 -32.30 3.44
C GLU D 50 -20.31 -33.21 4.65
N ASP D 51 -20.85 -34.42 4.49
CA ASP D 51 -21.02 -35.32 5.62
C ASP D 51 -20.52 -36.73 5.30
N SER D 52 -19.88 -36.92 4.16
CA SER D 52 -19.42 -38.26 3.80
C SER D 52 -18.30 -38.21 2.77
N TYR D 53 -17.66 -39.36 2.56
CA TYR D 53 -16.69 -39.51 1.49
C TYR D 53 -16.78 -40.97 1.00
N PRO D 54 -16.32 -41.24 -0.23
CA PRO D 54 -16.45 -42.63 -0.67
C PRO D 54 -15.41 -43.56 -0.01
N ALA D 55 -15.86 -44.50 0.82
CA ALA D 55 -14.91 -45.39 1.52
C ALA D 55 -14.14 -46.24 0.50
N GLU D 56 -14.75 -46.50 -0.65
CA GLU D 56 -14.10 -47.33 -1.64
C GLU D 56 -12.85 -46.68 -2.21
N TRP D 57 -12.67 -45.37 -1.99
CA TRP D 57 -11.44 -44.73 -2.42
C TRP D 57 -10.21 -45.30 -1.72
N ALA D 58 -10.42 -46.00 -0.61
CA ALA D 58 -9.27 -46.60 0.09
C ALA D 58 -8.79 -47.89 -0.61
N ASP D 59 -9.55 -48.36 -1.60
CA ASP D 59 -9.30 -49.68 -2.18
C ASP D 59 -8.51 -49.59 -3.48
N ALA D 60 -8.32 -48.37 -3.97
CA ALA D 60 -7.66 -48.17 -5.26
C ALA D 60 -7.12 -46.76 -5.34
N PRO D 61 -6.24 -46.49 -6.33
CA PRO D 61 -5.79 -45.09 -6.47
C PRO D 61 -6.97 -44.13 -6.64
N LEU D 62 -6.89 -42.96 -6.03
CA LEU D 62 -7.93 -41.95 -6.18
C LEU D 62 -8.14 -41.63 -7.63
N PRO D 63 -9.41 -41.52 -8.07
CA PRO D 63 -9.64 -41.13 -9.46
C PRO D 63 -9.40 -39.63 -9.66
N GLU D 64 -8.84 -39.25 -10.81
CA GLU D 64 -8.60 -37.85 -11.18
C GLU D 64 -8.09 -36.99 -10.01
N PRO D 65 -6.99 -37.44 -9.39
CA PRO D 65 -6.52 -36.74 -8.19
C PRO D 65 -5.89 -35.39 -8.52
N LEU D 66 -5.99 -34.49 -7.56
CA LEU D 66 -5.20 -33.26 -7.53
C LEU D 66 -3.93 -33.49 -6.76
N PRO D 67 -2.88 -32.70 -7.05
CA PRO D 67 -1.69 -32.78 -6.20
C PRO D 67 -1.88 -31.99 -4.89
N MET D 68 -1.25 -32.44 -3.82
CA MET D 68 -1.38 -31.71 -2.56
C MET D 68 -0.13 -31.96 -1.72
N ALA D 69 0.60 -30.92 -1.39
CA ALA D 69 1.83 -31.08 -0.64
C ALA D 69 1.52 -31.35 0.85
N VAL D 70 2.29 -32.27 1.42
CA VAL D 70 2.20 -32.65 2.82
C VAL D 70 3.59 -32.51 3.42
N PRO D 71 3.75 -31.79 4.55
CA PRO D 71 2.73 -31.11 5.35
C PRO D 71 2.29 -29.75 4.77
N GLY D 72 1.06 -29.36 5.11
CA GLY D 72 0.53 -28.08 4.68
C GLY D 72 -0.96 -28.07 4.87
N SER D 73 -1.57 -26.89 5.01
CA SER D 73 -3.03 -26.85 4.89
C SER D 73 -3.38 -27.06 3.44
N TYR D 74 -4.55 -27.62 3.14
CA TYR D 74 -4.91 -27.74 1.73
C TYR D 74 -5.56 -26.46 1.17
N ASN D 75 -6.00 -25.54 2.05
CA ASN D 75 -6.91 -24.51 1.55
C ASN D 75 -6.31 -23.54 0.56
N ASP D 76 -5.02 -23.25 0.72
CA ASP D 76 -4.36 -22.25 -0.15
C ASP D 76 -3.45 -22.91 -1.16
N GLN D 77 -3.67 -24.21 -1.38
CA GLN D 77 -2.85 -24.96 -2.35
C GLN D 77 -3.55 -25.22 -3.68
N ASN D 78 -4.69 -24.57 -3.93
CA ASN D 78 -5.32 -24.70 -5.25
C ASN D 78 -6.22 -23.53 -5.58
N ASP D 79 -5.72 -22.62 -6.39
CA ASP D 79 -6.45 -21.39 -6.73
C ASP D 79 -7.51 -21.60 -7.81
N GLU D 80 -7.57 -22.79 -8.43
CA GLU D 80 -8.68 -23.07 -9.34
C GLU D 80 -9.94 -23.37 -8.58
N LEU D 81 -9.75 -23.95 -7.41
CA LEU D 81 -10.88 -24.30 -6.55
C LEU D 81 -10.98 -23.21 -5.50
N ASN D 82 -12.07 -23.21 -4.75
CA ASN D 82 -12.16 -22.30 -3.63
C ASN D 82 -12.17 -23.12 -2.36
N LEU D 83 -11.02 -23.68 -2.03
CA LEU D 83 -10.95 -24.59 -0.92
C LEU D 83 -11.06 -23.89 0.43
N ARG D 84 -10.92 -22.56 0.48
CA ARG D 84 -11.21 -21.89 1.74
C ARG D 84 -12.68 -22.02 2.09
N ALA D 85 -13.53 -22.15 1.07
CA ALA D 85 -14.97 -22.32 1.30
C ALA D 85 -15.38 -23.76 1.55
N HIS D 86 -14.45 -24.71 1.44
CA HIS D 86 -14.83 -26.11 1.56
C HIS D 86 -15.42 -26.46 2.92
N TYR D 87 -16.46 -27.29 2.91
CA TYR D 87 -17.11 -27.75 4.15
C TYR D 87 -17.19 -29.27 4.11
N GLY D 88 -16.57 -29.95 5.06
CA GLY D 88 -16.70 -31.39 5.17
C GLY D 88 -15.38 -32.11 4.93
N TRP D 89 -15.45 -33.15 4.12
CA TRP D 89 -14.32 -34.07 3.97
C TRP D 89 -13.46 -33.84 2.75
N VAL D 90 -12.18 -34.17 2.89
CA VAL D 90 -11.29 -34.33 1.75
C VAL D 90 -10.59 -35.67 1.92
N VAL D 91 -9.98 -36.18 0.85
CA VAL D 91 -9.26 -37.44 0.98
C VAL D 91 -7.87 -37.30 0.38
N TYR D 92 -6.85 -37.57 1.21
CA TYR D 92 -5.46 -37.66 0.79
C TYR D 92 -5.08 -39.10 0.49
N GLN D 93 -4.11 -39.30 -0.40
CA GLN D 93 -3.65 -40.67 -0.63
C GLN D 93 -2.26 -40.65 -1.20
N ARG D 94 -1.45 -41.65 -0.84
CA ARG D 94 -0.18 -41.86 -1.51
C ARG D 94 0.21 -43.31 -1.39
N SER D 95 1.19 -43.70 -2.19
CA SER D 95 1.74 -45.04 -2.08
C SER D 95 3.15 -44.96 -1.52
N PHE D 96 3.63 -46.04 -0.90
CA PHE D 96 5.02 -46.10 -0.45
C PHE D 96 5.47 -47.55 -0.38
N ALA D 97 6.78 -47.74 -0.48
CA ALA D 97 7.39 -49.06 -0.35
C ALA D 97 8.68 -48.96 0.45
N VAL D 98 8.97 -49.99 1.24
CA VAL D 98 10.24 -50.03 1.95
C VAL D 98 10.81 -51.45 1.85
N PRO D 99 12.14 -51.59 1.98
CA PRO D 99 12.74 -52.93 1.86
C PRO D 99 12.22 -53.86 2.93
N SER D 100 11.97 -55.10 2.53
CA SER D 100 11.51 -56.12 3.45
C SER D 100 12.46 -56.34 4.61
N ARG D 101 13.76 -56.25 4.34
CA ARG D 101 14.77 -56.53 5.37
C ARG D 101 14.65 -55.60 6.58
N LEU D 102 14.14 -54.40 6.36
CA LEU D 102 14.07 -53.40 7.43
C LEU D 102 12.78 -53.48 8.24
N VAL D 103 11.72 -54.05 7.67
CA VAL D 103 10.48 -54.16 8.44
C VAL D 103 10.51 -55.48 9.20
N ALA D 104 11.29 -56.44 8.71
CA ALA D 104 11.28 -57.80 9.26
C ALA D 104 11.55 -57.81 10.78
N GLY D 105 10.62 -58.39 11.53
CA GLY D 105 10.81 -58.53 12.97
C GLY D 105 10.59 -57.25 13.78
N GLN D 106 10.26 -56.15 13.13
CA GLN D 106 10.14 -54.86 13.83
C GLN D 106 8.68 -54.51 14.13
N ARG D 107 8.50 -53.66 15.11
CA ARG D 107 7.19 -53.06 15.36
C ARG D 107 7.10 -51.82 14.47
N MET D 108 6.06 -51.76 13.62
CA MET D 108 5.90 -50.71 12.63
C MET D 108 4.80 -49.76 13.05
N ILE D 109 5.14 -48.47 13.18
CA ILE D 109 4.19 -47.46 13.64
C ILE D 109 4.04 -46.35 12.63
N LEU D 110 2.79 -46.03 12.32
CA LEU D 110 2.49 -44.93 11.43
C LEU D 110 2.03 -43.74 12.24
N ARG D 111 2.81 -42.65 12.19
CA ARG D 111 2.53 -41.45 12.97
C ARG D 111 2.08 -40.28 12.12
N PHE D 112 0.99 -39.67 12.56
CA PHE D 112 0.50 -38.40 11.99
C PHE D 112 0.77 -37.31 13.01
N ASP D 113 1.66 -36.37 12.68
CA ASP D 113 1.98 -35.30 13.63
C ASP D 113 0.74 -34.43 13.84
N ALA D 114 -0.04 -34.22 12.78
CA ALA D 114 -1.33 -33.52 12.93
C ALA D 114 -2.18 -33.65 11.70
N ALA D 115 -3.44 -34.00 11.90
CA ALA D 115 -4.46 -33.98 10.85
C ALA D 115 -5.61 -33.17 11.38
N THR D 116 -5.91 -32.07 10.71
CA THR D 116 -6.82 -31.07 11.25
C THR D 116 -8.18 -31.12 10.53
N HIS D 117 -9.31 -31.42 11.20
CA HIS D 117 -9.45 -31.68 12.64
C HIS D 117 -9.61 -33.15 13.01
N ALA D 118 -10.16 -33.90 12.08
CA ALA D 118 -10.46 -35.32 12.35
C ALA D 118 -10.04 -36.14 11.14
N ALA D 119 -9.63 -37.39 11.38
CA ALA D 119 -9.17 -38.23 10.28
C ALA D 119 -9.62 -39.68 10.43
N ASP D 120 -9.90 -40.30 9.29
CA ASP D 120 -10.03 -41.76 9.18
C ASP D 120 -8.83 -42.22 8.36
N VAL D 121 -8.07 -43.20 8.86
CA VAL D 121 -6.87 -43.63 8.18
C VAL D 121 -7.01 -45.08 7.70
N TYR D 122 -6.69 -45.33 6.44
CA TYR D 122 -6.72 -46.67 5.84
C TYR D 122 -5.35 -47.02 5.28
N LEU D 123 -4.96 -48.28 5.43
CA LEU D 123 -3.74 -48.75 4.78
C LEU D 123 -4.12 -50.02 4.04
N ASN D 124 -3.88 -50.02 2.73
CA ASN D 124 -4.22 -51.16 1.87
C ASN D 124 -5.68 -51.57 2.05
N GLY D 125 -6.52 -50.55 2.18
CA GLY D 125 -7.95 -50.75 2.29
C GLY D 125 -8.46 -51.11 3.67
N GLN D 126 -7.56 -51.25 4.65
CA GLN D 126 -8.00 -51.60 6.00
C GLN D 126 -8.09 -50.36 6.84
N LEU D 127 -9.24 -50.16 7.49
CA LEU D 127 -9.38 -49.03 8.40
C LEU D 127 -8.50 -49.26 9.62
N LEU D 128 -7.54 -48.37 9.82
CA LEU D 128 -6.69 -48.46 10.99
C LEU D 128 -7.39 -47.85 12.17
N GLY D 129 -8.13 -46.78 11.93
CA GLY D 129 -8.82 -46.13 13.02
C GLY D 129 -9.01 -44.67 12.67
N SER D 130 -9.41 -43.91 13.68
CA SER D 130 -9.74 -42.50 13.51
C SER D 130 -9.18 -41.69 14.64
N HIS D 131 -9.16 -40.37 14.42
CA HIS D 131 -8.72 -39.46 15.44
C HIS D 131 -9.52 -38.18 15.36
N PHE D 132 -9.82 -37.60 16.51
CA PHE D 132 -10.28 -36.22 16.56
C PHE D 132 -9.30 -35.40 17.38
N GLY D 133 -8.97 -34.20 16.89
CA GLY D 133 -8.12 -33.25 17.59
C GLY D 133 -7.06 -32.81 16.59
N GLY D 134 -7.18 -31.59 16.08
CA GLY D 134 -6.45 -31.20 14.88
C GLY D 134 -5.02 -30.77 15.09
N PHE D 135 -4.54 -30.79 16.33
CA PHE D 135 -3.28 -30.14 16.63
C PHE D 135 -2.34 -30.98 17.50
N LEU D 136 -2.64 -32.27 17.65
CA LEU D 136 -1.79 -33.17 18.42
C LEU D 136 -1.60 -34.47 17.66
N PRO D 137 -0.46 -35.16 17.89
CA PRO D 137 -0.13 -36.34 17.10
C PRO D 137 -0.90 -37.58 17.51
N PHE D 138 -1.02 -38.49 16.55
CA PHE D 138 -1.61 -39.80 16.83
C PHE D 138 -0.95 -40.83 15.96
N GLU D 139 -1.01 -42.09 16.35
CA GLU D 139 -0.31 -43.12 15.61
C GLU D 139 -1.05 -44.46 15.65
N PHE D 140 -0.68 -45.34 14.71
CA PHE D 140 -1.28 -46.69 14.57
C PHE D 140 -0.19 -47.71 14.42
N ASP D 141 -0.42 -48.88 15.00
CA ASP D 141 0.46 -50.01 14.75
C ASP D 141 0.06 -50.66 13.43
N VAL D 142 0.93 -50.59 12.43
CA VAL D 142 0.60 -51.10 11.10
C VAL D 142 1.41 -52.33 10.76
N THR D 143 1.99 -52.95 11.79
CA THR D 143 2.83 -54.13 11.61
C THR D 143 2.11 -55.21 10.77
N SER D 144 0.85 -55.45 11.07
CA SER D 144 0.13 -56.50 10.36
C SER D 144 -0.49 -56.01 9.05
N ALA D 145 -0.74 -54.71 8.93
CA ALA D 145 -1.42 -54.21 7.73
C ALA D 145 -0.45 -53.94 6.58
N LEU D 146 0.81 -53.66 6.90
CA LEU D 146 1.82 -53.49 5.88
C LEU D 146 2.05 -54.76 5.06
N HIS D 147 2.40 -54.60 3.79
CA HIS D 147 2.90 -55.73 3.05
C HIS D 147 4.06 -55.33 2.16
N ALA D 148 4.71 -56.31 1.56
CA ALA D 148 5.84 -56.03 0.69
C ALA D 148 5.36 -55.30 -0.56
N GLY D 149 6.27 -54.54 -1.17
CA GLY D 149 5.94 -53.81 -2.38
C GLY D 149 5.18 -52.53 -2.04
N GLU D 150 4.41 -52.03 -3.01
CA GLU D 150 3.71 -50.76 -2.80
C GLU D 150 2.53 -50.93 -1.83
N ASN D 151 2.44 -50.02 -0.88
CA ASN D 151 1.33 -49.93 0.06
C ASN D 151 0.55 -48.67 -0.26
N LEU D 152 -0.76 -48.74 -0.12
CA LEU D 152 -1.63 -47.60 -0.46
C LEU D 152 -2.23 -47.02 0.81
N LEU D 153 -1.82 -45.78 1.12
CA LEU D 153 -2.22 -45.08 2.35
C LEU D 153 -3.28 -44.02 2.02
N THR D 154 -4.48 -44.16 2.58
CA THR D 154 -5.58 -43.23 2.29
C THR D 154 -6.01 -42.55 3.58
N VAL D 155 -6.11 -41.22 3.56
CA VAL D 155 -6.41 -40.50 4.79
C VAL D 155 -7.53 -39.51 4.52
N ALA D 156 -8.70 -39.78 5.09
CA ALA D 156 -9.82 -38.86 4.99
C ALA D 156 -9.74 -37.84 6.12
N VAL D 157 -9.82 -36.56 5.76
CA VAL D 157 -9.70 -35.50 6.75
C VAL D 157 -10.95 -34.62 6.73
N ASP D 158 -11.51 -34.41 7.91
CA ASP D 158 -12.75 -33.68 8.11
C ASP D 158 -12.42 -32.32 8.71
N ASN D 159 -12.89 -31.25 8.07
CA ASN D 159 -12.58 -29.91 8.57
C ASN D 159 -13.67 -29.30 9.45
N ARG D 160 -14.75 -30.04 9.69
CA ARG D 160 -15.94 -29.41 10.24
C ARG D 160 -15.77 -29.04 11.70
N ILE D 161 -16.28 -27.85 12.02
CA ILE D 161 -16.31 -27.36 13.39
C ILE D 161 -17.75 -26.99 13.75
N GLY D 162 -18.02 -27.02 15.05
CA GLY D 162 -19.38 -26.78 15.50
C GLY D 162 -19.40 -26.70 17.01
N SER D 163 -20.61 -26.80 17.57
CA SER D 163 -20.77 -26.56 19.00
C SER D 163 -20.14 -27.63 19.88
N SER D 164 -19.71 -28.75 19.30
CA SER D 164 -19.07 -29.79 20.11
C SER D 164 -17.59 -30.01 19.76
N THR D 165 -17.01 -29.19 18.86
CA THR D 165 -15.58 -29.32 18.55
C THR D 165 -14.73 -28.38 19.37
N LEU D 166 -13.45 -28.73 19.54
CA LEU D 166 -12.42 -27.78 20.00
C LEU D 166 -11.39 -27.72 18.89
N PRO D 167 -11.18 -26.56 18.28
CA PRO D 167 -11.79 -25.27 18.58
C PRO D 167 -13.27 -25.23 18.21
N VAL D 168 -14.00 -24.32 18.83
CA VAL D 168 -15.46 -24.27 18.70
C VAL D 168 -15.95 -23.56 17.44
N GLY D 169 -16.91 -24.18 16.75
CA GLY D 169 -17.61 -23.51 15.66
C GLY D 169 -19.02 -23.14 16.08
N ASN D 170 -19.63 -22.22 15.32
CA ASN D 170 -21.04 -21.86 15.52
C ASN D 170 -21.92 -22.65 14.59
N ASP D 171 -22.99 -23.21 15.13
CA ASP D 171 -23.86 -24.05 14.31
C ASP D 171 -24.77 -23.22 13.40
N ALA D 172 -24.95 -21.95 13.77
CA ALA D 172 -25.78 -21.01 13.01
C ALA D 172 -25.33 -19.59 13.30
N GLY D 173 -25.90 -18.62 12.59
CA GLY D 173 -25.57 -17.23 12.81
C GLY D 173 -24.39 -16.77 11.99
N THR D 174 -23.39 -16.17 12.64
CA THR D 174 -22.23 -15.63 11.97
C THR D 174 -20.97 -16.21 12.59
N ALA D 175 -19.83 -15.99 11.93
CA ALA D 175 -18.55 -16.26 12.54
C ALA D 175 -18.33 -15.25 13.68
N PHE D 176 -17.37 -15.54 14.53
CA PHE D 176 -17.02 -14.64 15.62
C PHE D 176 -16.66 -13.26 15.04
N MET D 177 -17.19 -12.22 15.68
CA MET D 177 -17.11 -10.80 15.27
C MET D 177 -17.55 -10.51 13.83
N GLY D 178 -18.50 -11.31 13.37
CA GLY D 178 -19.14 -11.11 12.09
C GLY D 178 -20.31 -10.13 12.21
N SER D 179 -20.56 -9.41 11.14
CA SER D 179 -21.66 -8.44 11.08
C SER D 179 -22.96 -9.12 10.69
N ASP D 180 -24.10 -8.59 11.16
CA ASP D 180 -25.40 -9.14 10.77
C ASP D 180 -26.48 -8.06 10.78
N ASN D 181 -27.56 -8.35 10.07
CA ASN D 181 -28.82 -7.60 10.15
C ASN D 181 -29.92 -8.63 10.36
N ALA D 182 -29.91 -9.27 11.54
CA ALA D 182 -30.70 -10.46 11.76
C ALA D 182 -32.20 -10.21 11.71
N ASN D 183 -32.61 -8.96 11.95
CA ASN D 183 -34.02 -8.61 11.98
C ASN D 183 -34.62 -8.33 10.60
N VAL D 184 -33.79 -8.32 9.57
CA VAL D 184 -34.28 -8.14 8.20
C VAL D 184 -34.83 -9.49 7.68
N PRO D 185 -36.13 -9.55 7.35
CA PRO D 185 -36.69 -10.86 6.99
C PRO D 185 -35.94 -11.55 5.85
N ALA D 186 -35.53 -10.79 4.85
CA ALA D 186 -34.81 -11.38 3.73
C ALA D 186 -33.50 -12.03 4.17
N VAL D 187 -32.84 -11.44 5.16
CA VAL D 187 -31.60 -12.02 5.67
C VAL D 187 -31.91 -13.32 6.40
N ALA D 188 -32.95 -13.31 7.24
CA ALA D 188 -33.28 -14.53 7.98
C ALA D 188 -33.59 -15.68 7.02
N GLU D 189 -34.33 -15.36 5.96
CA GLU D 189 -34.72 -16.39 5.00
C GLU D 189 -33.50 -16.87 4.20
N ALA D 190 -32.64 -15.96 3.76
CA ALA D 190 -31.46 -16.35 2.99
C ALA D 190 -30.52 -17.22 3.82
N LYS D 191 -30.44 -16.95 5.11
CA LYS D 191 -29.61 -17.78 5.99
C LYS D 191 -30.01 -19.24 5.94
N LYS D 192 -31.32 -19.49 5.88
CA LYS D 192 -31.87 -20.86 5.96
C LYS D 192 -31.40 -21.69 4.78
N HIS D 193 -31.11 -21.03 3.66
CA HIS D 193 -30.80 -21.74 2.44
C HIS D 193 -29.37 -21.55 1.99
N ALA D 194 -28.58 -20.83 2.76
CA ALA D 194 -27.19 -20.56 2.36
C ALA D 194 -26.35 -21.84 2.38
N ARG D 195 -25.32 -21.86 1.55
CA ARG D 195 -24.39 -22.99 1.51
C ARG D 195 -23.80 -23.20 2.88
N ARG D 196 -23.71 -24.46 3.33
CA ARG D 196 -23.12 -24.75 4.61
C ARG D 196 -21.67 -24.34 4.62
N GLN D 197 -21.28 -23.69 5.71
CA GLN D 197 -19.92 -23.20 5.86
C GLN D 197 -19.50 -23.36 7.31
N ASN D 198 -18.23 -23.68 7.58
CA ASN D 198 -17.78 -23.58 8.95
C ASN D 198 -17.79 -22.13 9.40
N LEU D 199 -18.35 -21.87 10.57
CA LEU D 199 -18.36 -20.53 11.14
C LEU D 199 -17.51 -20.52 12.40
N PRO D 200 -16.23 -20.15 12.29
CA PRO D 200 -15.39 -20.21 13.50
C PRO D 200 -15.94 -19.33 14.61
N ASN D 201 -15.97 -19.83 15.84
CA ASN D 201 -16.18 -18.96 16.99
C ASN D 201 -14.84 -18.50 17.57
N PHE D 202 -13.87 -18.37 16.69
CA PHE D 202 -12.53 -17.97 17.05
C PHE D 202 -12.02 -17.12 15.92
N ASP D 203 -11.01 -16.29 16.22
CA ASP D 203 -10.54 -15.27 15.29
C ASP D 203 -9.28 -15.74 14.55
N PHE D 204 -9.31 -16.91 13.94
CA PHE D 204 -8.28 -17.30 12.99
C PHE D 204 -8.92 -18.23 11.97
N PHE D 205 -8.34 -18.27 10.78
CA PHE D 205 -8.97 -19.06 9.71
C PHE D 205 -8.88 -20.56 10.02
N ASN D 206 -9.95 -21.27 9.66
CA ASN D 206 -10.04 -22.72 9.91
C ASN D 206 -9.25 -23.54 8.89
N PHE D 207 -7.93 -23.33 8.86
CA PHE D 207 -7.05 -24.11 7.97
C PHE D 207 -7.08 -25.59 8.32
N ALA D 208 -7.22 -26.44 7.31
CA ALA D 208 -7.39 -27.89 7.55
C ALA D 208 -6.47 -28.73 6.67
N GLY D 209 -6.40 -30.02 6.98
CA GLY D 209 -5.60 -30.96 6.20
C GLY D 209 -4.48 -31.56 7.00
N LEU D 210 -3.50 -32.15 6.29
CA LEU D 210 -2.35 -32.77 6.93
C LEU D 210 -1.34 -31.66 7.23
N ASN D 211 -1.62 -30.91 8.28
CA ASN D 211 -0.85 -29.71 8.59
C ASN D 211 0.57 -30.01 9.05
N ARG D 212 0.82 -31.23 9.54
CA ARG D 212 2.16 -31.55 10.01
C ARG D 212 2.61 -32.89 9.41
N HIS D 213 3.84 -33.29 9.72
CA HIS D 213 4.49 -34.40 9.04
C HIS D 213 3.78 -35.71 9.24
N VAL D 214 4.03 -36.63 8.31
CA VAL D 214 3.55 -38.01 8.40
C VAL D 214 4.79 -38.89 8.28
N GLU D 215 4.91 -39.93 9.09
CA GLU D 215 6.07 -40.80 8.98
C GLU D 215 5.78 -42.18 9.53
N LEU D 216 6.42 -43.15 8.92
CA LEU D 216 6.42 -44.52 9.43
C LEU D 216 7.70 -44.70 10.22
N TYR D 217 7.64 -45.34 11.38
CA TYR D 217 8.87 -45.58 12.12
C TYR D 217 8.86 -46.95 12.76
N THR D 218 10.05 -47.38 13.18
CA THR D 218 10.19 -48.73 13.73
C THR D 218 10.78 -48.69 15.11
N THR D 219 10.40 -49.71 15.89
CA THR D 219 11.03 -49.99 17.17
C THR D 219 11.20 -51.49 17.24
N PRO D 220 12.04 -51.95 18.18
CA PRO D 220 12.05 -53.38 18.47
C PRO D 220 10.65 -53.83 18.90
N ALA D 221 10.28 -55.10 18.63
CA ALA D 221 8.93 -55.57 18.88
C ALA D 221 8.75 -56.22 20.26
N ASP D 222 9.77 -56.95 20.71
CA ASP D 222 9.62 -57.73 21.95
C ASP D 222 9.55 -56.84 23.18
N ALA D 223 10.34 -55.76 23.18
CA ALA D 223 10.46 -54.84 24.30
C ALA D 223 11.02 -53.52 23.78
N TYR D 224 10.40 -52.41 24.17
CA TYR D 224 10.81 -51.11 23.64
C TYR D 224 10.47 -49.99 24.60
N ILE D 225 11.18 -48.87 24.44
CA ILE D 225 10.91 -47.66 25.21
C ILE D 225 9.66 -46.95 24.68
N ALA D 226 8.68 -46.75 25.55
CA ALA D 226 7.41 -46.15 25.13
C ALA D 226 7.29 -44.70 25.53
N ASP D 227 7.92 -44.32 26.63
CA ASP D 227 7.81 -42.95 27.10
C ASP D 227 8.97 -42.61 28.03
N ILE D 228 9.34 -41.34 28.08
CA ILE D 228 10.35 -40.85 29.00
C ILE D 228 9.89 -39.53 29.59
N ALA D 229 10.00 -39.36 30.91
CA ALA D 229 9.81 -38.06 31.54
C ALA D 229 11.03 -37.72 32.37
N ILE D 230 11.61 -36.54 32.13
CA ILE D 230 12.68 -36.01 32.93
C ILE D 230 12.15 -34.79 33.67
N THR D 231 12.42 -34.70 34.97
CA THR D 231 12.00 -33.56 35.77
C THR D 231 13.17 -33.01 36.55
N THR D 232 13.14 -31.70 36.79
CA THR D 232 14.05 -31.07 37.73
C THR D 232 13.37 -31.04 39.10
N GLU D 233 13.83 -31.88 40.02
CA GLU D 233 13.19 -32.01 41.32
C GLU D 233 13.62 -30.95 42.32
N ARG D 234 14.91 -30.62 42.31
CA ARG D 234 15.42 -29.68 43.29
C ARG D 234 16.74 -29.10 42.84
N LEU D 235 16.96 -27.82 43.15
CA LEU D 235 18.24 -27.16 42.92
C LEU D 235 18.80 -26.68 44.25
N ASP D 236 20.07 -27.02 44.49
CA ASP D 236 20.80 -26.60 45.67
C ASP D 236 21.85 -25.57 45.35
N HIS D 237 21.81 -24.47 46.09
CA HIS D 237 22.77 -23.37 46.00
C HIS D 237 22.94 -22.91 44.56
N ILE D 238 21.89 -22.31 44.04
CA ILE D 238 21.93 -21.73 42.70
C ILE D 238 22.86 -20.53 42.71
N ALA D 239 23.69 -20.41 41.66
CA ALA D 239 24.61 -19.28 41.55
C ALA D 239 23.86 -17.96 41.42
N GLY D 240 24.54 -16.87 41.78
CA GLY D 240 23.96 -15.54 41.68
C GLY D 240 23.45 -15.23 40.28
N ASP D 241 24.16 -15.70 39.26
CA ASP D 241 23.76 -15.44 37.89
C ASP D 241 22.85 -16.52 37.30
N ALA D 242 22.48 -17.50 38.12
CA ALA D 242 21.59 -18.61 37.73
C ALA D 242 22.17 -19.50 36.63
N CYS D 243 23.46 -19.38 36.34
CA CYS D 243 24.01 -20.18 35.25
C CYS D 243 24.25 -21.61 35.71
N THR D 244 24.46 -21.78 37.01
CA THR D 244 24.77 -23.08 37.56
C THR D 244 24.13 -23.27 38.94
N ALA D 245 24.09 -24.52 39.42
CA ALA D 245 23.74 -24.81 40.80
C ALA D 245 24.76 -25.80 41.33
N ALA D 246 25.07 -25.70 42.62
CA ALA D 246 26.04 -26.62 43.23
C ALA D 246 25.57 -28.08 43.05
N ASN D 247 24.26 -28.28 43.13
CA ASN D 247 23.70 -29.60 42.88
C ASN D 247 22.30 -29.51 42.29
N ALA D 248 22.02 -30.35 41.31
CA ALA D 248 20.67 -30.48 40.77
C ALA D 248 20.23 -31.92 40.95
N LEU D 249 19.04 -32.09 41.50
CA LEU D 249 18.44 -33.39 41.58
C LEU D 249 17.42 -33.52 40.48
N ILE D 250 17.64 -34.45 39.56
CA ILE D 250 16.67 -34.67 38.50
C ILE D 250 16.08 -36.04 38.67
N ALA D 251 14.89 -36.23 38.14
CA ALA D 251 14.24 -37.53 38.15
C ALA D 251 13.94 -38.01 36.74
N TYR D 252 13.96 -39.32 36.57
CA TYR D 252 13.58 -39.95 35.31
C TYR D 252 12.45 -40.94 35.58
N ASP D 253 11.61 -41.12 34.58
CA ASP D 253 10.54 -42.09 34.61
C ASP D 253 10.47 -42.64 33.19
N VAL D 254 10.83 -43.90 33.00
CA VAL D 254 10.83 -44.49 31.67
C VAL D 254 9.80 -45.60 31.59
N THR D 255 8.94 -45.54 30.58
CA THR D 255 7.90 -46.53 30.36
C THR D 255 8.27 -47.41 29.17
N PHE D 256 7.97 -48.70 29.28
CA PHE D 256 8.29 -49.66 28.23
C PHE D 256 7.05 -50.34 27.67
N GLY D 257 7.13 -50.76 26.41
CA GLY D 257 6.07 -51.57 25.80
C GLY D 257 6.63 -52.94 25.45
N GLY D 258 5.75 -53.86 25.03
CA GLY D 258 6.17 -55.19 24.61
C GLY D 258 5.80 -56.32 25.56
N ARG D 299 14.78 -57.24 34.23
CA ARG D 299 15.32 -56.47 33.11
C ARG D 299 15.77 -55.08 33.56
N GLN D 300 16.70 -54.48 32.81
CA GLN D 300 17.27 -53.19 33.20
C GLN D 300 17.35 -52.18 32.07
N VAL D 301 17.37 -50.91 32.47
CA VAL D 301 17.62 -49.82 31.53
C VAL D 301 18.78 -48.97 32.04
N ARG D 302 19.73 -48.64 31.16
CA ARG D 302 20.80 -47.74 31.54
C ARG D 302 20.41 -46.31 31.17
N ILE D 303 20.51 -45.41 32.14
CA ILE D 303 20.26 -44.00 31.92
C ILE D 303 21.59 -43.25 31.97
N SER D 304 21.93 -42.60 30.86
CA SER D 304 23.16 -41.81 30.82
C SER D 304 22.82 -40.34 30.63
N ILE D 305 23.45 -39.47 31.42
CA ILE D 305 23.22 -38.04 31.28
C ILE D 305 24.41 -37.41 30.56
N LEU D 306 24.13 -36.86 29.38
CA LEU D 306 25.15 -36.25 28.54
C LEU D 306 25.05 -34.74 28.64
N ASP D 307 26.18 -34.06 28.83
CA ASP D 307 26.14 -32.60 28.85
C ASP D 307 26.18 -32.01 27.43
N GLY D 308 26.37 -30.69 27.33
CA GLY D 308 26.32 -29.98 26.07
C GLY D 308 27.38 -30.41 25.07
N GLU D 309 28.46 -30.99 25.58
CA GLU D 309 29.51 -31.53 24.74
C GLU D 309 29.40 -33.01 24.50
N GLY D 310 28.36 -33.65 25.02
CA GLY D 310 28.20 -35.07 24.81
C GLY D 310 28.95 -35.90 25.83
N THR D 311 29.51 -35.26 26.85
CA THR D 311 30.21 -35.99 27.92
C THR D 311 29.23 -36.62 28.89
N VAL D 312 29.43 -37.91 29.21
CA VAL D 312 28.56 -38.57 30.16
C VAL D 312 28.97 -38.10 31.56
N VAL D 313 28.14 -37.32 32.22
CA VAL D 313 28.53 -36.76 33.50
C VAL D 313 27.86 -37.50 34.67
N ALA D 314 26.87 -38.31 34.34
CA ALA D 314 26.13 -39.07 35.35
C ALA D 314 25.45 -40.23 34.64
N GLY D 315 25.19 -41.30 35.38
CA GLY D 315 24.60 -42.49 34.79
C GLY D 315 24.22 -43.46 35.86
N VAL D 316 23.10 -44.15 35.67
CA VAL D 316 22.65 -45.18 36.58
C VAL D 316 22.03 -46.32 35.77
N THR D 317 22.06 -47.53 36.31
CA THR D 317 21.31 -48.62 35.71
C THR D 317 20.13 -48.91 36.62
N ALA D 318 18.93 -48.87 36.05
CA ALA D 318 17.71 -48.95 36.81
C ALA D 318 16.96 -50.22 36.52
N ASP D 319 16.30 -50.78 37.54
CA ASP D 319 15.51 -51.98 37.36
C ASP D 319 14.17 -51.66 36.71
N ILE D 320 13.76 -52.51 35.79
CA ILE D 320 12.44 -52.39 35.17
C ILE D 320 11.43 -53.25 35.91
N GLU D 321 10.34 -52.64 36.35
CA GLU D 321 9.32 -53.38 37.11
C GLU D 321 7.95 -53.25 36.45
N ARG D 322 7.15 -54.31 36.53
CA ARG D 322 5.79 -54.24 35.99
C ARG D 322 4.78 -54.11 37.14
N THR D 327 2.48 -50.75 32.27
CA THR D 327 2.86 -51.31 33.55
C THR D 327 4.38 -51.42 33.75
N ALA D 328 5.13 -51.71 32.68
CA ALA D 328 6.60 -51.77 32.81
C ALA D 328 7.27 -50.40 32.84
N LYS D 329 7.93 -50.09 33.96
CA LYS D 329 8.56 -48.79 34.17
C LYS D 329 9.84 -48.85 35.00
N ALA D 330 10.73 -47.89 34.76
CA ALA D 330 11.89 -47.65 35.61
C ALA D 330 11.90 -46.19 36.01
N SER D 331 12.18 -45.91 37.26
CA SER D 331 12.19 -44.55 37.74
C SER D 331 13.22 -44.40 38.83
N GLY D 332 13.70 -43.19 38.99
CA GLY D 332 14.67 -42.91 40.03
C GLY D 332 15.13 -41.47 39.94
N GLU D 333 16.17 -41.15 40.71
CA GLU D 333 16.74 -39.82 40.75
C GLU D 333 18.22 -39.88 40.46
N ILE D 334 18.74 -38.77 39.96
CA ILE D 334 20.15 -38.62 39.65
C ILE D 334 20.60 -37.24 40.13
N ALA D 335 21.70 -37.19 40.88
CA ALA D 335 22.28 -35.92 41.33
C ALA D 335 23.32 -35.43 40.35
N ILE D 336 23.19 -34.17 39.93
CA ILE D 336 24.16 -33.57 39.01
C ILE D 336 24.91 -32.45 39.75
N ARG D 337 26.17 -32.68 40.11
CA ARG D 337 26.93 -31.64 40.78
C ARG D 337 27.33 -30.53 39.78
N ASP D 338 27.29 -29.29 40.23
CA ASP D 338 27.70 -28.15 39.40
C ASP D 338 26.92 -28.14 38.08
N ALA D 339 25.61 -28.40 38.20
CA ALA D 339 24.72 -28.47 37.04
C ALA D 339 24.66 -27.16 36.30
N LYS D 340 24.63 -27.23 34.97
CA LYS D 340 24.46 -26.04 34.14
C LYS D 340 22.98 -25.86 33.87
N LEU D 341 22.44 -24.72 34.28
CA LEU D 341 20.99 -24.49 34.22
C LEU D 341 20.54 -23.92 32.89
N TRP D 342 19.27 -24.19 32.56
CA TRP D 342 18.61 -23.59 31.40
C TRP D 342 17.97 -22.29 31.86
N ASN D 343 18.22 -21.21 31.12
CA ASN D 343 17.58 -19.91 31.38
C ASN D 343 17.08 -19.27 30.09
N PRO D 344 16.04 -18.44 30.21
CA PRO D 344 15.73 -17.58 29.07
C PRO D 344 16.96 -16.78 28.69
N GLY D 345 17.24 -16.72 27.40
CA GLY D 345 18.37 -15.99 26.88
C GLY D 345 19.71 -16.68 27.08
N ALA D 346 19.70 -17.84 27.73
CA ALA D 346 20.94 -18.56 28.01
C ALA D 346 20.58 -20.03 28.17
N ALA D 347 20.20 -20.65 27.05
CA ALA D 347 19.85 -22.08 27.04
C ALA D 347 21.03 -22.96 27.35
N TYR D 348 20.77 -24.05 28.05
CA TYR D 348 21.75 -25.12 28.18
C TYR D 348 20.95 -26.41 28.19
N LEU D 349 21.33 -27.37 27.34
CA LEU D 349 20.59 -28.62 27.24
C LEU D 349 21.46 -29.81 27.54
N TYR D 350 20.92 -30.75 28.31
CA TYR D 350 21.50 -32.07 28.49
C TYR D 350 20.74 -33.08 27.62
N THR D 351 21.28 -34.29 27.50
CA THR D 351 20.55 -35.38 26.86
C THR D 351 20.49 -36.55 27.85
N ALA D 352 19.30 -37.07 28.08
CA ALA D 352 19.16 -38.32 28.80
C ALA D 352 19.04 -39.43 27.78
N VAL D 353 20.04 -40.31 27.75
CA VAL D 353 20.01 -41.45 26.87
C VAL D 353 19.55 -42.66 27.67
N ALA D 354 18.44 -43.25 27.23
CA ALA D 354 17.91 -44.47 27.86
C ALA D 354 18.22 -45.65 26.99
N GLU D 355 18.85 -46.67 27.56
CA GLU D 355 19.19 -47.84 26.78
C GLU D 355 18.66 -49.11 27.43
N LEU D 356 17.74 -49.78 26.75
CA LEU D 356 17.22 -51.04 27.24
C LEU D 356 18.28 -52.12 27.09
N LEU D 357 18.66 -52.76 28.20
CA LEU D 357 19.73 -53.75 28.20
C LEU D 357 19.12 -55.13 28.04
N PRO D 358 19.83 -56.05 27.36
CA PRO D 358 19.36 -57.44 27.25
C PRO D 358 19.47 -58.17 28.57
N GLU D 359 18.65 -59.20 28.75
CA GLU D 359 18.92 -60.27 29.73
C GLU D 359 20.42 -60.62 29.70
N GLY D 360 21.13 -60.45 30.82
CA GLY D 360 20.57 -60.00 32.08
C GLY D 360 21.40 -59.25 33.14
N GLY D 361 22.71 -58.96 32.96
CA GLY D 361 23.48 -59.14 31.74
C GLY D 361 24.28 -57.89 31.41
N SER D 365 26.73 -58.08 28.92
CA SER D 365 26.88 -58.61 27.58
C SER D 365 27.45 -57.62 26.55
N SER D 366 27.09 -56.34 26.72
CA SER D 366 27.48 -55.13 25.95
C SER D 366 26.47 -54.64 24.92
N ARG D 367 25.59 -55.52 24.44
CA ARG D 367 24.74 -55.14 23.30
C ARG D 367 23.54 -54.34 23.82
N ILE D 368 22.91 -53.55 22.96
CA ILE D 368 21.77 -52.71 23.33
C ILE D 368 20.52 -53.15 22.61
N ILE D 369 19.42 -53.33 23.34
CA ILE D 369 18.15 -53.77 22.76
C ILE D 369 17.38 -52.62 22.08
N ASP D 370 17.33 -51.48 22.76
CA ASP D 370 16.59 -50.30 22.28
C ASP D 370 17.21 -49.07 22.89
N ALA D 371 17.01 -47.91 22.28
CA ALA D 371 17.59 -46.70 22.80
C ALA D 371 16.74 -45.54 22.40
N TYR D 372 16.78 -44.50 23.21
CA TYR D 372 16.13 -43.24 22.86
C TYR D 372 16.91 -42.11 23.51
N ARG D 373 17.06 -40.99 22.80
CA ARG D 373 17.80 -39.84 23.32
C ARG D 373 16.86 -38.67 23.58
N GLN D 374 16.65 -38.36 24.85
CA GLN D 374 15.71 -37.31 25.23
C GLN D 374 16.40 -36.03 25.70
N THR D 375 16.21 -34.94 24.95
CA THR D 375 16.76 -33.66 25.36
C THR D 375 16.02 -33.12 26.58
N PHE D 376 16.73 -32.46 27.47
CA PHE D 376 16.07 -31.79 28.58
C PHE D 376 16.92 -30.63 29.06
N GLY D 377 16.35 -29.78 29.88
CA GLY D 377 17.12 -28.71 30.50
C GLY D 377 16.81 -28.67 31.97
N ILE D 378 17.82 -28.29 32.76
CA ILE D 378 17.70 -28.27 34.19
C ILE D 378 17.30 -26.87 34.64
N ARG D 379 16.10 -26.75 35.17
CA ARG D 379 15.56 -25.47 35.66
C ARG D 379 14.31 -25.70 36.49
N THR D 380 14.08 -24.82 37.45
CA THR D 380 12.85 -24.87 38.20
C THR D 380 11.95 -23.69 37.84
N VAL D 381 10.66 -23.89 38.06
CA VAL D 381 9.64 -22.85 37.85
C VAL D 381 8.76 -22.83 39.09
N GLU D 382 8.61 -21.65 39.70
CA GLU D 382 7.80 -21.52 40.91
C GLU D 382 7.11 -20.18 40.98
N VAL D 383 5.80 -20.18 41.12
CA VAL D 383 5.10 -18.97 41.46
C VAL D 383 5.20 -18.76 42.96
N SER D 384 5.64 -17.57 43.35
CA SER D 384 5.78 -17.23 44.77
C SER D 384 5.20 -15.85 44.98
N GLY D 385 4.05 -15.79 45.64
CA GLY D 385 3.36 -14.54 45.83
C GLY D 385 3.04 -13.91 44.49
N THR D 386 3.56 -12.71 44.25
CA THR D 386 3.30 -12.05 42.98
C THR D 386 4.52 -12.11 42.05
N THR D 387 5.40 -13.10 42.26
CA THR D 387 6.58 -13.29 41.42
C THR D 387 6.50 -14.65 40.72
N PHE D 388 7.18 -14.71 39.56
CA PHE D 388 7.27 -15.90 38.72
C PHE D 388 8.74 -16.25 38.66
N LEU D 389 9.15 -17.26 39.43
CA LEU D 389 10.57 -17.55 39.63
C LEU D 389 11.05 -18.64 38.69
N ILE D 390 12.06 -18.32 37.88
CA ILE D 390 12.76 -19.38 37.12
C ILE D 390 14.15 -19.48 37.74
N ASN D 391 14.51 -20.68 38.20
CA ASN D 391 15.75 -20.89 38.94
C ASN D 391 15.88 -19.89 40.08
N GLY D 392 14.75 -19.63 40.73
CA GLY D 392 14.69 -18.75 41.88
C GLY D 392 14.78 -17.27 41.59
N LYS D 393 14.84 -16.89 40.30
CA LYS D 393 15.01 -15.49 39.90
C LYS D 393 13.68 -14.95 39.38
N PRO D 394 13.37 -13.69 39.70
CA PRO D 394 12.08 -13.12 39.29
C PRO D 394 12.07 -12.73 37.79
N PHE D 395 11.37 -13.55 37.04
CA PHE D 395 11.29 -13.43 35.60
C PHE D 395 10.23 -12.39 35.17
N TYR D 396 10.47 -11.75 34.03
CA TYR D 396 9.51 -10.85 33.41
C TYR D 396 9.29 -11.30 31.96
N PHE D 397 8.05 -11.64 31.58
CA PHE D 397 7.75 -12.07 30.19
C PHE D 397 7.78 -10.88 29.25
N LYS D 398 8.50 -11.01 28.13
CA LYS D 398 8.43 -10.04 27.03
C LYS D 398 8.10 -10.81 25.77
N GLY D 399 7.00 -10.49 25.10
CA GLY D 399 6.72 -11.20 23.88
C GLY D 399 5.30 -10.99 23.40
N PHE D 400 4.65 -12.09 23.00
CA PHE D 400 3.44 -12.04 22.18
C PHE D 400 2.79 -13.38 22.06
N GLY D 401 1.52 -13.34 21.71
CA GLY D 401 0.87 -14.52 21.13
C GLY D 401 1.37 -14.63 19.70
N LYS D 402 1.52 -15.87 19.22
CA LYS D 402 1.84 -16.13 17.83
C LYS D 402 0.67 -16.83 17.14
N HIS D 403 0.86 -17.20 15.88
CA HIS D 403 0.01 -18.19 15.21
C HIS D 403 0.92 -19.02 14.34
N GLU D 404 0.54 -20.26 14.08
CA GLU D 404 1.17 -20.97 12.97
C GLU D 404 0.37 -20.59 11.75
N ASP D 405 0.91 -19.64 11.01
CA ASP D 405 0.17 -19.02 9.91
C ASP D 405 1.18 -18.42 8.93
N SER D 406 0.99 -18.70 7.65
CA SER D 406 1.83 -18.07 6.62
C SER D 406 1.16 -18.22 5.26
N TYR D 407 1.51 -17.33 4.33
CA TYR D 407 1.10 -17.50 2.95
C TYR D 407 1.44 -18.90 2.45
N PHE D 408 0.55 -19.44 1.63
CA PHE D 408 0.69 -20.75 0.94
C PHE D 408 0.50 -21.93 1.90
N HIS D 409 1.25 -21.95 3.00
CA HIS D 409 1.25 -23.08 3.95
C HIS D 409 0.03 -23.11 4.84
N GLY D 410 -0.56 -21.95 5.09
CA GLY D 410 -1.69 -21.91 6.01
C GLY D 410 -1.21 -22.17 7.42
N ARG D 411 -1.77 -23.21 8.03
CA ARG D 411 -1.35 -23.65 9.38
C ARG D 411 -0.24 -24.71 9.24
N GLY D 412 0.21 -24.98 8.00
CA GLY D 412 1.22 -25.99 7.74
C GLY D 412 2.55 -25.65 8.37
N THR D 413 3.19 -26.64 8.99
CA THR D 413 4.49 -26.42 9.64
C THR D 413 5.53 -26.13 8.58
N ASP D 414 6.41 -25.18 8.89
CA ASP D 414 7.45 -24.74 7.97
C ASP D 414 8.67 -24.41 8.81
N ASP D 415 9.71 -25.26 8.77
CA ASP D 415 10.82 -24.96 9.67
C ASP D 415 11.71 -23.83 9.21
N VAL D 416 11.68 -23.47 7.94
CA VAL D 416 12.36 -22.24 7.50
C VAL D 416 11.71 -21.07 8.24
N LEU D 417 10.37 -21.04 8.26
CA LEU D 417 9.66 -19.99 8.96
C LEU D 417 9.88 -20.04 10.48
N ASN D 418 9.93 -21.23 11.07
CA ASN D 418 10.20 -21.30 12.51
C ASN D 418 11.58 -20.75 12.87
N VAL D 419 12.60 -21.13 12.08
CA VAL D 419 13.96 -20.64 12.29
C VAL D 419 13.99 -19.11 12.13
N LYS D 420 13.34 -18.61 11.08
CA LYS D 420 13.28 -17.16 10.88
C LYS D 420 12.56 -16.47 12.04
N ASP D 421 11.41 -17.03 12.46
CA ASP D 421 10.65 -16.39 13.54
C ASP D 421 11.43 -16.35 14.85
N VAL D 422 12.17 -17.42 15.17
CA VAL D 422 12.97 -17.39 16.39
C VAL D 422 14.04 -16.30 16.30
N SER D 423 14.61 -16.11 15.11
CA SER D 423 15.61 -15.04 14.96
C SER D 423 14.97 -13.68 15.15
N LEU D 424 13.70 -13.55 14.73
CA LEU D 424 12.96 -12.28 14.90
C LEU D 424 12.61 -12.04 16.37
N ILE D 425 12.29 -13.13 17.08
CA ILE D 425 12.07 -13.01 18.52
C ILE D 425 13.35 -12.42 19.18
N HIS D 426 14.53 -12.92 18.80
CA HIS D 426 15.80 -12.35 19.29
C HIS D 426 16.02 -10.91 18.84
N TRP D 427 15.74 -10.65 17.56
CA TRP D 427 15.89 -9.28 17.02
C TRP D 427 15.07 -8.27 17.81
N LEU D 428 13.85 -8.65 18.19
CA LEU D 428 12.95 -7.82 19.01
C LEU D 428 13.38 -7.70 20.48
N HIS D 429 14.31 -8.54 20.91
CA HIS D 429 14.69 -8.65 22.31
C HIS D 429 13.54 -9.14 23.18
N ALA D 430 12.65 -9.91 22.56
CA ALA D 430 11.62 -10.62 23.33
C ALA D 430 12.20 -11.90 23.93
N ASN D 431 11.51 -12.49 24.91
CA ASN D 431 12.03 -13.73 25.51
C ASN D 431 10.99 -14.83 25.59
N SER D 432 9.81 -14.64 24.99
CA SER D 432 8.72 -15.60 25.24
C SER D 432 7.59 -15.45 24.23
N PHE D 433 6.80 -16.52 24.11
CA PHE D 433 5.50 -16.41 23.45
C PHE D 433 4.55 -17.46 23.99
N ARG D 434 3.31 -17.35 23.55
CA ARG D 434 2.26 -18.32 23.88
C ARG D 434 1.87 -19.04 22.60
N THR D 435 1.59 -20.34 22.67
CA THR D 435 1.12 -21.08 21.48
C THR D 435 -0.38 -20.83 21.27
N SER D 436 -0.75 -19.58 21.10
CA SER D 436 -2.12 -19.24 20.77
C SER D 436 -2.48 -19.83 19.39
N HIS D 437 -3.60 -20.54 19.23
CA HIS D 437 -4.49 -21.05 20.30
C HIS D 437 -4.62 -22.56 20.16
N TYR D 438 -3.49 -23.25 20.16
CA TYR D 438 -3.42 -24.70 19.90
C TYR D 438 -1.95 -25.08 20.07
N PRO D 439 -1.68 -26.34 20.41
CA PRO D 439 -0.28 -26.76 20.47
C PRO D 439 0.38 -26.62 19.09
N TYR D 440 1.62 -26.12 19.07
CA TYR D 440 2.36 -25.89 17.82
C TYR D 440 3.11 -27.18 17.39
N ALA D 441 3.76 -27.13 16.24
CA ALA D 441 4.54 -28.28 15.79
C ALA D 441 5.69 -28.54 16.76
N GLU D 442 5.98 -29.83 16.99
CA GLU D 442 6.97 -30.22 17.98
C GLU D 442 8.34 -29.60 17.74
N SER D 443 8.70 -29.43 16.47
CA SER D 443 10.01 -28.88 16.13
C SER D 443 10.20 -27.45 16.65
N MET D 444 9.11 -26.68 16.78
CA MET D 444 9.26 -25.31 17.27
C MET D 444 9.66 -25.32 18.75
N TYR D 445 9.20 -26.30 19.52
CA TYR D 445 9.58 -26.36 20.93
C TYR D 445 11.04 -26.77 21.06
N ASP D 446 11.49 -27.70 20.22
CA ASP D 446 12.92 -28.05 20.24
C ASP D 446 13.79 -26.84 19.91
N LEU D 447 13.33 -26.05 18.94
CA LEU D 447 14.05 -24.87 18.56
C LEU D 447 14.12 -23.88 19.73
N CYS D 448 13.00 -23.72 20.44
CA CYS D 448 12.98 -22.76 21.56
C CYS D 448 13.77 -23.27 22.76
N ASP D 449 13.85 -24.59 22.92
CA ASP D 449 14.75 -25.19 23.91
C ASP D 449 16.19 -24.76 23.65
N ARG D 450 16.62 -24.85 22.39
CA ARG D 450 17.99 -24.53 22.09
C ARG D 450 18.25 -23.03 22.03
N GLU D 451 17.21 -22.25 21.76
CA GLU D 451 17.37 -20.80 21.60
C GLU D 451 16.97 -19.98 22.85
N GLY D 452 16.61 -20.64 23.93
CA GLY D 452 16.35 -19.94 25.18
C GLY D 452 15.14 -19.04 25.18
N ILE D 453 14.08 -19.49 24.52
CA ILE D 453 12.83 -18.73 24.44
C ILE D 453 11.76 -19.49 25.20
N VAL D 454 11.12 -18.80 26.13
CA VAL D 454 10.12 -19.38 27.04
C VAL D 454 8.75 -19.50 26.35
N ILE D 455 8.02 -20.57 26.65
CA ILE D 455 6.73 -20.82 26.04
C ILE D 455 5.62 -21.06 27.06
N ILE D 456 4.46 -20.45 26.80
CA ILE D 456 3.22 -20.83 27.46
C ILE D 456 2.49 -21.75 26.48
N ASP D 457 2.27 -23.00 26.87
CA ASP D 457 1.73 -24.01 25.97
C ASP D 457 0.21 -24.12 26.15
N GLU D 458 -0.54 -23.93 25.07
CA GLU D 458 -2.00 -23.79 25.13
C GLU D 458 -2.77 -24.80 24.29
N VAL D 459 -3.86 -25.36 24.84
CA VAL D 459 -4.72 -26.29 24.09
C VAL D 459 -5.73 -25.56 23.21
N PRO D 460 -6.33 -26.25 22.23
CA PRO D 460 -7.25 -25.55 21.30
C PRO D 460 -8.64 -25.25 21.86
N ALA D 461 -8.74 -24.97 23.17
CA ALA D 461 -10.02 -24.70 23.80
C ALA D 461 -10.36 -23.21 23.67
N VAL D 462 -10.67 -22.83 22.45
CA VAL D 462 -10.94 -21.45 22.11
C VAL D 462 -12.34 -21.40 21.49
N GLY D 463 -13.08 -20.35 21.80
CA GLY D 463 -14.45 -20.20 21.32
C GLY D 463 -15.50 -20.77 22.28
N MET D 464 -15.10 -21.13 23.50
CA MET D 464 -16.01 -21.83 24.41
C MET D 464 -16.96 -20.92 25.16
N SER D 465 -18.19 -21.39 25.39
CA SER D 465 -19.11 -20.67 26.26
C SER D 465 -20.00 -21.69 26.95
N TRP D 466 -21.07 -21.21 27.56
CA TRP D 466 -21.90 -22.07 28.39
C TRP D 466 -22.54 -23.19 27.60
N LEU D 467 -22.73 -22.98 26.30
CA LEU D 467 -23.25 -24.05 25.43
C LEU D 467 -22.35 -25.29 25.47
N GLN D 468 -21.05 -25.07 25.56
CA GLN D 468 -20.08 -26.17 25.63
C GLN D 468 -19.94 -26.86 26.98
N TYR D 469 -20.11 -26.11 28.07
CA TYR D 469 -19.77 -26.63 29.40
C TYR D 469 -20.65 -27.79 29.81
N ALA D 470 -21.82 -27.89 29.20
CA ALA D 470 -22.74 -28.98 29.51
C ALA D 470 -22.62 -30.17 28.55
N ASN D 471 -21.73 -30.08 27.58
CA ASN D 471 -21.60 -31.07 26.52
C ASN D 471 -20.49 -32.10 26.84
N PRO D 472 -20.87 -33.36 27.14
CA PRO D 472 -19.84 -34.34 27.52
C PRO D 472 -18.81 -34.64 26.44
N LEU D 473 -19.20 -34.55 25.17
CA LEU D 473 -18.22 -34.79 24.12
C LEU D 473 -17.15 -33.69 24.13
N VAL D 474 -17.56 -32.44 24.35
CA VAL D 474 -16.60 -31.34 24.46
C VAL D 474 -15.66 -31.53 25.64
N ALA D 475 -16.22 -31.92 26.79
CA ALA D 475 -15.38 -32.12 27.96
C ALA D 475 -14.34 -33.21 27.74
N GLU D 476 -14.75 -34.30 27.09
CA GLU D 476 -13.80 -35.37 26.83
C GLU D 476 -12.71 -34.91 25.88
N ARG D 477 -13.10 -34.19 24.84
CA ARG D 477 -12.11 -33.65 23.91
C ARG D 477 -11.16 -32.67 24.60
N HIS D 478 -11.67 -31.93 25.60
CA HIS D 478 -10.85 -30.96 26.34
C HIS D 478 -9.85 -31.69 27.21
N ARG D 479 -10.31 -32.71 27.93
CA ARG D 479 -9.41 -33.52 28.74
C ARG D 479 -8.37 -34.21 27.84
N GLU D 480 -8.79 -34.70 26.68
CA GLU D 480 -7.86 -35.32 25.74
C GLU D 480 -6.77 -34.33 25.29
N ALA D 481 -7.16 -33.11 24.98
CA ALA D 481 -6.19 -32.12 24.53
C ALA D 481 -5.19 -31.78 25.66
N ILE D 482 -5.67 -31.64 26.90
CA ILE D 482 -4.77 -31.31 28.00
C ILE D 482 -3.79 -32.46 28.25
N ARG D 483 -4.32 -33.67 28.37
CA ARG D 483 -3.44 -34.82 28.58
C ARG D 483 -2.49 -35.00 27.40
N GLY D 484 -3.00 -34.83 26.18
CA GLY D 484 -2.19 -35.05 25.00
C GLY D 484 -1.10 -34.01 24.86
N MET D 485 -1.43 -32.73 25.10
CA MET D 485 -0.42 -31.69 25.03
C MET D 485 0.72 -31.95 26.05
N ILE D 486 0.33 -32.24 27.29
CA ILE D 486 1.32 -32.37 28.33
C ILE D 486 2.14 -33.64 28.14
N ALA D 487 1.50 -34.72 27.69
CA ALA D 487 2.26 -35.94 27.41
C ALA D 487 3.28 -35.71 26.31
N ARG D 488 2.90 -34.92 25.29
CA ARG D 488 3.80 -34.66 24.17
C ARG D 488 4.92 -33.72 24.58
N ASP D 489 4.59 -32.72 25.41
CA ASP D 489 5.49 -31.56 25.58
C ASP D 489 6.20 -31.47 26.94
N LYS D 490 5.95 -32.45 27.80
CA LYS D 490 6.41 -32.35 29.19
C LYS D 490 7.92 -32.18 29.36
N ASN D 491 8.72 -32.66 28.42
CA ASN D 491 10.16 -32.63 28.66
C ASN D 491 10.86 -31.34 28.24
N HIS D 492 10.14 -30.41 27.60
CA HIS D 492 10.76 -29.16 27.14
C HIS D 492 11.04 -28.21 28.30
N PRO D 493 12.31 -27.83 28.48
CA PRO D 493 12.54 -26.83 29.53
C PRO D 493 11.96 -25.47 29.16
N CYS D 494 11.78 -25.20 27.87
CA CYS D 494 11.31 -23.87 27.49
C CYS D 494 9.87 -23.64 27.93
N ILE D 495 9.10 -24.72 28.17
CA ILE D 495 7.72 -24.54 28.60
C ILE D 495 7.68 -24.27 30.10
N VAL D 496 7.11 -23.12 30.48
CA VAL D 496 7.08 -22.76 31.90
C VAL D 496 5.67 -22.72 32.48
N MET D 497 4.65 -22.82 31.63
CA MET D 497 3.28 -22.66 32.08
C MET D 497 2.33 -23.26 31.04
N TRP D 498 1.23 -23.85 31.51
CA TRP D 498 0.17 -24.40 30.65
C TRP D 498 -1.03 -23.48 30.63
N SER D 499 -1.64 -23.31 29.46
CA SER D 499 -2.91 -22.60 29.37
C SER D 499 -4.03 -23.55 28.98
N ILE D 500 -5.09 -23.60 29.79
CA ILE D 500 -6.14 -24.57 29.54
C ILE D 500 -7.28 -24.04 28.63
N ALA D 501 -7.24 -22.76 28.27
CA ALA D 501 -8.28 -22.21 27.38
C ALA D 501 -7.89 -20.79 27.00
N ASN D 502 -8.47 -20.30 25.89
CA ASN D 502 -8.37 -18.90 25.52
C ASN D 502 -9.74 -18.29 25.37
N ALA D 503 -9.99 -17.21 26.13
CA ALA D 503 -11.19 -16.38 26.00
C ALA D 503 -12.53 -17.11 26.12
N PRO D 504 -12.64 -18.06 27.08
CA PRO D 504 -13.98 -18.64 27.27
C PRO D 504 -14.90 -17.69 28.03
N GLY D 505 -16.20 -17.95 27.98
CA GLY D 505 -17.14 -17.17 28.76
C GLY D 505 -17.04 -17.53 30.25
N LEU D 506 -16.77 -16.52 31.08
CA LEU D 506 -16.55 -16.76 32.51
C LEU D 506 -17.40 -15.87 33.41
N ASP D 507 -17.92 -14.77 32.90
CA ASP D 507 -18.54 -13.76 33.75
C ASP D 507 -20.06 -13.75 33.62
N GLY D 508 -20.71 -12.79 34.24
CA GLY D 508 -22.15 -12.67 34.07
C GLY D 508 -22.92 -12.79 35.36
N ASP D 509 -24.21 -13.06 35.23
CA ASP D 509 -25.04 -13.13 36.43
C ASP D 509 -25.64 -14.52 36.61
N GLY D 510 -26.47 -14.65 37.64
CA GLY D 510 -27.09 -15.92 37.96
C GLY D 510 -26.04 -16.98 38.16
N GLU D 511 -26.28 -18.16 37.58
CA GLU D 511 -25.41 -19.31 37.77
C GLU D 511 -24.23 -19.35 36.80
N ARG D 512 -24.18 -18.43 35.85
CA ARG D 512 -23.18 -18.54 34.79
C ARG D 512 -21.73 -18.56 35.29
N PRO D 513 -21.37 -17.63 36.20
CA PRO D 513 -19.97 -17.70 36.65
C PRO D 513 -19.60 -19.00 37.35
N ARG D 514 -20.50 -19.54 38.16
CA ARG D 514 -20.25 -20.80 38.86
C ARG D 514 -20.20 -21.97 37.90
N GLN D 515 -21.05 -21.95 36.88
CA GLN D 515 -21.02 -22.98 35.87
C GLN D 515 -19.68 -23.02 35.17
N ALA D 516 -19.13 -21.85 34.86
CA ALA D 516 -17.83 -21.79 34.22
C ALA D 516 -16.73 -22.30 35.16
N TYR D 517 -16.78 -21.87 36.41
CA TYR D 517 -15.81 -22.35 37.39
C TYR D 517 -15.85 -23.87 37.53
N ASP D 518 -17.06 -24.42 37.62
CA ASP D 518 -17.22 -25.87 37.80
C ASP D 518 -16.71 -26.65 36.59
N TYR D 519 -16.75 -26.02 35.41
CA TYR D 519 -16.22 -26.67 34.21
C TYR D 519 -14.69 -26.62 34.20
N PHE D 520 -14.13 -25.46 34.52
CA PHE D 520 -12.70 -25.26 34.35
C PHE D 520 -11.84 -25.76 35.51
N ARG D 521 -12.36 -25.74 36.74
CA ARG D 521 -11.52 -26.14 37.89
C ARG D 521 -10.97 -27.58 37.78
N PRO D 522 -11.80 -28.56 37.34
CA PRO D 522 -11.25 -29.91 37.16
C PRO D 522 -10.18 -29.99 36.09
N LEU D 523 -10.24 -29.08 35.12
CA LEU D 523 -9.24 -29.06 34.05
C LEU D 523 -7.94 -28.43 34.54
N TYR D 524 -8.05 -27.42 35.39
CA TYR D 524 -6.89 -26.89 36.09
C TYR D 524 -6.19 -27.99 36.90
N GLU D 525 -6.98 -28.75 37.63
CA GLU D 525 -6.43 -29.82 38.47
C GLU D 525 -5.81 -30.90 37.57
N LEU D 526 -6.45 -31.17 36.44
CA LEU D 526 -5.94 -32.17 35.50
C LEU D 526 -4.59 -31.78 34.91
N ALA D 527 -4.42 -30.50 34.56
CA ALA D 527 -3.13 -30.04 34.07
C ALA D 527 -2.05 -30.17 35.14
N HIS D 528 -2.39 -29.89 36.39
CA HIS D 528 -1.42 -30.12 37.45
C HIS D 528 -1.09 -31.60 37.65
N ALA D 529 -2.10 -32.47 37.57
CA ALA D 529 -1.89 -33.91 37.81
C ALA D 529 -1.08 -34.56 36.69
N SER D 530 -1.21 -34.00 35.48
CA SER D 530 -0.59 -34.60 34.28
C SER D 530 0.88 -34.24 34.12
N ASP D 531 1.26 -33.06 34.61
CA ASP D 531 2.63 -32.59 34.41
C ASP D 531 3.54 -33.05 35.53
N PRO D 532 4.53 -33.91 35.21
CA PRO D 532 5.41 -34.33 36.30
C PRO D 532 6.24 -33.17 36.89
N GLN D 533 6.42 -32.09 36.13
CA GLN D 533 7.14 -30.93 36.63
C GLN D 533 6.26 -30.01 37.46
N ASN D 534 4.95 -30.23 37.42
CA ASN D 534 3.99 -29.45 38.19
C ASN D 534 4.14 -27.93 37.96
N ARG D 535 4.24 -27.54 36.70
CA ARG D 535 4.33 -26.13 36.31
C ARG D 535 3.03 -25.38 36.59
N PRO D 536 3.11 -24.04 36.69
CA PRO D 536 1.91 -23.24 36.86
C PRO D 536 0.89 -23.46 35.72
N VAL D 537 -0.38 -23.28 36.06
CA VAL D 537 -1.46 -23.42 35.09
C VAL D 537 -2.28 -22.16 35.07
N THR D 538 -2.58 -21.67 33.87
CA THR D 538 -3.43 -20.50 33.70
C THR D 538 -4.58 -20.78 32.75
N LEU D 539 -5.43 -19.77 32.58
CA LEU D 539 -6.54 -19.77 31.66
C LEU D 539 -6.48 -18.36 31.10
N VAL D 540 -6.38 -18.23 29.78
CA VAL D 540 -6.20 -16.89 29.22
C VAL D 540 -7.57 -16.22 29.09
N CYS D 541 -7.73 -15.09 29.76
CA CYS D 541 -9.05 -14.48 29.94
C CYS D 541 -9.36 -13.38 28.91
N CYS D 542 -10.54 -13.46 28.31
CA CYS D 542 -11.07 -12.43 27.39
C CYS D 542 -11.37 -11.17 28.17
N GLN D 543 -11.34 -10.00 27.53
CA GLN D 543 -11.89 -8.79 28.14
C GLN D 543 -13.30 -9.05 28.65
N ASN D 544 -13.53 -8.86 29.94
CA ASN D 544 -14.84 -9.19 30.49
C ASN D 544 -15.15 -8.39 31.74
N ASP D 545 -16.28 -8.68 32.36
CA ASP D 545 -16.56 -8.08 33.64
C ASP D 545 -15.78 -8.84 34.72
N TYR D 546 -14.59 -8.34 35.02
CA TYR D 546 -13.69 -9.01 35.96
C TYR D 546 -14.32 -9.11 37.35
N THR D 547 -15.34 -8.31 37.64
CA THR D 547 -15.94 -8.38 38.98
C THR D 547 -16.91 -9.55 39.13
N THR D 548 -17.41 -10.11 38.04
CA THR D 548 -18.33 -11.27 38.17
C THR D 548 -17.70 -12.58 37.68
N ASP D 549 -16.59 -12.49 36.97
CA ASP D 549 -15.71 -13.63 36.69
C ASP D 549 -15.15 -14.17 38.02
N ILE D 550 -15.44 -15.43 38.37
CA ILE D 550 -14.87 -16.01 39.59
C ILE D 550 -13.83 -17.11 39.30
N THR D 551 -13.46 -17.29 38.02
CA THR D 551 -12.56 -18.38 37.62
C THR D 551 -11.13 -17.88 37.38
N GLU D 552 -10.97 -16.77 36.68
CA GLU D 552 -9.62 -16.32 36.33
C GLU D 552 -8.75 -16.08 37.54
N ARG D 553 -9.33 -15.46 38.56
CA ARG D 553 -8.54 -15.12 39.74
C ARG D 553 -8.04 -16.33 40.53
N THR D 554 -8.50 -17.53 40.18
CA THR D 554 -8.04 -18.75 40.89
C THR D 554 -6.89 -19.46 40.18
N MET D 555 -6.47 -18.92 39.02
CA MET D 555 -5.38 -19.52 38.26
C MET D 555 -4.02 -19.22 38.95
N ASP D 556 -2.96 -19.91 38.55
CA ASP D 556 -1.67 -19.73 39.22
C ASP D 556 -1.04 -18.41 38.81
N VAL D 557 -1.22 -18.04 37.55
CA VAL D 557 -0.87 -16.72 37.03
C VAL D 557 -2.12 -16.23 36.36
N VAL D 558 -2.44 -14.96 36.59
CA VAL D 558 -3.57 -14.32 35.92
C VAL D 558 -3.08 -13.81 34.56
N CYS D 559 -3.69 -14.32 33.49
CA CYS D 559 -3.33 -13.97 32.12
C CYS D 559 -4.50 -13.29 31.47
N ILE D 560 -4.35 -12.01 31.15
CA ILE D 560 -5.48 -11.24 30.65
C ILE D 560 -5.26 -10.69 29.25
N ASN D 561 -6.33 -10.80 28.46
CA ASN D 561 -6.43 -10.18 27.14
C ASN D 561 -7.23 -8.90 27.30
N ARG D 562 -6.64 -7.75 27.00
CA ARG D 562 -7.36 -6.49 27.17
C ARG D 562 -7.13 -5.58 25.98
N TYR D 563 -8.19 -4.92 25.55
CA TYR D 563 -8.12 -4.06 24.37
C TYR D 563 -8.72 -2.69 24.68
N TYR D 564 -8.43 -2.16 25.87
CA TYR D 564 -8.80 -0.78 26.20
C TYR D 564 -8.23 0.16 25.13
N GLY D 565 -9.07 1.03 24.59
CA GLY D 565 -8.63 1.96 23.56
C GLY D 565 -8.77 1.45 22.13
N TRP D 566 -9.03 0.13 21.97
CA TRP D 566 -9.26 -0.44 20.64
C TRP D 566 -10.72 -0.85 20.49
N TYR D 567 -11.15 -1.89 21.21
CA TYR D 567 -12.53 -2.34 21.10
C TYR D 567 -13.46 -1.52 21.99
N ASN D 568 -12.91 -0.72 22.86
CA ASN D 568 -13.72 0.18 23.67
C ASN D 568 -12.92 1.47 23.83
N LEU D 569 -13.56 2.56 24.23
CA LEU D 569 -12.90 3.85 24.40
C LEU D 569 -12.05 4.13 23.16
N SER D 570 -12.60 3.82 21.99
CA SER D 570 -11.78 3.67 20.80
C SER D 570 -11.01 4.93 20.44
N GLY D 571 -9.70 4.79 20.37
CA GLY D 571 -8.83 5.86 19.91
C GLY D 571 -8.48 6.84 20.99
N ASP D 572 -9.05 6.67 22.17
CA ASP D 572 -8.83 7.63 23.26
C ASP D 572 -7.84 7.04 24.28
N LEU D 573 -6.55 7.32 24.11
CA LEU D 573 -5.55 6.64 24.93
C LEU D 573 -5.58 7.12 26.38
N ASP D 574 -5.94 8.39 26.62
CA ASP D 574 -6.10 8.83 28.02
C ASP D 574 -7.19 8.02 28.72
N ALA D 575 -8.35 7.89 28.09
CA ALA D 575 -9.43 7.10 28.71
C ALA D 575 -9.05 5.63 28.83
N ALA D 576 -8.39 5.10 27.81
CA ALA D 576 -7.98 3.70 27.83
C ALA D 576 -7.07 3.44 29.02
N CYS D 577 -6.11 4.35 29.25
CA CYS D 577 -5.20 4.16 30.38
C CYS D 577 -5.91 4.32 31.72
N HIS D 578 -6.89 5.23 31.80
CA HIS D 578 -7.68 5.38 33.02
C HIS D 578 -8.45 4.10 33.32
N ALA D 579 -9.10 3.55 32.30
CA ALA D 579 -9.87 2.29 32.48
C ALA D 579 -8.92 1.15 32.85
N LEU D 580 -7.80 1.04 32.13
CA LEU D 580 -6.83 -0.01 32.49
C LEU D 580 -6.43 0.12 33.96
N ASN D 581 -6.14 1.34 34.42
CA ASN D 581 -5.71 1.51 35.81
C ASN D 581 -6.80 1.14 36.81
N ILE D 582 -8.08 1.37 36.47
CA ILE D 582 -9.16 0.92 37.34
C ILE D 582 -9.15 -0.60 37.46
N GLU D 583 -8.97 -1.30 36.33
CA GLU D 583 -8.91 -2.75 36.42
C GLU D 583 -7.61 -3.23 37.09
N LEU D 584 -6.50 -2.54 36.85
CA LEU D 584 -5.28 -2.90 37.57
C LEU D 584 -5.47 -2.76 39.08
N ASP D 585 -6.23 -1.75 39.52
CA ASP D 585 -6.46 -1.60 40.97
C ASP D 585 -7.19 -2.84 41.54
N PHE D 586 -8.13 -3.39 40.76
CA PHE D 586 -8.82 -4.62 41.11
C PHE D 586 -7.82 -5.79 41.26
N TRP D 587 -6.94 -5.97 40.29
CA TRP D 587 -5.97 -7.08 40.36
C TRP D 587 -4.92 -6.89 41.44
N GLU D 588 -4.62 -5.64 41.78
CA GLU D 588 -3.66 -5.37 42.85
C GLU D 588 -4.19 -5.99 44.15
N ASN D 589 -5.50 -5.89 44.37
CA ASN D 589 -6.12 -6.46 45.57
C ASN D 589 -6.19 -7.97 45.61
N ILE D 590 -6.25 -8.58 44.44
CA ILE D 590 -6.37 -10.02 44.31
C ILE D 590 -5.08 -10.71 44.78
N GLY D 591 -3.94 -10.06 44.53
CA GLY D 591 -2.66 -10.51 45.07
C GLY D 591 -1.96 -11.65 44.36
N LYS D 592 -2.31 -11.86 43.09
CA LYS D 592 -1.61 -12.82 42.24
C LYS D 592 -0.70 -12.14 41.23
N PRO D 593 0.27 -12.91 40.66
CA PRO D 593 1.01 -12.32 39.55
C PRO D 593 0.08 -12.19 38.34
N VAL D 594 0.21 -11.09 37.60
CA VAL D 594 -0.67 -10.79 36.48
C VAL D 594 0.19 -10.44 35.29
N MET D 595 -0.20 -10.90 34.10
CA MET D 595 0.45 -10.46 32.86
C MET D 595 -0.56 -10.29 31.75
N PHE D 596 -0.21 -9.43 30.80
CA PHE D 596 -0.92 -9.41 29.52
C PHE D 596 -0.56 -10.61 28.70
N THR D 597 -1.58 -11.23 28.11
CA THR D 597 -1.33 -12.21 27.04
C THR D 597 -1.85 -11.71 25.68
N GLU D 598 -2.69 -10.66 25.67
CA GLU D 598 -3.05 -9.96 24.41
C GLU D 598 -3.35 -8.52 24.71
N TYR D 599 -2.92 -7.63 23.80
CA TYR D 599 -3.36 -6.24 23.73
C TYR D 599 -2.73 -5.69 22.46
N GLY D 600 -3.46 -4.86 21.75
CA GLY D 600 -2.95 -4.35 20.48
C GLY D 600 -4.00 -3.65 19.65
N ALA D 601 -3.65 -3.37 18.40
CA ALA D 601 -4.43 -2.48 17.56
C ALA D 601 -4.20 -2.90 16.10
N ASP D 602 -5.26 -3.12 15.32
CA ASP D 602 -5.04 -3.44 13.90
C ASP D 602 -4.34 -2.28 13.21
N THR D 603 -3.37 -2.63 12.37
CA THR D 603 -2.45 -1.66 11.81
C THR D 603 -2.11 -2.03 10.40
N ILE D 604 -2.43 -1.15 9.44
CA ILE D 604 -2.07 -1.41 8.06
C ILE D 604 -0.74 -0.74 7.76
N GLU D 605 0.29 -1.52 7.47
CA GLU D 605 1.61 -0.95 7.20
C GLU D 605 1.46 0.07 6.07
N GLY D 606 2.12 1.22 6.24
CA GLY D 606 2.04 2.26 5.27
C GLY D 606 0.98 3.32 5.50
N ILE D 607 0.02 3.06 6.40
CA ILE D 607 -0.92 4.11 6.79
C ILE D 607 -0.26 4.92 7.89
N HIS D 608 -0.12 6.23 7.66
CA HIS D 608 0.61 7.10 8.58
C HIS D 608 -0.18 8.35 8.89
N GLY D 609 0.04 8.88 10.08
CA GLY D 609 -0.52 10.17 10.43
C GLY D 609 0.34 10.89 11.44
N THR D 610 0.36 12.22 11.38
CA THR D 610 1.09 12.99 12.38
C THR D 610 0.46 12.84 13.76
N HIS D 611 -0.85 12.68 13.81
CA HIS D 611 -1.54 12.34 15.04
C HIS D 611 -2.28 11.04 14.75
N GLY D 612 -1.58 9.94 15.00
CA GLY D 612 -2.00 8.63 14.53
C GLY D 612 -3.37 8.20 14.99
N GLU D 613 -4.23 7.88 14.04
CA GLU D 613 -5.54 7.34 14.36
C GLU D 613 -5.57 5.84 14.15
N MET D 614 -6.63 5.19 14.63
CA MET D 614 -6.74 3.74 14.50
C MET D 614 -6.49 3.28 13.06
N PHE D 615 -5.64 2.25 12.95
CA PHE D 615 -5.13 1.57 11.74
C PHE D 615 -3.83 2.19 11.26
N SER D 616 -3.42 3.34 11.80
CA SER D 616 -2.09 3.87 11.41
C SER D 616 -0.96 3.18 12.17
N GLU D 617 0.23 3.23 11.57
CA GLU D 617 1.42 2.72 12.26
C GLU D 617 1.69 3.50 13.55
N GLU D 618 1.44 4.81 13.52
CA GLU D 618 1.72 5.65 14.68
C GLU D 618 0.80 5.29 15.83
N PHE D 619 -0.48 5.07 15.53
CA PHE D 619 -1.39 4.73 16.63
C PHE D 619 -0.94 3.44 17.34
N GLN D 620 -0.49 2.45 16.57
CA GLN D 620 -0.07 1.20 17.17
C GLN D 620 1.13 1.43 18.11
N ARG D 621 2.09 2.22 17.64
CA ARG D 621 3.24 2.56 18.46
C ARG D 621 2.80 3.33 19.72
N ASP D 622 1.91 4.31 19.53
CA ASP D 622 1.47 5.14 20.65
C ASP D 622 0.71 4.29 21.68
N TYR D 623 -0.06 3.33 21.16
CA TYR D 623 -0.85 2.42 21.99
C TYR D 623 0.06 1.69 22.98
N TYR D 624 1.12 1.06 22.47
CA TYR D 624 2.01 0.34 23.35
C TYR D 624 2.79 1.29 24.26
N ALA D 625 3.20 2.45 23.75
CA ALA D 625 3.93 3.39 24.59
C ALA D 625 3.07 3.81 25.80
N ARG D 626 1.79 4.10 25.57
CA ARG D 626 0.94 4.54 26.67
C ARG D 626 0.59 3.38 27.61
N ILE D 627 0.15 2.24 27.07
CA ILE D 627 -0.27 1.15 27.96
C ILE D 627 0.92 0.63 28.79
N ASN D 628 2.09 0.49 28.16
CA ASN D 628 3.24 -0.09 28.86
C ASN D 628 3.74 0.83 29.97
N ALA D 629 3.59 2.13 29.78
CA ALA D 629 3.96 3.07 30.86
C ALA D 629 3.10 2.82 32.10
N GLU D 630 1.85 2.39 31.91
CA GLU D 630 0.99 2.13 33.07
C GLU D 630 1.35 0.84 33.79
N ILE D 631 1.62 -0.22 33.05
CA ILE D 631 1.92 -1.48 33.73
C ILE D 631 3.31 -1.44 34.38
N ASP D 632 4.20 -0.56 33.90
CA ASP D 632 5.51 -0.41 34.55
C ASP D 632 5.37 0.04 36.00
N LYS D 633 4.26 0.69 36.35
CA LYS D 633 4.06 1.21 37.71
C LYS D 633 3.59 0.14 38.71
N ARG D 634 3.31 -1.07 38.20
CA ARG D 634 2.74 -2.13 39.05
C ARG D 634 3.75 -3.27 39.30
N PRO D 635 4.24 -3.43 40.54
CA PRO D 635 5.31 -4.40 40.75
C PRO D 635 4.85 -5.84 40.54
N TRP D 636 3.56 -6.07 40.65
CA TRP D 636 2.99 -7.40 40.60
C TRP D 636 2.62 -7.80 39.18
N PHE D 637 2.88 -6.90 38.23
CA PHE D 637 2.55 -7.16 36.83
C PHE D 637 3.81 -7.72 36.18
N ILE D 638 3.82 -9.03 35.91
CA ILE D 638 5.07 -9.76 35.62
C ILE D 638 5.30 -10.11 34.16
N GLY D 639 4.52 -9.53 33.25
CA GLY D 639 4.81 -9.83 31.87
C GLY D 639 3.94 -9.08 30.93
N GLU D 640 4.49 -8.91 29.73
CA GLU D 640 3.76 -8.26 28.66
C GLU D 640 3.88 -9.11 27.39
N GLN D 641 2.84 -9.86 27.09
CA GLN D 641 2.74 -10.52 25.79
C GLN D 641 1.62 -9.84 25.02
N LEU D 642 2.00 -9.23 23.90
CA LEU D 642 1.04 -8.47 23.11
C LEU D 642 0.34 -9.36 22.06
N TRP D 643 -0.67 -8.82 21.39
CA TRP D 643 -1.30 -9.49 20.25
C TRP D 643 -1.05 -8.60 19.04
N ASN D 644 -0.41 -9.08 17.96
CA ASN D 644 0.17 -10.42 17.78
C ASN D 644 1.59 -10.23 17.27
N PHE D 645 2.41 -11.27 17.32
CA PHE D 645 3.68 -11.28 16.61
C PHE D 645 3.56 -10.83 15.13
N ALA D 646 2.61 -11.41 14.40
CA ALA D 646 2.48 -11.12 12.97
C ALA D 646 1.05 -11.23 12.47
N ASP D 647 0.72 -10.40 11.47
CA ASP D 647 -0.61 -10.46 10.86
C ASP D 647 -0.91 -11.88 10.39
N PHE D 648 -2.16 -12.31 10.52
CA PHE D 648 -2.52 -13.71 10.19
C PHE D 648 -3.94 -13.78 9.61
N ALA D 649 -4.26 -14.89 8.95
CA ALA D 649 -5.53 -15.04 8.25
C ALA D 649 -6.69 -15.36 9.20
N THR D 650 -7.85 -14.81 8.87
CA THR D 650 -9.08 -15.08 9.59
C THR D 650 -10.20 -15.35 8.60
N PHE D 651 -11.32 -15.82 9.12
CA PHE D 651 -12.57 -15.79 8.34
C PHE D 651 -12.84 -14.34 7.88
N GLN D 652 -13.41 -14.17 6.70
CA GLN D 652 -13.60 -12.81 6.22
C GLN D 652 -14.74 -12.09 6.98
N GLY D 653 -14.59 -10.77 7.15
CA GLY D 653 -15.63 -10.00 7.81
C GLY D 653 -15.28 -8.53 7.84
N ILE D 654 -16.21 -7.71 8.32
CA ILE D 654 -16.05 -6.26 8.18
C ILE D 654 -14.97 -5.68 9.11
N ILE D 655 -14.47 -6.44 10.10
CA ILE D 655 -13.39 -5.88 10.90
C ILE D 655 -12.03 -6.52 10.63
N ARG D 656 -11.95 -7.32 9.59
CA ARG D 656 -10.68 -8.05 9.30
C ARG D 656 -10.19 -7.67 7.91
N VAL D 657 -9.20 -6.80 7.87
CA VAL D 657 -8.68 -6.31 6.59
C VAL D 657 -7.64 -7.28 6.08
N GLU D 658 -8.10 -8.24 5.28
CA GLU D 658 -7.27 -9.37 4.91
C GLU D 658 -6.68 -10.02 6.17
N GLY D 659 -7.56 -10.38 7.08
CA GLY D 659 -7.18 -11.07 8.29
C GLY D 659 -7.03 -10.13 9.45
N ASN D 660 -6.34 -10.61 10.48
CA ASN D 660 -6.09 -9.87 11.69
C ASN D 660 -4.81 -9.07 11.48
N ARG D 661 -4.88 -7.76 11.69
CA ARG D 661 -3.73 -6.89 11.38
C ARG D 661 -3.13 -6.30 12.65
N LYS D 662 -3.31 -6.98 13.79
CA LYS D 662 -2.68 -6.53 15.03
C LYS D 662 -1.21 -6.97 15.14
N GLY D 663 -0.70 -7.64 14.12
CA GLY D 663 0.72 -7.97 14.13
C GLY D 663 1.60 -6.74 14.28
N ILE D 664 2.67 -6.89 15.08
CA ILE D 664 3.71 -5.87 15.05
C ILE D 664 4.61 -6.08 13.83
N LEU D 665 4.58 -7.29 13.27
CA LEU D 665 5.16 -7.57 11.96
C LEU D 665 4.03 -7.82 10.97
N THR D 666 4.30 -7.56 9.68
CA THR D 666 3.36 -7.97 8.64
C THR D 666 3.34 -9.50 8.50
N ARG D 667 2.41 -10.02 7.72
CA ARG D 667 2.37 -11.46 7.50
C ARG D 667 3.66 -11.97 6.85
N ASP D 668 4.36 -11.10 6.12
CA ASP D 668 5.65 -11.47 5.51
C ASP D 668 6.82 -11.15 6.46
N ARG D 669 6.50 -10.94 7.74
CA ARG D 669 7.48 -10.76 8.83
C ARG D 669 8.29 -9.47 8.72
N GLN D 670 7.68 -8.44 8.17
CA GLN D 670 8.35 -7.13 8.04
C GLN D 670 7.90 -6.22 9.18
N PRO D 671 8.83 -5.42 9.74
CA PRO D 671 8.50 -4.70 10.99
C PRO D 671 7.72 -3.40 10.79
N LYS D 672 6.60 -3.27 11.47
CA LYS D 672 5.88 -1.99 11.50
C LYS D 672 6.57 -1.05 12.49
N MET D 673 6.19 0.24 12.50
CA MET D 673 6.77 1.20 13.44
C MET D 673 6.80 0.67 14.87
N ALA D 674 5.71 0.08 15.33
CA ALA D 674 5.61 -0.41 16.70
C ALA D 674 6.66 -1.47 16.99
N ALA D 675 6.99 -2.30 16.01
CA ALA D 675 8.01 -3.33 16.24
C ALA D 675 9.36 -2.69 16.59
N HIS D 676 9.71 -1.61 15.89
CA HIS D 676 10.97 -0.92 16.21
C HIS D 676 10.92 -0.31 17.60
N TRP D 677 9.77 0.28 17.95
CA TRP D 677 9.63 0.90 19.29
C TRP D 677 9.74 -0.17 20.39
N LEU D 678 9.05 -1.29 20.18
CA LEU D 678 9.11 -2.38 21.16
C LEU D 678 10.52 -2.98 21.27
N ARG D 679 11.20 -3.10 20.13
CA ARG D 679 12.59 -3.59 20.13
C ARG D 679 13.47 -2.74 21.04
N GLU D 680 13.32 -1.43 20.92
CA GLU D 680 14.10 -0.53 21.79
C GLU D 680 13.70 -0.64 23.26
N ARG D 681 12.40 -0.73 23.53
CA ARG D 681 11.95 -0.92 24.90
C ARG D 681 12.49 -2.24 25.50
N TRP D 682 12.30 -3.32 24.75
CA TRP D 682 12.67 -4.64 25.27
C TRP D 682 14.17 -4.81 25.41
N ALA D 683 14.94 -4.09 24.60
CA ALA D 683 16.39 -4.10 24.75
C ALA D 683 16.83 -3.65 26.13
N GLY D 684 16.04 -2.80 26.78
CA GLY D 684 16.41 -2.24 28.06
C GLY D 684 15.78 -2.93 29.25
N ILE D 685 15.04 -4.02 29.00
CA ILE D 685 14.39 -4.75 30.09
C ILE D 685 15.02 -6.12 30.26
N PRO D 686 15.58 -6.38 31.46
CA PRO D 686 16.27 -7.66 31.69
C PRO D 686 15.29 -8.84 31.88
N ASP D 687 15.72 -10.06 31.54
CA ASP D 687 14.86 -11.23 31.77
C ASP D 687 14.56 -11.42 33.26
N TYR D 688 15.57 -11.18 34.09
CA TYR D 688 15.42 -11.29 35.53
C TYR D 688 15.59 -9.96 36.23
N GLY D 689 14.76 -9.72 37.24
CA GLY D 689 14.96 -8.59 38.11
C GLY D 689 14.38 -7.26 37.68
N TYR D 690 13.58 -7.25 36.62
CA TYR D 690 12.96 -6.01 36.16
C TYR D 690 12.06 -5.46 37.26
N LYS D 691 11.35 -6.38 37.91
CA LYS D 691 10.54 -6.06 39.07
C LYS D 691 10.90 -6.94 40.26
#